data_1TW9
#
_entry.id   1TW9
#
_cell.length_a   72.678
_cell.length_b   74.034
_cell.length_c   88.573
_cell.angle_alpha   79.09
_cell.angle_beta   80.08
_cell.angle_gamma   81.55
#
_symmetry.space_group_name_H-M   'P 1'
#
loop_
_entity.id
_entity.type
_entity.pdbx_description
1 polymer 'glutathione S-transferase 2'
2 water water
#
_entity_poly.entity_id   1
_entity_poly.type   'polypeptide(L)'
_entity_poly.pdbx_seq_one_letter_code
;MVHYKLTYFNGRGAGECARQVFALADQKYEDVRLTQETFVPLKATFPFGQVPVLEVDGQQLAQSQAICRYLAKTFGFAGA
TPFESALIDSLADAYTDYRAEMKTYYYTALGFMTGDVDKPKTDVLLPARTKFLGFITKFLKKNSSGFLVGDKISWVDLLV
AEHVADMTNRVPEYIEGFPEVKAHMERIQQTPRIKKWIETRPETPF
;
_entity_poly.pdbx_strand_id   A,B,C,D,E,F,G,H
#
# COMPACT_ATOMS: atom_id res chain seq x y z
N MET A 1 27.19 36.83 -1.58
CA MET A 1 27.75 36.22 -2.84
C MET A 1 29.24 36.07 -2.81
N VAL A 2 29.73 35.01 -3.47
CA VAL A 2 31.18 34.78 -3.59
C VAL A 2 31.85 36.01 -4.19
N HIS A 3 32.95 36.44 -3.59
CA HIS A 3 33.61 37.61 -4.03
C HIS A 3 34.96 37.24 -4.65
N TYR A 4 35.19 37.69 -5.88
CA TYR A 4 36.43 37.42 -6.61
C TYR A 4 37.16 38.72 -6.88
N LYS A 5 38.46 38.75 -6.61
CA LYS A 5 39.26 39.87 -6.92
C LYS A 5 40.46 39.34 -7.65
N LEU A 6 40.75 39.88 -8.81
CA LEU A 6 41.94 39.49 -9.57
C LEU A 6 42.91 40.72 -9.58
N THR A 7 44.14 40.52 -9.13
CA THR A 7 45.13 41.62 -9.09
C THR A 7 46.25 41.23 -10.11
N TYR A 8 46.55 42.20 -10.99
CA TYR A 8 47.54 42.02 -12.02
C TYR A 8 47.99 43.42 -12.46
N PHE A 9 48.87 43.50 -13.44
CA PHE A 9 49.22 44.73 -14.07
C PHE A 9 48.16 45.18 -15.06
N ASN A 10 48.29 46.41 -15.54
CA ASN A 10 47.37 46.91 -16.56
C ASN A 10 47.79 46.40 -17.92
N GLY A 11 47.47 45.15 -18.12
CA GLY A 11 47.64 44.50 -19.36
C GLY A 11 47.00 43.15 -19.40
N ARG A 12 47.03 42.55 -20.57
CA ARG A 12 46.46 41.22 -20.80
C ARG A 12 47.40 40.25 -20.10
N GLY A 13 48.53 39.95 -20.73
CA GLY A 13 49.61 39.22 -20.09
C GLY A 13 49.16 37.95 -19.43
N ALA A 14 49.69 37.72 -18.23
CA ALA A 14 49.38 36.56 -17.42
C ALA A 14 48.04 36.57 -16.74
N GLY A 15 47.35 37.71 -16.74
CA GLY A 15 46.05 37.86 -16.08
C GLY A 15 44.87 37.53 -17.00
N GLU A 16 45.10 37.56 -18.31
CA GLU A 16 44.01 37.58 -19.27
C GLU A 16 43.21 36.29 -19.32
N CYS A 17 43.85 35.14 -19.20
CA CYS A 17 43.07 33.88 -19.32
C CYS A 17 42.07 33.84 -18.18
N ALA A 18 42.51 34.20 -16.99
CA ALA A 18 41.58 34.29 -15.87
C ALA A 18 40.37 35.21 -16.19
N ARG A 19 40.66 36.42 -16.71
CA ARG A 19 39.63 37.38 -17.06
C ARG A 19 38.70 36.81 -18.05
N GLN A 20 39.24 36.03 -19.00
CA GLN A 20 38.36 35.43 -19.98
C GLN A 20 37.51 34.24 -19.43
N VAL A 21 38.01 33.51 -18.43
CA VAL A 21 37.20 32.50 -17.75
C VAL A 21 36.03 33.19 -17.07
N PHE A 22 36.34 34.25 -16.37
CA PHE A 22 35.28 35.01 -15.71
C PHE A 22 34.23 35.47 -16.71
N ALA A 23 34.70 36.00 -17.85
CA ALA A 23 33.81 36.51 -18.90
C ALA A 23 32.94 35.37 -19.36
N LEU A 24 33.56 34.24 -19.70
CA LEU A 24 32.86 33.06 -20.20
C LEU A 24 31.77 32.57 -19.25
N ALA A 25 32.01 32.74 -17.96
CA ALA A 25 31.10 32.29 -16.88
C ALA A 25 30.07 33.35 -16.49
N ASP A 26 30.19 34.55 -17.04
CA ASP A 26 29.38 35.72 -16.66
C ASP A 26 29.47 35.94 -15.15
N GLN A 27 30.71 35.88 -14.70
CA GLN A 27 30.95 36.09 -13.30
C GLN A 27 31.58 37.46 -13.08
N LYS A 28 31.01 38.24 -12.18
CA LYS A 28 31.54 39.53 -11.86
C LYS A 28 32.75 39.36 -10.92
N TYR A 29 33.74 40.21 -11.09
CA TYR A 29 34.95 40.19 -10.26
C TYR A 29 35.55 41.57 -10.23
N GLU A 30 36.41 41.83 -9.25
CA GLU A 30 37.11 43.08 -9.16
C GLU A 30 38.41 42.93 -9.96
N ASP A 31 38.54 43.70 -11.06
CA ASP A 31 39.68 43.61 -11.96
C ASP A 31 40.65 44.73 -11.54
N VAL A 32 41.60 44.36 -10.69
CA VAL A 32 42.58 45.30 -10.12
C VAL A 32 43.85 45.33 -10.98
N ARG A 33 44.16 46.53 -11.49
CA ARG A 33 45.23 46.72 -12.44
C ARG A 33 46.19 47.72 -11.79
N LEU A 34 47.28 47.16 -11.30
CA LEU A 34 48.28 47.94 -10.60
C LEU A 34 49.25 48.61 -11.54
N THR A 35 49.75 49.78 -11.14
CA THR A 35 50.94 50.31 -11.74
C THR A 35 52.17 49.67 -11.06
N GLN A 36 53.32 49.76 -11.70
CA GLN A 36 54.56 49.31 -11.09
C GLN A 36 54.74 49.99 -9.74
N GLU A 37 54.34 51.25 -9.67
CA GLU A 37 54.51 52.04 -8.48
C GLU A 37 53.60 51.55 -7.35
N THR A 38 52.37 51.15 -7.65
CA THR A 38 51.53 50.64 -6.56
C THR A 38 51.84 49.18 -6.26
N PHE A 39 52.41 48.47 -7.22
CA PHE A 39 52.81 47.07 -7.01
C PHE A 39 53.92 46.94 -5.96
N VAL A 40 54.89 47.85 -6.00
CA VAL A 40 56.11 47.75 -5.16
C VAL A 40 55.83 47.50 -3.66
N PRO A 41 55.01 48.33 -3.00
CA PRO A 41 54.63 48.08 -1.61
C PRO A 41 53.73 46.87 -1.40
N LEU A 42 53.14 46.33 -2.48
CA LEU A 42 52.24 45.19 -2.35
C LEU A 42 52.99 43.86 -2.54
N LYS A 43 54.21 43.91 -3.10
CA LYS A 43 54.93 42.68 -3.48
C LYS A 43 55.06 41.66 -2.35
N ALA A 44 55.44 42.14 -1.17
CA ALA A 44 55.59 41.28 0.00
C ALA A 44 54.26 40.61 0.40
N THR A 45 53.10 41.11 -0.08
CA THR A 45 51.78 40.63 0.34
C THR A 45 51.32 39.48 -0.56
N PHE A 46 52.01 39.25 -1.66
CA PHE A 46 51.59 38.19 -2.62
C PHE A 46 52.36 36.91 -2.29
N PRO A 47 51.67 35.77 -2.47
CA PRO A 47 52.23 34.48 -2.07
C PRO A 47 53.65 34.18 -2.54
N PHE A 48 53.96 34.54 -3.77
CA PHE A 48 55.27 34.35 -4.30
C PHE A 48 55.88 35.64 -4.84
N GLY A 49 55.45 36.74 -4.26
CA GLY A 49 55.99 38.08 -4.65
C GLY A 49 55.62 38.56 -6.05
N GLN A 50 54.59 37.97 -6.63
CA GLN A 50 54.23 38.27 -8.01
C GLN A 50 52.73 38.33 -8.19
N VAL A 51 52.36 38.81 -9.37
CA VAL A 51 50.97 38.85 -9.80
C VAL A 51 50.91 38.06 -11.12
N PRO A 52 49.77 37.46 -11.45
CA PRO A 52 48.48 37.73 -10.89
C PRO A 52 48.23 36.97 -9.61
N VAL A 53 47.34 37.50 -8.81
CA VAL A 53 46.86 36.79 -7.64
C VAL A 53 45.36 36.97 -7.63
N LEU A 54 44.67 35.86 -7.36
CA LEU A 54 43.22 35.87 -7.19
C LEU A 54 42.93 35.85 -5.71
N GLU A 55 41.94 36.61 -5.25
CA GLU A 55 41.34 36.36 -3.97
C GLU A 55 39.94 35.82 -4.15
N VAL A 56 39.63 34.76 -3.42
CA VAL A 56 38.29 34.20 -3.37
C VAL A 56 37.79 34.39 -1.96
N ASP A 57 36.81 35.28 -1.76
CA ASP A 57 36.37 35.51 -0.38
C ASP A 57 37.55 35.87 0.55
N GLY A 58 38.52 36.61 0.00
CA GLY A 58 39.67 37.14 0.71
C GLY A 58 40.87 36.21 0.85
N GLN A 59 40.78 35.01 0.31
CA GLN A 59 41.85 34.01 0.39
C GLN A 59 42.63 34.06 -0.93
N GLN A 60 43.95 34.20 -0.82
CA GLN A 60 44.80 34.38 -2.01
C GLN A 60 45.17 33.06 -2.68
N LEU A 61 45.21 33.12 -3.99
CA LEU A 61 45.69 32.06 -4.83
C LEU A 61 46.52 32.68 -5.95
N ALA A 62 47.79 32.29 -5.99
CA ALA A 62 48.72 32.86 -6.96
C ALA A 62 48.94 31.87 -8.11
N GLN A 63 49.65 32.33 -9.12
CA GLN A 63 50.15 31.57 -10.25
C GLN A 63 49.06 31.44 -11.33
N SER A 64 49.36 32.03 -12.49
CA SER A 64 48.45 32.13 -13.63
C SER A 64 47.67 30.88 -13.94
N GLN A 65 48.38 29.80 -14.22
CA GLN A 65 47.68 28.60 -14.65
C GLN A 65 46.91 27.98 -13.46
N ALA A 66 47.39 28.13 -12.23
CA ALA A 66 46.66 27.58 -11.05
C ALA A 66 45.29 28.29 -10.87
N ILE A 67 45.35 29.58 -11.07
CA ILE A 67 44.20 30.46 -11.06
C ILE A 67 43.19 30.06 -12.16
N CYS A 68 43.66 29.93 -13.39
CA CYS A 68 42.78 29.63 -14.54
C CYS A 68 42.13 28.28 -14.33
N ARG A 69 42.92 27.27 -13.96
CA ARG A 69 42.38 25.90 -13.78
C ARG A 69 41.37 25.90 -12.66
N TYR A 70 41.66 26.59 -11.59
CA TYR A 70 40.70 26.70 -10.49
C TYR A 70 39.34 27.31 -10.92
N LEU A 71 39.42 28.48 -11.55
CA LEU A 71 38.25 29.18 -12.08
C LEU A 71 37.56 28.32 -13.08
N ALA A 72 38.33 27.67 -13.94
CA ALA A 72 37.72 26.80 -14.98
C ALA A 72 36.97 25.58 -14.44
N LYS A 73 37.48 25.00 -13.38
CA LYS A 73 36.80 23.91 -12.71
C LYS A 73 35.55 24.42 -11.98
N THR A 74 35.67 25.58 -11.38
CA THR A 74 34.56 26.18 -10.69
C THR A 74 33.38 26.31 -11.61
N PHE A 75 33.66 26.76 -12.84
CA PHE A 75 32.60 27.21 -13.78
C PHE A 75 32.27 26.24 -14.89
N GLY A 76 33.02 25.14 -14.98
CA GLY A 76 32.69 24.08 -15.93
C GLY A 76 33.46 24.10 -17.25
N PHE A 77 34.66 24.69 -17.26
CA PHE A 77 35.40 24.91 -18.47
C PHE A 77 36.74 24.14 -18.37
N ALA A 78 36.73 23.06 -17.63
CA ALA A 78 37.99 22.23 -17.49
C ALA A 78 37.75 20.77 -17.87
N GLY A 79 36.94 20.53 -18.87
CA GLY A 79 36.71 19.21 -19.37
C GLY A 79 35.62 18.48 -18.62
N ALA A 80 35.17 17.38 -19.21
CA ALA A 80 34.05 16.60 -18.70
C ALA A 80 34.40 15.46 -17.79
N THR A 81 35.66 14.97 -17.88
CA THR A 81 36.13 13.90 -17.09
C THR A 81 37.51 14.26 -16.54
N PRO A 82 37.97 13.49 -15.55
CA PRO A 82 39.31 13.69 -15.02
C PRO A 82 40.41 13.59 -16.10
N PHE A 83 40.24 12.67 -17.01
CA PHE A 83 41.24 12.55 -18.11
C PHE A 83 41.18 13.77 -19.05
N GLU A 84 39.99 14.23 -19.42
CA GLU A 84 39.90 15.44 -20.23
C GLU A 84 40.61 16.59 -19.56
N SER A 85 40.43 16.73 -18.25
CA SER A 85 40.99 17.83 -17.58
C SER A 85 42.52 17.76 -17.58
N ALA A 86 43.02 16.55 -17.54
CA ALA A 86 44.47 16.29 -17.58
C ALA A 86 45.00 16.61 -19.01
N LEU A 87 44.28 16.23 -20.06
CA LEU A 87 44.69 16.62 -21.43
C LEU A 87 44.76 18.11 -21.61
N ILE A 88 43.77 18.79 -21.07
CA ILE A 88 43.73 20.24 -21.14
C ILE A 88 45.01 20.77 -20.46
N ASP A 89 45.24 20.29 -19.26
CA ASP A 89 46.46 20.64 -18.52
C ASP A 89 47.69 20.42 -19.39
N SER A 90 47.77 19.28 -20.04
CA SER A 90 48.95 18.92 -20.82
C SER A 90 49.15 19.95 -21.94
N LEU A 91 48.05 20.42 -22.56
CA LEU A 91 48.16 21.42 -23.65
C LEU A 91 48.66 22.77 -23.09
N ALA A 92 48.19 23.17 -21.90
CA ALA A 92 48.56 24.42 -21.31
C ALA A 92 50.01 24.34 -20.92
N ASP A 93 50.47 23.18 -20.48
CA ASP A 93 51.89 23.04 -20.14
C ASP A 93 52.76 23.05 -21.42
N ALA A 94 52.31 22.42 -22.46
CA ALA A 94 53.00 22.53 -23.77
C ALA A 94 53.07 23.97 -24.21
N TYR A 95 52.00 24.74 -23.94
CA TYR A 95 51.98 26.17 -24.27
C TYR A 95 53.13 26.87 -23.55
N THR A 96 53.20 26.64 -22.22
CA THR A 96 54.24 27.21 -21.39
C THR A 96 55.62 26.93 -21.93
N ASP A 97 55.88 25.67 -22.31
CA ASP A 97 57.16 25.32 -22.91
C ASP A 97 57.44 26.09 -24.20
N TYR A 98 56.47 26.12 -25.08
CA TYR A 98 56.58 26.92 -26.28
C TYR A 98 56.91 28.37 -25.99
N ARG A 99 56.24 28.99 -25.02
CA ARG A 99 56.54 30.40 -24.66
C ARG A 99 57.98 30.60 -24.18
N ALA A 100 58.50 29.62 -23.46
CA ALA A 100 59.88 29.61 -23.07
C ALA A 100 60.81 29.66 -24.29
N GLU A 101 60.51 28.83 -25.30
CA GLU A 101 61.29 28.82 -26.55
C GLU A 101 61.23 30.13 -27.35
N MET A 102 60.09 30.79 -27.31
CA MET A 102 59.85 31.95 -28.12
C MET A 102 59.45 33.11 -27.20
N ASP A 118 61.41 41.19 -35.61
CA ASP A 118 62.11 41.21 -36.90
C ASP A 118 63.09 40.03 -36.99
N LYS A 119 64.27 40.16 -36.39
CA LYS A 119 65.22 39.05 -36.32
C LYS A 119 64.66 37.90 -35.47
N PRO A 120 64.31 38.14 -34.19
CA PRO A 120 63.53 37.16 -33.41
C PRO A 120 62.35 36.50 -34.17
N LYS A 121 61.56 37.29 -34.91
CA LYS A 121 60.48 36.75 -35.74
C LYS A 121 60.96 35.51 -36.48
N THR A 122 61.96 35.72 -37.31
CA THR A 122 62.42 34.68 -38.18
C THR A 122 63.30 33.65 -37.44
N ASP A 123 64.02 34.06 -36.42
CA ASP A 123 64.97 33.17 -35.78
C ASP A 123 64.34 32.32 -34.68
N VAL A 124 63.38 32.88 -33.95
CA VAL A 124 62.79 32.13 -32.84
C VAL A 124 61.28 31.94 -33.00
N LEU A 125 60.55 33.00 -33.33
CA LEU A 125 59.08 32.93 -33.31
C LEU A 125 58.57 31.84 -34.26
N LEU A 126 58.94 31.96 -35.53
CA LEU A 126 58.36 31.13 -36.58
C LEU A 126 58.73 29.64 -36.43
N PRO A 127 60.00 29.29 -36.16
CA PRO A 127 60.37 27.91 -35.78
C PRO A 127 59.62 27.34 -34.59
N ALA A 128 59.52 28.17 -33.54
CA ALA A 128 58.84 27.77 -32.32
C ALA A 128 57.42 27.50 -32.66
N ARG A 129 56.81 28.39 -33.45
CA ARG A 129 55.41 28.21 -33.69
C ARG A 129 55.12 27.04 -34.63
N THR A 130 56.03 26.73 -35.57
CA THR A 130 55.81 25.53 -36.38
C THR A 130 55.70 24.24 -35.53
N LYS A 131 56.61 24.08 -34.57
CA LYS A 131 56.60 22.95 -33.68
C LYS A 131 55.33 22.93 -32.81
N PHE A 132 55.06 24.02 -32.10
CA PHE A 132 53.88 24.12 -31.25
C PHE A 132 52.55 24.05 -31.98
N LEU A 133 52.43 24.76 -33.09
CA LEU A 133 51.17 24.72 -33.85
C LEU A 133 50.96 23.37 -34.50
N GLY A 134 52.04 22.69 -34.81
CA GLY A 134 51.91 21.35 -35.34
C GLY A 134 51.25 20.48 -34.28
N PHE A 135 51.73 20.56 -33.03
CA PHE A 135 51.12 19.76 -31.94
C PHE A 135 49.65 20.12 -31.72
N ILE A 136 49.37 21.38 -31.67
CA ILE A 136 47.98 21.91 -31.52
C ILE A 136 47.07 21.40 -32.62
N THR A 137 47.54 21.48 -33.86
CA THR A 137 46.79 21.02 -35.04
C THR A 137 46.40 19.53 -34.97
N LYS A 138 47.32 18.72 -34.47
CA LYS A 138 47.09 17.31 -34.26
C LYS A 138 45.94 17.09 -33.27
N PHE A 139 45.89 17.85 -32.19
CA PHE A 139 44.77 17.80 -31.27
C PHE A 139 43.44 18.26 -31.92
N LEU A 140 43.47 19.39 -32.63
CA LEU A 140 42.29 19.86 -33.33
C LEU A 140 41.79 18.85 -34.33
N LYS A 141 42.68 18.32 -35.12
CA LYS A 141 42.13 17.51 -36.19
C LYS A 141 41.61 16.13 -35.71
N LYS A 142 41.97 15.70 -34.51
CA LYS A 142 41.39 14.44 -34.01
C LYS A 142 40.12 14.62 -33.23
N ASN A 143 39.71 15.87 -33.06
CA ASN A 143 38.50 16.20 -32.33
C ASN A 143 37.47 16.92 -33.22
N SER A 144 36.32 16.30 -33.46
CA SER A 144 35.32 16.85 -34.37
C SER A 144 34.60 18.12 -33.89
N SER A 145 34.76 18.46 -32.61
CA SER A 145 33.97 19.50 -32.00
C SER A 145 34.43 20.91 -32.34
N GLY A 146 35.67 21.04 -32.72
CA GLY A 146 36.31 22.34 -32.94
C GLY A 146 37.09 22.90 -31.77
N PHE A 147 37.00 22.23 -30.62
CA PHE A 147 37.77 22.54 -29.43
C PHE A 147 38.99 21.68 -29.32
N LEU A 148 39.90 22.07 -28.46
CA LEU A 148 41.14 21.31 -28.28
C LEU A 148 40.90 19.95 -27.62
N VAL A 149 40.03 19.91 -26.61
CA VAL A 149 39.75 18.70 -25.81
C VAL A 149 38.30 18.60 -25.59
N GLY A 150 37.72 17.45 -25.93
CA GLY A 150 36.35 17.22 -25.63
C GLY A 150 35.41 18.03 -26.49
N ASP A 151 34.17 18.08 -26.06
CA ASP A 151 33.13 18.67 -26.87
C ASP A 151 32.69 20.06 -26.42
N LYS A 152 33.42 20.71 -25.51
CA LYS A 152 33.04 22.00 -24.99
C LYS A 152 34.27 22.83 -24.78
N ILE A 153 34.08 24.12 -24.79
CA ILE A 153 35.16 25.06 -24.65
C ILE A 153 35.82 24.86 -23.31
N SER A 154 37.15 25.02 -23.27
CA SER A 154 37.87 24.91 -22.00
C SER A 154 38.82 26.09 -21.89
N TRP A 155 39.43 26.21 -20.73
CA TRP A 155 40.36 27.38 -20.48
C TRP A 155 41.59 27.31 -21.38
N VAL A 156 42.00 26.13 -21.78
CA VAL A 156 43.19 26.06 -22.72
C VAL A 156 42.78 26.54 -24.12
N ASP A 157 41.54 26.33 -24.55
CA ASP A 157 41.06 26.96 -25.80
C ASP A 157 41.22 28.50 -25.72
N LEU A 158 40.80 29.09 -24.61
CA LEU A 158 40.97 30.52 -24.33
C LEU A 158 42.41 30.96 -24.35
N LEU A 159 43.30 30.21 -23.72
CA LEU A 159 44.70 30.59 -23.61
C LEU A 159 45.35 30.56 -25.02
N VAL A 160 45.11 29.46 -25.75
CA VAL A 160 45.68 29.30 -27.10
C VAL A 160 45.16 30.35 -28.05
N ALA A 161 43.83 30.56 -28.09
CA ALA A 161 43.21 31.44 -29.06
C ALA A 161 43.70 32.87 -28.81
N GLU A 162 43.86 33.25 -27.55
CA GLU A 162 44.30 34.61 -27.28
C GLU A 162 45.73 34.85 -27.72
N HIS A 163 46.60 33.85 -27.54
CA HIS A 163 47.96 33.95 -27.94
C HIS A 163 48.03 34.06 -29.47
N VAL A 164 47.29 33.20 -30.14
CA VAL A 164 47.28 33.16 -31.60
C VAL A 164 46.77 34.49 -32.19
N ALA A 165 45.75 35.08 -31.58
CA ALA A 165 45.22 36.37 -31.99
C ALA A 165 46.25 37.45 -31.85
N ASP A 166 46.89 37.45 -30.70
CA ASP A 166 47.92 38.40 -30.39
C ASP A 166 49.10 38.29 -31.34
N MET A 167 49.65 37.09 -31.50
CA MET A 167 50.78 36.92 -32.41
C MET A 167 50.42 37.26 -33.86
N THR A 168 49.21 36.88 -34.32
CA THR A 168 48.81 37.15 -35.69
C THR A 168 48.61 38.64 -35.89
N ASN A 169 48.10 39.35 -34.90
CA ASN A 169 48.12 40.82 -34.96
C ASN A 169 49.52 41.38 -35.18
N ARG A 170 50.49 40.86 -34.46
CA ARG A 170 51.87 41.36 -34.56
C ARG A 170 52.62 40.90 -35.83
N VAL A 171 52.37 39.66 -36.20
CA VAL A 171 53.05 38.99 -37.27
C VAL A 171 52.01 38.24 -38.09
N PRO A 172 51.43 38.89 -39.11
CA PRO A 172 50.38 38.27 -39.94
C PRO A 172 50.69 36.87 -40.42
N GLU A 173 51.96 36.58 -40.75
CA GLU A 173 52.34 35.26 -41.28
C GLU A 173 52.30 34.15 -40.22
N TYR A 174 52.06 34.50 -38.96
CA TYR A 174 52.06 33.50 -37.87
C TYR A 174 51.15 32.32 -38.15
N ILE A 175 49.98 32.61 -38.72
CA ILE A 175 48.96 31.65 -38.96
C ILE A 175 49.01 30.96 -40.32
N GLU A 176 49.95 31.38 -41.14
CA GLU A 176 50.06 30.81 -42.44
C GLU A 176 50.57 29.38 -42.25
N GLY A 177 49.88 28.42 -42.86
CA GLY A 177 50.23 27.01 -42.68
C GLY A 177 49.42 26.27 -41.66
N PHE A 178 48.54 27.00 -40.98
CA PHE A 178 47.79 26.44 -39.80
C PHE A 178 46.34 26.90 -39.85
N PRO A 179 45.60 26.48 -40.88
CA PRO A 179 44.22 26.98 -41.02
C PRO A 179 43.33 26.53 -39.89
N GLU A 180 43.56 25.32 -39.40
CA GLU A 180 42.71 24.81 -38.27
C GLU A 180 42.92 25.66 -37.01
N VAL A 181 44.15 26.08 -36.78
CA VAL A 181 44.45 26.92 -35.63
C VAL A 181 43.81 28.27 -35.81
N LYS A 182 43.86 28.83 -37.01
CA LYS A 182 43.16 30.11 -37.25
C LYS A 182 41.65 29.98 -37.00
N ALA A 183 41.04 28.89 -37.49
CA ALA A 183 39.61 28.62 -37.41
C ALA A 183 39.23 28.55 -35.92
N HIS A 184 40.12 27.90 -35.18
CA HIS A 184 39.92 27.75 -33.72
C HIS A 184 39.99 29.10 -33.03
N MET A 185 40.99 29.89 -33.38
CA MET A 185 41.12 31.22 -32.85
C MET A 185 39.85 32.01 -33.07
N GLU A 186 39.31 31.93 -34.30
CA GLU A 186 38.12 32.74 -34.59
C GLU A 186 36.91 32.22 -33.85
N ARG A 187 36.78 30.91 -33.79
CA ARG A 187 35.64 30.33 -33.08
C ARG A 187 35.65 30.75 -31.64
N ILE A 188 36.81 30.67 -31.01
CA ILE A 188 36.91 30.97 -29.58
C ILE A 188 36.65 32.45 -29.34
N GLN A 189 37.29 33.27 -30.14
CA GLN A 189 37.24 34.71 -29.90
C GLN A 189 35.95 35.35 -30.34
N GLN A 190 35.15 34.66 -31.16
CA GLN A 190 33.80 35.10 -31.49
C GLN A 190 32.72 34.53 -30.55
N THR A 191 33.11 33.65 -29.61
CA THR A 191 32.16 33.15 -28.60
C THR A 191 31.53 34.37 -27.94
N PRO A 192 30.20 34.56 -27.93
CA PRO A 192 29.63 35.87 -27.55
C PRO A 192 30.24 36.56 -26.29
N ARG A 193 30.34 35.84 -25.17
CA ARG A 193 30.90 36.46 -23.96
C ARG A 193 32.37 36.84 -24.07
N ILE A 194 33.12 36.09 -24.87
CA ILE A 194 34.49 36.41 -25.07
C ILE A 194 34.64 37.61 -26.06
N LYS A 195 33.86 37.58 -27.12
CA LYS A 195 33.81 38.70 -28.06
C LYS A 195 33.49 39.98 -27.38
N LYS A 196 32.49 39.93 -26.51
CA LYS A 196 32.08 41.12 -25.73
C LYS A 196 33.21 41.63 -24.85
N TRP A 197 33.91 40.72 -24.21
CA TRP A 197 35.03 41.10 -23.33
C TRP A 197 36.13 41.72 -24.20
N ILE A 198 36.46 41.09 -25.30
CA ILE A 198 37.53 41.61 -26.18
C ILE A 198 37.21 43.01 -26.69
N GLU A 199 35.93 43.26 -27.00
CA GLU A 199 35.48 44.55 -27.47
C GLU A 199 35.58 45.61 -26.41
N THR A 200 35.51 45.23 -25.14
CA THR A 200 35.43 46.14 -24.00
C THR A 200 36.63 46.22 -23.07
N ARG A 201 37.61 45.36 -23.24
CA ARG A 201 38.74 45.36 -22.30
C ARG A 201 39.58 46.59 -22.59
N PRO A 202 40.36 47.03 -21.61
CA PRO A 202 41.35 48.08 -21.83
C PRO A 202 42.32 47.71 -22.91
N GLU A 203 42.61 48.64 -23.80
CA GLU A 203 43.57 48.40 -24.87
C GLU A 203 44.95 48.68 -24.33
N THR A 204 45.76 47.63 -24.22
CA THR A 204 47.08 47.75 -23.61
C THR A 204 48.10 47.14 -24.55
N PRO A 205 49.35 47.56 -24.42
CA PRO A 205 50.41 47.05 -25.30
C PRO A 205 50.84 45.60 -25.02
N PHE A 206 50.47 45.06 -23.87
CA PHE A 206 50.76 43.64 -23.57
C PHE A 206 49.59 43.06 -22.85
N MET B 1 42.12 -5.15 -15.16
CA MET B 1 42.44 -4.04 -14.24
C MET B 1 42.99 -2.85 -15.05
N VAL B 2 42.75 -1.67 -14.57
CA VAL B 2 43.32 -0.49 -15.17
C VAL B 2 44.84 -0.70 -15.38
N HIS B 3 45.35 -0.20 -16.49
CA HIS B 3 46.74 -0.39 -16.83
C HIS B 3 47.42 0.92 -16.98
N TYR B 4 48.45 1.13 -16.17
CA TYR B 4 49.23 2.37 -16.18
C TYR B 4 50.60 2.06 -16.68
N LYS B 5 51.06 2.84 -17.65
CA LYS B 5 52.42 2.77 -18.13
C LYS B 5 53.02 4.14 -18.05
N LEU B 6 54.20 4.27 -17.47
CA LEU B 6 54.88 5.59 -17.39
C LEU B 6 56.15 5.42 -18.16
N THR B 7 56.31 6.24 -19.19
CA THR B 7 57.50 6.20 -20.02
C THR B 7 58.35 7.41 -19.68
N TYR B 8 59.63 7.16 -19.35
CA TYR B 8 60.57 8.28 -19.11
C TYR B 8 61.99 7.80 -19.40
N PHE B 9 62.97 8.59 -19.01
CA PHE B 9 64.35 8.15 -19.03
C PHE B 9 64.70 7.31 -17.81
N ASN B 10 65.91 6.75 -17.83
CA ASN B 10 66.39 5.96 -16.72
C ASN B 10 67.03 6.85 -15.68
N GLY B 11 66.14 7.54 -14.98
CA GLY B 11 66.53 8.45 -13.95
C GLY B 11 65.34 8.99 -13.23
N ARG B 12 65.61 9.70 -12.14
CA ARG B 12 64.52 10.29 -11.38
C ARG B 12 63.84 11.41 -12.20
N GLY B 13 64.57 12.52 -12.39
CA GLY B 13 64.15 13.63 -13.22
C GLY B 13 62.69 13.97 -13.10
N ALA B 14 62.09 14.20 -14.25
CA ALA B 14 60.74 14.72 -14.37
C ALA B 14 59.73 13.59 -14.24
N GLY B 15 60.20 12.35 -14.23
CA GLY B 15 59.30 11.20 -14.06
C GLY B 15 59.08 10.83 -12.62
N GLU B 16 59.89 11.35 -11.71
CA GLU B 16 59.91 10.80 -10.37
C GLU B 16 58.70 11.06 -9.53
N CYS B 17 58.14 12.26 -9.66
CA CYS B 17 57.00 12.58 -8.83
C CYS B 17 55.84 11.61 -9.12
N ALA B 18 55.62 11.34 -10.39
CA ALA B 18 54.57 10.39 -10.83
C ALA B 18 54.83 9.04 -10.17
N ARG B 19 56.09 8.60 -10.19
CA ARG B 19 56.46 7.34 -9.60
C ARG B 19 56.16 7.32 -8.11
N GLN B 20 56.40 8.43 -7.42
CA GLN B 20 56.18 8.48 -5.98
C GLN B 20 54.65 8.55 -5.69
N VAL B 21 53.91 9.15 -6.61
CA VAL B 21 52.46 9.15 -6.45
C VAL B 21 51.95 7.68 -6.57
N PHE B 22 52.39 6.93 -7.58
CA PHE B 22 52.02 5.54 -7.64
C PHE B 22 52.38 4.76 -6.34
N ALA B 23 53.57 5.05 -5.79
CA ALA B 23 54.03 4.38 -4.61
C ALA B 23 53.15 4.67 -3.43
N LEU B 24 52.76 5.92 -3.27
CA LEU B 24 51.90 6.35 -2.18
C LEU B 24 50.55 5.63 -2.26
N ALA B 25 50.10 5.44 -3.49
CA ALA B 25 48.81 4.80 -3.79
C ALA B 25 48.86 3.29 -3.71
N ASP B 26 50.06 2.71 -3.61
CA ASP B 26 50.26 1.28 -3.77
C ASP B 26 49.70 0.77 -5.12
N GLN B 27 49.92 1.55 -6.14
CA GLN B 27 49.35 1.21 -7.45
C GLN B 27 50.46 0.65 -8.30
N LYS B 28 50.20 -0.50 -8.87
CA LYS B 28 51.08 -1.15 -9.84
C LYS B 28 51.07 -0.39 -11.13
N TYR B 29 52.25 -0.21 -11.70
CA TYR B 29 52.39 0.41 -13.00
C TYR B 29 53.58 -0.20 -13.75
N GLU B 30 53.56 -0.02 -15.05
CA GLU B 30 54.67 -0.30 -15.88
C GLU B 30 55.68 0.86 -15.99
N ASP B 31 56.90 0.62 -15.45
CA ASP B 31 57.91 1.67 -15.37
C ASP B 31 58.88 1.48 -16.52
N VAL B 32 58.66 2.23 -17.59
CA VAL B 32 59.46 2.11 -18.81
C VAL B 32 60.51 3.20 -18.80
N ARG B 33 61.77 2.78 -18.91
CA ARG B 33 62.91 3.67 -18.78
C ARG B 33 63.71 3.67 -20.05
N LEU B 34 63.71 4.79 -20.75
CA LEU B 34 64.43 4.89 -22.04
C LEU B 34 65.81 5.52 -21.87
N THR B 35 66.76 5.14 -22.73
CA THR B 35 68.01 5.88 -22.80
C THR B 35 67.87 7.00 -23.84
N GLN B 36 68.58 8.11 -23.63
CA GLN B 36 68.72 9.16 -24.65
C GLN B 36 68.74 8.56 -26.06
N GLU B 37 69.58 7.57 -26.26
CA GLU B 37 69.75 6.94 -27.57
C GLU B 37 68.44 6.38 -28.12
N THR B 38 67.77 5.55 -27.32
CA THR B 38 66.51 4.93 -27.77
C THR B 38 65.28 5.85 -27.71
N PHE B 39 65.37 6.91 -26.91
CA PHE B 39 64.30 7.88 -26.87
C PHE B 39 64.22 8.63 -28.19
N VAL B 40 65.35 9.17 -28.66
CA VAL B 40 65.28 10.22 -29.67
C VAL B 40 64.55 9.85 -30.98
N PRO B 41 64.70 8.62 -31.46
CA PRO B 41 64.01 8.24 -32.69
C PRO B 41 62.53 7.92 -32.45
N LEU B 42 62.11 7.82 -31.18
CA LEU B 42 60.72 7.59 -30.79
C LEU B 42 59.92 8.85 -30.50
N LYS B 43 60.61 9.99 -30.64
CA LYS B 43 60.01 11.27 -30.31
C LYS B 43 58.63 11.47 -30.92
N ALA B 44 58.46 11.11 -32.18
CA ALA B 44 57.20 11.47 -32.85
C ALA B 44 55.98 10.71 -32.32
N THR B 45 56.25 9.65 -31.54
CA THR B 45 55.21 8.82 -30.93
C THR B 45 54.58 9.48 -29.71
N PHE B 46 55.13 10.61 -29.24
CA PHE B 46 54.70 11.21 -28.00
C PHE B 46 53.98 12.51 -28.34
N PRO B 47 52.95 12.87 -27.54
CA PRO B 47 52.10 14.00 -27.90
C PRO B 47 52.86 15.30 -28.28
N PHE B 48 53.88 15.66 -27.49
CA PHE B 48 54.65 16.87 -27.73
C PHE B 48 56.15 16.58 -27.94
N GLY B 49 56.39 15.35 -28.38
CA GLY B 49 57.78 14.91 -28.76
C GLY B 49 58.71 14.75 -27.55
N GLN B 50 58.15 14.56 -26.35
CA GLN B 50 58.98 14.56 -25.15
C GLN B 50 58.46 13.53 -24.17
N VAL B 51 59.28 13.25 -23.17
CA VAL B 51 58.91 12.30 -22.13
C VAL B 51 58.95 13.15 -20.82
N PRO B 52 58.14 12.87 -19.77
CA PRO B 52 57.47 11.60 -19.56
C PRO B 52 56.09 11.59 -20.20
N VAL B 53 55.61 10.38 -20.49
CA VAL B 53 54.25 10.22 -20.99
C VAL B 53 53.66 9.09 -20.21
N LEU B 54 52.45 9.26 -19.81
CA LEU B 54 51.67 8.23 -19.13
C LEU B 54 50.67 7.68 -20.11
N GLU B 55 50.44 6.37 -20.05
CA GLU B 55 49.34 5.77 -20.77
C GLU B 55 48.43 5.16 -19.71
N VAL B 56 47.16 5.49 -19.83
CA VAL B 56 46.12 4.94 -19.03
C VAL B 56 45.19 4.13 -19.97
N ASP B 57 45.20 2.81 -19.81
CA ASP B 57 44.50 1.89 -20.72
C ASP B 57 44.80 2.28 -22.17
N GLY B 58 46.07 2.54 -22.44
CA GLY B 58 46.56 2.89 -23.77
C GLY B 58 46.42 4.35 -24.24
N GLN B 59 45.77 5.21 -23.47
CA GLN B 59 45.58 6.57 -23.89
C GLN B 59 46.71 7.41 -23.28
N GLN B 60 47.35 8.23 -24.12
CA GLN B 60 48.50 9.00 -23.69
C GLN B 60 48.13 10.30 -23.06
N LEU B 61 48.88 10.62 -22.03
CA LEU B 61 48.87 11.90 -21.36
C LEU B 61 50.33 12.29 -21.07
N ALA B 62 50.69 13.41 -21.64
CA ALA B 62 52.01 13.96 -21.51
C ALA B 62 52.05 15.07 -20.49
N GLN B 63 53.30 15.46 -20.15
CA GLN B 63 53.70 16.67 -19.41
C GLN B 63 53.70 16.31 -17.93
N SER B 64 54.89 16.39 -17.32
CA SER B 64 55.06 15.89 -15.95
C SER B 64 54.07 16.36 -14.90
N GLN B 65 53.75 17.66 -14.82
CA GLN B 65 52.85 18.11 -13.78
C GLN B 65 51.41 17.70 -14.11
N ALA B 66 51.08 17.62 -15.40
CA ALA B 66 49.72 17.18 -15.79
C ALA B 66 49.56 15.72 -15.37
N ILE B 67 50.61 14.90 -15.59
CA ILE B 67 50.58 13.52 -15.19
C ILE B 67 50.48 13.39 -13.67
N CYS B 68 51.29 14.14 -12.91
CA CYS B 68 51.26 14.05 -11.43
C CYS B 68 49.94 14.43 -10.90
N ARG B 69 49.37 15.51 -11.42
CA ARG B 69 48.15 15.99 -10.87
C ARG B 69 47.03 14.99 -11.14
N TYR B 70 47.01 14.47 -12.37
CA TYR B 70 46.00 13.47 -12.79
C TYR B 70 46.06 12.27 -11.85
N LEU B 71 47.28 11.77 -11.60
CA LEU B 71 47.41 10.57 -10.75
C LEU B 71 47.05 10.92 -9.32
N ALA B 72 47.46 12.10 -8.83
CA ALA B 72 47.13 12.52 -7.49
C ALA B 72 45.65 12.66 -7.28
N LYS B 73 44.95 13.22 -8.24
CA LYS B 73 43.50 13.35 -8.08
C LYS B 73 42.86 11.98 -8.09
N THR B 74 43.37 11.10 -8.92
CA THR B 74 42.84 9.71 -9.02
C THR B 74 42.95 8.99 -7.68
N PHE B 75 44.08 9.18 -7.00
CA PHE B 75 44.40 8.44 -5.77
C PHE B 75 44.24 9.16 -4.44
N GLY B 76 43.81 10.42 -4.50
CA GLY B 76 43.46 11.14 -3.34
C GLY B 76 44.55 11.99 -2.73
N PHE B 77 45.51 12.43 -3.55
CA PHE B 77 46.70 13.20 -3.01
C PHE B 77 46.78 14.58 -3.63
N ALA B 78 45.61 15.13 -3.96
CA ALA B 78 45.58 16.47 -4.56
C ALA B 78 44.66 17.36 -3.78
N GLY B 79 44.67 17.23 -2.46
CA GLY B 79 43.88 18.12 -1.65
C GLY B 79 42.45 17.64 -1.46
N ALA B 80 41.75 18.31 -0.53
CA ALA B 80 40.42 17.89 -0.06
C ALA B 80 39.34 18.65 -0.73
N THR B 81 39.64 19.83 -1.28
CA THR B 81 38.66 20.71 -1.85
C THR B 81 39.31 21.31 -3.12
N PRO B 82 38.48 21.87 -3.99
CA PRO B 82 38.99 22.61 -5.13
C PRO B 82 39.99 23.68 -4.83
N PHE B 83 39.83 24.45 -3.74
CA PHE B 83 40.79 25.54 -3.45
C PHE B 83 42.09 24.91 -2.96
N GLU B 84 42.00 23.85 -2.16
CA GLU B 84 43.24 23.16 -1.74
C GLU B 84 44.00 22.66 -2.95
N SER B 85 43.29 22.03 -3.89
CA SER B 85 43.93 21.55 -5.11
C SER B 85 44.65 22.70 -5.85
N ALA B 86 44.01 23.84 -5.87
CA ALA B 86 44.57 25.00 -6.55
C ALA B 86 45.80 25.52 -5.81
N LEU B 87 45.77 25.54 -4.49
CA LEU B 87 46.96 25.93 -3.70
C LEU B 87 48.12 25.03 -3.93
N ILE B 88 47.88 23.74 -4.00
CA ILE B 88 48.90 22.73 -4.31
C ILE B 88 49.47 23.01 -5.72
N ASP B 89 48.61 23.26 -6.67
CA ASP B 89 49.04 23.65 -8.02
C ASP B 89 49.91 24.91 -8.01
N SER B 90 49.51 25.90 -7.24
CA SER B 90 50.30 27.15 -7.18
C SER B 90 51.72 26.94 -6.65
N LEU B 91 51.86 26.08 -5.63
CA LEU B 91 53.16 25.76 -5.05
C LEU B 91 53.96 25.01 -6.07
N ALA B 92 53.28 24.10 -6.81
CA ALA B 92 53.98 23.34 -7.84
C ALA B 92 54.44 24.22 -9.02
N ASP B 93 53.69 25.26 -9.34
CA ASP B 93 54.05 26.24 -10.35
C ASP B 93 55.23 27.10 -9.86
N ALA B 94 55.18 27.50 -8.60
CA ALA B 94 56.29 28.23 -7.95
C ALA B 94 57.60 27.43 -7.99
N TYR B 95 57.49 26.12 -7.78
CA TYR B 95 58.61 25.22 -7.96
C TYR B 95 59.21 25.27 -9.35
N THR B 96 58.34 25.19 -10.36
CA THR B 96 58.82 25.17 -11.76
C THR B 96 59.46 26.50 -12.10
N ASP B 97 58.94 27.61 -11.56
CA ASP B 97 59.57 28.93 -11.73
C ASP B 97 60.98 28.93 -11.11
N TYR B 98 61.04 28.43 -9.88
CA TYR B 98 62.33 28.35 -9.14
C TYR B 98 63.32 27.49 -9.86
N ARG B 99 62.90 26.36 -10.38
CA ARG B 99 63.80 25.55 -11.16
C ARG B 99 64.31 26.33 -12.37
N ALA B 100 63.46 27.11 -13.02
CA ALA B 100 63.87 27.79 -14.23
C ALA B 100 64.88 28.85 -13.90
N GLU B 101 64.74 29.51 -12.76
CA GLU B 101 65.66 30.57 -12.42
C GLU B 101 67.05 30.05 -12.06
N MET B 102 67.17 28.75 -11.83
CA MET B 102 68.47 28.10 -11.89
C MET B 102 68.46 27.01 -12.96
N LYS B 103 68.53 27.31 -14.27
CA LYS B 103 69.35 28.38 -14.89
C LYS B 103 70.78 28.41 -14.33
N THR B 122 76.65 27.71 -6.10
CA THR B 122 77.13 28.87 -5.35
C THR B 122 76.46 30.19 -5.78
N ASP B 123 76.56 30.50 -7.07
CA ASP B 123 76.18 31.82 -7.60
C ASP B 123 74.67 31.85 -7.85
N VAL B 124 74.17 30.82 -8.51
CA VAL B 124 72.75 30.74 -8.92
C VAL B 124 71.86 29.92 -7.96
N LEU B 125 72.44 28.91 -7.32
CA LEU B 125 71.68 27.93 -6.54
C LEU B 125 71.29 28.49 -5.18
N LEU B 126 72.22 29.15 -4.52
CA LEU B 126 71.96 29.77 -3.22
C LEU B 126 70.84 30.83 -3.27
N PRO B 127 70.97 31.92 -4.03
CA PRO B 127 69.92 32.98 -4.03
C PRO B 127 68.56 32.55 -4.55
N ALA B 128 68.54 31.57 -5.49
CA ALA B 128 67.27 30.98 -5.99
C ALA B 128 66.56 30.29 -4.85
N ARG B 129 67.33 29.58 -4.04
CA ARG B 129 66.72 28.81 -3.00
C ARG B 129 66.31 29.65 -1.80
N THR B 130 67.02 30.71 -1.46
CA THR B 130 66.54 31.52 -0.32
C THR B 130 65.16 32.17 -0.66
N LYS B 131 64.96 32.54 -1.92
CA LYS B 131 63.69 33.08 -2.36
C LYS B 131 62.61 32.01 -2.25
N PHE B 132 62.86 30.88 -2.91
CA PHE B 132 61.87 29.81 -2.99
C PHE B 132 61.59 29.21 -1.63
N LEU B 133 62.64 28.93 -0.86
CA LEU B 133 62.38 28.30 0.41
C LEU B 133 61.69 29.26 1.40
N GLY B 134 61.96 30.56 1.27
CA GLY B 134 61.20 31.56 2.04
C GLY B 134 59.70 31.48 1.80
N PHE B 135 59.30 31.38 0.54
CA PHE B 135 57.90 31.22 0.18
C PHE B 135 57.33 29.91 0.72
N ILE B 136 58.01 28.79 0.49
CA ILE B 136 57.57 27.49 1.03
C ILE B 136 57.33 27.61 2.53
N THR B 137 58.32 28.19 3.22
CA THR B 137 58.28 28.24 4.67
C THR B 137 57.02 28.97 5.17
N LYS B 138 56.60 30.00 4.42
CA LYS B 138 55.38 30.71 4.80
C LYS B 138 54.19 29.77 4.80
N PHE B 139 54.10 28.91 3.81
CA PHE B 139 52.98 27.97 3.75
C PHE B 139 53.04 26.95 4.89
N LEU B 140 54.22 26.39 5.13
CA LEU B 140 54.40 25.47 6.24
C LEU B 140 54.04 26.06 7.59
N LYS B 141 54.56 27.25 7.88
CA LYS B 141 54.31 27.85 9.19
C LYS B 141 52.83 28.13 9.45
N LYS B 142 52.04 28.34 8.40
CA LYS B 142 50.63 28.65 8.64
C LYS B 142 49.76 27.41 8.62
N ASN B 143 50.39 26.26 8.43
CA ASN B 143 49.70 24.95 8.39
C ASN B 143 50.18 24.04 9.52
N SER B 144 49.31 23.79 10.49
CA SER B 144 49.70 22.98 11.68
C SER B 144 49.93 21.49 11.39
N SER B 145 49.54 21.02 10.21
CA SER B 145 49.60 19.58 9.89
C SER B 145 51.01 19.07 9.55
N GLY B 146 51.90 19.97 9.16
CA GLY B 146 53.20 19.54 8.69
C GLY B 146 53.32 19.36 7.20
N PHE B 147 52.21 19.42 6.48
CA PHE B 147 52.17 19.37 4.99
C PHE B 147 52.09 20.78 4.43
N LEU B 148 52.31 20.94 3.14
CA LEU B 148 52.26 22.29 2.56
C LEU B 148 50.86 22.82 2.50
N VAL B 149 49.88 21.96 2.20
CA VAL B 149 48.48 22.39 2.02
C VAL B 149 47.58 21.37 2.67
N GLY B 150 46.66 21.86 3.50
CA GLY B 150 45.65 20.99 4.09
C GLY B 150 46.29 20.00 5.05
N ASP B 151 45.53 18.96 5.37
CA ASP B 151 45.92 18.13 6.51
C ASP B 151 46.36 16.76 6.06
N LYS B 152 46.67 16.67 4.77
CA LYS B 152 47.04 15.39 4.16
C LYS B 152 48.13 15.60 3.14
N ILE B 153 48.97 14.60 2.98
CA ILE B 153 50.02 14.62 2.01
C ILE B 153 49.48 14.82 0.62
N SER B 154 50.21 15.59 -0.19
CA SER B 154 49.79 15.88 -1.55
C SER B 154 50.99 15.65 -2.47
N TRP B 155 50.73 15.62 -3.76
CA TRP B 155 51.78 15.48 -4.74
C TRP B 155 52.83 16.59 -4.71
N VAL B 156 52.47 17.78 -4.25
CA VAL B 156 53.48 18.85 -4.22
C VAL B 156 54.44 18.62 -3.02
N ASP B 157 53.93 18.09 -1.92
CA ASP B 157 54.80 17.64 -0.84
C ASP B 157 55.89 16.70 -1.35
N LEU B 158 55.50 15.70 -2.15
CA LEU B 158 56.44 14.77 -2.77
C LEU B 158 57.47 15.52 -3.62
N LEU B 159 56.97 16.45 -4.40
CA LEU B 159 57.75 17.10 -5.42
C LEU B 159 58.83 17.93 -4.74
N VAL B 160 58.40 18.69 -3.74
CA VAL B 160 59.28 19.56 -3.01
C VAL B 160 60.26 18.76 -2.12
N ALA B 161 59.77 17.77 -1.38
CA ALA B 161 60.61 16.98 -0.49
C ALA B 161 61.71 16.29 -1.30
N GLU B 162 61.35 15.76 -2.47
CA GLU B 162 62.34 15.07 -3.27
C GLU B 162 63.44 16.02 -3.76
N HIS B 163 63.06 17.20 -4.21
CA HIS B 163 64.07 18.19 -4.65
C HIS B 163 64.98 18.56 -3.51
N VAL B 164 64.38 18.89 -2.37
CA VAL B 164 65.13 19.35 -1.21
C VAL B 164 66.13 18.24 -0.79
N ALA B 165 65.69 16.97 -0.75
CA ALA B 165 66.62 15.85 -0.41
C ALA B 165 67.78 15.82 -1.37
N ASP B 166 67.43 15.88 -2.65
CA ASP B 166 68.38 15.86 -3.74
C ASP B 166 69.40 16.98 -3.60
N MET B 167 68.94 18.22 -3.54
CA MET B 167 69.82 19.37 -3.33
C MET B 167 70.66 19.26 -2.05
N THR B 168 70.04 18.87 -0.95
CA THR B 168 70.79 18.78 0.30
C THR B 168 71.84 17.67 0.19
N ASN B 169 71.53 16.63 -0.57
CA ASN B 169 72.52 15.58 -0.80
C ASN B 169 73.78 16.06 -1.54
N ARG B 170 73.58 17.01 -2.45
CA ARG B 170 74.65 17.51 -3.35
C ARG B 170 75.35 18.69 -2.76
N VAL B 171 74.58 19.52 -2.05
CA VAL B 171 75.03 20.78 -1.47
C VAL B 171 74.42 20.90 -0.06
N PRO B 172 75.16 20.37 0.92
CA PRO B 172 74.68 20.30 2.30
C PRO B 172 74.17 21.56 2.98
N GLU B 173 74.64 22.75 2.59
CA GLU B 173 74.15 24.01 3.19
C GLU B 173 72.85 24.53 2.54
N TYR B 174 72.30 23.78 1.61
CA TYR B 174 71.03 24.15 0.94
C TYR B 174 69.92 24.42 1.98
N ILE B 175 69.83 23.50 2.93
CA ILE B 175 68.83 23.54 3.96
C ILE B 175 69.10 24.50 5.12
N GLU B 176 70.29 25.07 5.19
CA GLU B 176 70.62 25.83 6.35
C GLU B 176 69.78 27.08 6.38
N GLY B 177 69.20 27.36 7.54
CA GLY B 177 68.32 28.51 7.72
C GLY B 177 66.85 28.20 7.48
N PHE B 178 66.53 26.94 7.16
CA PHE B 178 65.16 26.53 6.79
C PHE B 178 64.73 25.24 7.54
N PRO B 179 64.58 25.35 8.86
CA PRO B 179 64.29 24.20 9.70
C PRO B 179 62.89 23.58 9.46
N GLU B 180 61.86 24.40 9.17
CA GLU B 180 60.52 23.89 8.81
C GLU B 180 60.59 23.09 7.51
N VAL B 181 61.34 23.60 6.52
CA VAL B 181 61.54 22.88 5.25
C VAL B 181 62.31 21.56 5.46
N LYS B 182 63.27 21.56 6.36
CA LYS B 182 64.03 20.36 6.63
C LYS B 182 63.17 19.28 7.24
N ALA B 183 62.36 19.68 8.21
CA ALA B 183 61.42 18.81 8.87
C ALA B 183 60.41 18.24 7.89
N HIS B 184 59.96 19.08 6.95
CA HIS B 184 58.99 18.67 5.96
C HIS B 184 59.63 17.62 5.05
N MET B 185 60.83 17.88 4.56
CA MET B 185 61.53 16.93 3.73
C MET B 185 61.65 15.58 4.44
N GLU B 186 62.02 15.60 5.73
CA GLU B 186 62.28 14.38 6.47
C GLU B 186 60.94 13.63 6.65
N ARG B 187 59.88 14.37 7.00
CA ARG B 187 58.52 13.80 7.20
C ARG B 187 58.00 13.12 5.97
N ILE B 188 58.17 13.78 4.84
CA ILE B 188 57.63 13.23 3.59
C ILE B 188 58.44 12.00 3.21
N GLN B 189 59.76 12.09 3.35
CA GLN B 189 60.66 11.02 2.82
C GLN B 189 60.65 9.79 3.73
N GLN B 190 60.22 10.00 4.98
CA GLN B 190 59.97 8.88 5.92
C GLN B 190 58.55 8.27 5.89
N THR B 191 57.62 8.87 5.15
CA THR B 191 56.32 8.27 4.95
C THR B 191 56.50 6.84 4.47
N PRO B 192 55.94 5.83 5.14
CA PRO B 192 56.36 4.46 4.84
C PRO B 192 56.43 4.08 3.37
N ARG B 193 55.45 4.43 2.55
CA ARG B 193 55.52 3.94 1.18
C ARG B 193 56.56 4.70 0.32
N ILE B 194 56.82 5.97 0.68
CA ILE B 194 57.88 6.74 0.01
C ILE B 194 59.24 6.22 0.40
N LYS B 195 59.42 6.04 1.70
CA LYS B 195 60.70 5.52 2.25
C LYS B 195 61.07 4.21 1.54
N LYS B 196 60.09 3.32 1.42
CA LYS B 196 60.26 2.03 0.74
C LYS B 196 60.65 2.21 -0.68
N TRP B 197 59.93 3.10 -1.38
CA TRP B 197 60.26 3.36 -2.77
C TRP B 197 61.68 3.90 -2.92
N ILE B 198 62.04 4.85 -2.06
CA ILE B 198 63.38 5.41 -2.11
C ILE B 198 64.43 4.33 -1.86
N GLU B 199 64.13 3.38 -0.99
CA GLU B 199 65.06 2.25 -0.70
C GLU B 199 65.18 1.28 -1.86
N THR B 200 64.14 1.17 -2.68
CA THR B 200 64.09 0.10 -3.68
C THR B 200 64.23 0.56 -5.12
N ARG B 201 64.06 1.88 -5.37
CA ARG B 201 64.13 2.35 -6.73
C ARG B 201 65.55 2.25 -7.23
N PRO B 202 65.67 2.19 -8.54
CA PRO B 202 66.96 2.22 -9.19
C PRO B 202 67.82 3.46 -8.87
N GLU B 203 69.11 3.20 -8.58
CA GLU B 203 70.05 4.31 -8.29
C GLU B 203 70.51 4.89 -9.61
N THR B 204 70.26 6.17 -9.84
CA THR B 204 70.60 6.86 -11.09
C THR B 204 71.29 8.18 -10.77
N PRO B 205 72.18 8.67 -11.63
CA PRO B 205 72.85 9.96 -11.41
C PRO B 205 71.93 11.18 -11.52
N PHE B 206 70.70 10.99 -12.00
CA PHE B 206 69.74 12.08 -12.05
C PHE B 206 68.31 11.59 -11.87
N MET C 1 42.92 -3.31 -19.01
CA MET C 1 41.84 -2.33 -19.20
C MET C 1 41.01 -2.43 -17.93
N VAL C 2 40.48 -1.33 -17.48
CA VAL C 2 39.58 -1.34 -16.36
C VAL C 2 38.45 -2.34 -16.66
N HIS C 3 38.07 -3.10 -15.66
CA HIS C 3 37.06 -4.16 -15.84
C HIS C 3 35.82 -3.81 -15.05
N TYR C 4 34.68 -3.75 -15.73
CA TYR C 4 33.40 -3.44 -15.09
C TYR C 4 32.50 -4.66 -15.20
N LYS C 5 31.88 -5.01 -14.08
CA LYS C 5 30.91 -6.13 -14.04
C LYS C 5 29.66 -5.62 -13.39
N LEU C 6 28.51 -5.73 -14.03
CA LEU C 6 27.29 -5.29 -13.36
C LEU C 6 26.48 -6.57 -13.10
N THR C 7 26.09 -6.81 -11.85
CA THR C 7 25.24 -7.92 -11.48
C THR C 7 23.87 -7.39 -11.14
N TYR C 8 22.83 -7.92 -11.78
CA TYR C 8 21.46 -7.63 -11.46
C TYR C 8 20.59 -8.82 -11.90
N PHE C 9 19.29 -8.66 -11.82
CA PHE C 9 18.30 -9.59 -12.34
C PHE C 9 18.21 -9.55 -13.81
N ASN C 10 17.53 -10.54 -14.39
CA ASN C 10 17.29 -10.52 -15.83
C ASN C 10 16.11 -9.64 -16.18
N GLY C 11 16.41 -8.34 -16.25
CA GLY C 11 15.37 -7.32 -16.31
C GLY C 11 16.03 -5.98 -16.40
N ARG C 12 15.23 -5.01 -16.80
CA ARG C 12 15.77 -3.64 -16.87
C ARG C 12 15.81 -3.18 -15.43
N GLY C 13 14.67 -2.88 -14.81
CA GLY C 13 14.60 -2.61 -13.39
C GLY C 13 15.57 -1.56 -12.91
N ALA C 14 16.15 -1.80 -11.72
CA ALA C 14 17.10 -0.90 -11.09
C ALA C 14 18.53 -0.99 -11.67
N GLY C 15 18.80 -1.96 -12.57
CA GLY C 15 20.09 -2.06 -13.24
C GLY C 15 20.22 -1.22 -14.50
N GLU C 16 19.08 -0.75 -15.00
CA GLU C 16 19.04 -0.29 -16.40
C GLU C 16 19.67 1.02 -16.59
N CYS C 17 19.59 1.89 -15.59
CA CYS C 17 20.25 3.18 -15.74
C CYS C 17 21.75 3.00 -15.86
N ALA C 18 22.35 2.10 -15.07
CA ALA C 18 23.79 1.85 -15.18
C ALA C 18 24.15 1.31 -16.57
N ARG C 19 23.30 0.45 -17.07
CA ARG C 19 23.52 -0.16 -18.39
C ARG C 19 23.50 0.92 -19.44
N GLN C 20 22.62 1.92 -19.25
CA GLN C 20 22.45 2.97 -20.22
C GLN C 20 23.60 3.99 -20.16
N VAL C 21 24.11 4.22 -18.97
CA VAL C 21 25.35 5.03 -18.85
C VAL C 21 26.52 4.35 -19.58
N PHE C 22 26.67 3.05 -19.38
CA PHE C 22 27.72 2.33 -20.09
C PHE C 22 27.54 2.41 -21.58
N ALA C 23 26.32 2.18 -22.07
CA ALA C 23 26.04 2.35 -23.50
C ALA C 23 26.36 3.76 -24.01
N LEU C 24 25.95 4.79 -23.31
CA LEU C 24 26.27 6.14 -23.68
C LEU C 24 27.77 6.43 -23.79
N ALA C 25 28.56 5.81 -22.89
CA ALA C 25 30.02 5.92 -22.88
C ALA C 25 30.73 5.02 -23.85
N ASP C 26 29.97 4.15 -24.51
CA ASP C 26 30.51 3.07 -25.30
C ASP C 26 31.59 2.29 -24.51
N GLN C 27 31.22 1.89 -23.30
CA GLN C 27 32.10 1.19 -22.39
C GLN C 27 31.65 -0.23 -22.26
N LYS C 28 32.54 -1.16 -22.60
CA LYS C 28 32.28 -2.55 -22.36
C LYS C 28 32.26 -2.94 -20.89
N TYR C 29 31.35 -3.86 -20.61
CA TYR C 29 31.15 -4.38 -19.29
C TYR C 29 30.51 -5.73 -19.32
N GLU C 30 30.72 -6.45 -18.22
CA GLU C 30 30.13 -7.76 -18.06
C GLU C 30 28.72 -7.61 -17.45
N ASP C 31 27.70 -8.00 -18.23
CA ASP C 31 26.29 -7.76 -17.83
C ASP C 31 25.73 -9.12 -17.28
N VAL C 32 25.81 -9.29 -15.96
CA VAL C 32 25.57 -10.55 -15.33
C VAL C 32 24.12 -10.50 -14.87
N ARG C 33 23.30 -11.46 -15.32
CA ARG C 33 21.85 -11.41 -15.07
C ARG C 33 21.48 -12.69 -14.31
N LEU C 34 20.97 -12.52 -13.10
CA LEU C 34 20.66 -13.59 -12.20
C LEU C 34 19.20 -13.93 -12.16
N THR C 35 18.84 -15.22 -12.11
CA THR C 35 17.48 -15.54 -11.67
C THR C 35 17.31 -15.22 -10.19
N GLN C 36 16.04 -15.10 -9.78
CA GLN C 36 15.73 -15.01 -8.37
C GLN C 36 16.40 -16.18 -7.61
N GLU C 37 16.35 -17.39 -8.17
CA GLU C 37 16.86 -18.53 -7.43
C GLU C 37 18.35 -18.51 -7.27
N THR C 38 19.04 -18.02 -8.28
CA THR C 38 20.49 -17.86 -8.21
C THR C 38 20.91 -16.78 -7.24
N PHE C 39 20.10 -15.73 -7.19
CA PHE C 39 20.33 -14.61 -6.31
C PHE C 39 20.31 -14.97 -4.82
N VAL C 40 19.33 -15.75 -4.40
CA VAL C 40 19.12 -16.06 -2.98
C VAL C 40 20.40 -16.46 -2.24
N PRO C 41 21.13 -17.49 -2.66
CA PRO C 41 22.32 -17.87 -1.96
C PRO C 41 23.47 -16.89 -2.07
N LEU C 42 23.36 -15.95 -2.99
CA LEU C 42 24.41 -14.95 -3.18
C LEU C 42 24.18 -13.74 -2.36
N LYS C 43 23.00 -13.63 -1.74
CA LYS C 43 22.69 -12.40 -1.01
C LYS C 43 23.79 -11.95 -0.02
N ALA C 44 24.33 -12.88 0.75
CA ALA C 44 25.38 -12.56 1.72
C ALA C 44 26.69 -12.07 1.06
N THR C 45 26.83 -12.29 -0.24
CA THR C 45 28.04 -11.83 -0.92
C THR C 45 28.00 -10.37 -1.42
N PHE C 46 26.83 -9.74 -1.34
CA PHE C 46 26.61 -8.37 -1.79
C PHE C 46 26.60 -7.44 -0.59
N PRO C 47 27.07 -6.20 -0.77
CA PRO C 47 27.26 -5.30 0.40
C PRO C 47 26.03 -5.07 1.28
N PHE C 48 24.84 -5.01 0.69
CA PHE C 48 23.62 -4.75 1.44
C PHE C 48 22.58 -5.80 1.10
N GLY C 49 23.06 -6.97 0.66
CA GLY C 49 22.13 -8.12 0.48
C GLY C 49 21.20 -7.92 -0.75
N GLN C 50 21.59 -7.02 -1.68
CA GLN C 50 20.78 -6.68 -2.82
C GLN C 50 21.59 -6.48 -4.10
N VAL C 51 20.85 -6.51 -5.21
CA VAL C 51 21.37 -6.11 -6.50
C VAL C 51 20.60 -4.86 -6.95
N PRO C 52 21.21 -3.97 -7.75
CA PRO C 52 22.44 -4.22 -8.48
C PRO C 52 23.71 -3.96 -7.64
N VAL C 53 24.76 -4.62 -8.07
CA VAL C 53 26.11 -4.39 -7.58
C VAL C 53 27.04 -4.29 -8.81
N LEU C 54 27.85 -3.28 -8.79
CA LEU C 54 28.94 -3.05 -9.71
C LEU C 54 30.25 -3.50 -9.16
N GLU C 55 31.09 -4.21 -9.94
CA GLU C 55 32.44 -4.40 -9.54
C GLU C 55 33.31 -3.61 -10.49
N VAL C 56 34.26 -2.83 -9.93
CA VAL C 56 35.25 -2.10 -10.73
C VAL C 56 36.58 -2.65 -10.37
N ASP C 57 37.22 -3.34 -11.31
CA ASP C 57 38.49 -4.02 -11.00
C ASP C 57 38.29 -4.86 -9.71
N GLY C 58 37.15 -5.50 -9.61
CA GLY C 58 36.82 -6.46 -8.56
C GLY C 58 36.43 -5.90 -7.21
N GLN C 59 36.27 -4.61 -7.14
CA GLN C 59 35.82 -3.91 -5.94
C GLN C 59 34.34 -3.62 -6.11
N GLN C 60 33.55 -3.99 -5.11
CA GLN C 60 32.08 -3.91 -5.18
C GLN C 60 31.64 -2.53 -4.81
N LEU C 61 30.65 -2.07 -5.54
CA LEU C 61 29.87 -0.89 -5.21
C LEU C 61 28.37 -1.24 -5.43
N ALA C 62 27.57 -1.03 -4.39
CA ALA C 62 26.18 -1.36 -4.50
C ALA C 62 25.35 -0.07 -4.56
N GLN C 63 24.07 -0.26 -4.83
CA GLN C 63 22.97 0.69 -4.73
C GLN C 63 22.83 1.41 -6.07
N SER C 64 21.67 1.26 -6.69
CA SER C 64 21.45 1.69 -8.05
C SER C 64 21.96 3.11 -8.29
N GLN C 65 21.50 4.06 -7.50
CA GLN C 65 21.87 5.48 -7.75
C GLN C 65 23.30 5.74 -7.46
N ALA C 66 23.89 5.03 -6.50
CA ALA C 66 25.32 5.25 -6.16
C ALA C 66 26.13 4.80 -7.38
N ILE C 67 25.70 3.68 -7.92
CA ILE C 67 26.39 3.12 -9.14
C ILE C 67 26.28 4.06 -10.34
N CYS C 68 25.06 4.56 -10.58
CA CYS C 68 24.81 5.36 -11.77
C CYS C 68 25.59 6.65 -11.66
N ARG C 69 25.56 7.30 -10.46
CA ARG C 69 26.31 8.51 -10.26
C ARG C 69 27.79 8.33 -10.43
N TYR C 70 28.28 7.26 -9.88
CA TYR C 70 29.70 6.88 -9.99
C TYR C 70 30.11 6.77 -11.49
N LEU C 71 29.34 5.99 -12.24
CA LEU C 71 29.62 5.81 -13.66
C LEU C 71 29.50 7.11 -14.42
N ALA C 72 28.43 7.86 -14.17
CA ALA C 72 28.16 9.08 -14.83
C ALA C 72 29.28 10.09 -14.58
N LYS C 73 29.78 10.17 -13.35
CA LYS C 73 30.91 11.06 -13.10
C LYS C 73 32.16 10.57 -13.91
N THR C 74 32.39 9.26 -13.96
CA THR C 74 33.55 8.69 -14.62
C THR C 74 33.55 9.07 -16.09
N PHE C 75 32.35 9.05 -16.70
CA PHE C 75 32.23 9.22 -18.15
C PHE C 75 31.71 10.57 -18.63
N GLY C 76 31.35 11.47 -17.72
CA GLY C 76 31.04 12.86 -18.04
C GLY C 76 29.56 13.20 -18.16
N PHE C 77 28.73 12.39 -17.52
CA PHE C 77 27.27 12.55 -17.63
C PHE C 77 26.64 12.94 -16.30
N ALA C 78 27.36 13.69 -15.47
CA ALA C 78 26.89 14.08 -14.15
C ALA C 78 27.00 15.59 -13.94
N GLY C 79 26.80 16.37 -14.99
CA GLY C 79 26.84 17.78 -14.90
C GLY C 79 28.23 18.37 -15.09
N ALA C 80 28.23 19.68 -15.27
CA ALA C 80 29.47 20.39 -15.58
C ALA C 80 30.14 21.06 -14.38
N THR C 81 29.38 21.21 -13.31
CA THR C 81 29.86 21.85 -12.06
C THR C 81 29.27 21.08 -10.87
N PRO C 82 29.88 21.27 -9.71
CA PRO C 82 29.34 20.66 -8.51
C PRO C 82 27.86 20.97 -8.26
N PHE C 83 27.43 22.21 -8.53
CA PHE C 83 26.00 22.56 -8.34
C PHE C 83 25.06 21.84 -9.33
N GLU C 84 25.52 21.71 -10.56
CA GLU C 84 24.72 20.98 -11.54
C GLU C 84 24.63 19.50 -11.10
N SER C 85 25.72 18.88 -10.65
CA SER C 85 25.65 17.52 -10.21
C SER C 85 24.67 17.36 -9.05
N ALA C 86 24.58 18.37 -8.21
CA ALA C 86 23.70 18.29 -7.06
C ALA C 86 22.22 18.48 -7.52
N LEU C 87 21.99 19.30 -8.54
CA LEU C 87 20.64 19.42 -9.11
C LEU C 87 20.20 18.15 -9.74
N ILE C 88 21.10 17.50 -10.49
CA ILE C 88 20.85 16.19 -11.07
C ILE C 88 20.51 15.18 -9.93
N ASP C 89 21.33 15.16 -8.90
CA ASP C 89 21.00 14.37 -7.70
C ASP C 89 19.60 14.59 -7.15
N SER C 90 19.23 15.84 -7.03
CA SER C 90 17.94 16.28 -6.43
C SER C 90 16.81 15.71 -7.25
N LEU C 91 16.94 15.73 -8.58
CA LEU C 91 15.89 15.19 -9.42
C LEU C 91 15.81 13.65 -9.32
N ALA C 92 16.96 12.99 -9.21
CA ALA C 92 16.99 11.53 -9.12
C ALA C 92 16.37 11.14 -7.76
N ASP C 93 16.57 11.98 -6.75
CA ASP C 93 15.98 11.72 -5.44
C ASP C 93 14.43 11.95 -5.47
N ALA C 94 14.01 13.03 -6.10
CA ALA C 94 12.60 13.23 -6.37
C ALA C 94 11.98 12.00 -7.12
N TYR C 95 12.68 11.47 -8.09
CA TYR C 95 12.25 10.32 -8.83
C TYR C 95 12.05 9.15 -7.86
N THR C 96 13.03 8.89 -7.01
CA THR C 96 12.90 7.80 -6.00
C THR C 96 11.71 8.04 -5.03
N ASP C 97 11.45 9.28 -4.59
CA ASP C 97 10.26 9.57 -3.76
C ASP C 97 8.98 9.25 -4.50
N TYR C 98 8.91 9.67 -5.76
CA TYR C 98 7.78 9.37 -6.62
C TYR C 98 7.58 7.86 -6.85
N ARG C 99 8.66 7.12 -7.07
CA ARG C 99 8.53 5.68 -7.20
C ARG C 99 8.10 4.98 -5.91
N ALA C 100 8.41 5.56 -4.75
CA ALA C 100 7.90 5.01 -3.50
C ALA C 100 6.41 5.31 -3.41
N GLU C 101 6.03 6.53 -3.81
CA GLU C 101 4.62 6.97 -3.77
C GLU C 101 3.73 6.12 -4.65
N MET C 102 4.26 5.64 -5.78
CA MET C 102 3.46 4.81 -6.68
C MET C 102 3.84 3.34 -6.80
N LYS C 103 4.58 2.81 -5.82
CA LYS C 103 5.00 1.39 -5.80
C LYS C 103 3.86 0.36 -5.88
N THR C 104 2.74 0.69 -5.24
CA THR C 104 1.60 -0.23 -5.24
C THR C 104 1.12 -0.44 -6.68
N TYR C 105 1.29 0.55 -7.57
CA TYR C 105 1.06 0.29 -8.99
C TYR C 105 2.15 -0.61 -9.58
N TYR C 106 3.41 -0.25 -9.32
CA TYR C 106 4.55 -1.00 -9.86
C TYR C 106 4.38 -2.50 -9.55
N LYS C 119 -7.42 0.09 -10.69
CA LYS C 119 -7.48 1.03 -9.58
C LYS C 119 -6.09 1.41 -9.07
N PRO C 120 -5.17 0.43 -9.00
CA PRO C 120 -3.73 0.72 -8.80
C PRO C 120 -3.06 1.53 -9.92
N LYS C 121 -3.83 2.09 -10.85
CA LYS C 121 -3.30 3.00 -11.88
C LYS C 121 -4.07 4.32 -11.87
N THR C 122 -5.38 4.27 -11.61
CA THR C 122 -6.14 5.52 -11.50
C THR C 122 -5.93 6.17 -10.10
N ASP C 123 -5.94 5.35 -9.05
CA ASP C 123 -5.87 5.84 -7.67
C ASP C 123 -4.46 6.16 -7.16
N VAL C 124 -3.43 5.63 -7.79
CA VAL C 124 -2.07 5.83 -7.27
C VAL C 124 -1.11 6.41 -8.33
N LEU C 125 -1.02 5.77 -9.49
CA LEU C 125 -0.09 6.18 -10.56
C LEU C 125 -0.36 7.62 -11.03
N LEU C 126 -1.57 7.88 -11.53
CA LEU C 126 -1.86 9.18 -12.15
C LEU C 126 -1.72 10.37 -11.19
N PRO C 127 -2.21 10.31 -9.95
CA PRO C 127 -1.91 11.40 -8.97
C PRO C 127 -0.43 11.62 -8.68
N ALA C 128 0.29 10.52 -8.55
CA ALA C 128 1.73 10.58 -8.28
C ALA C 128 2.47 11.18 -9.46
N ARG C 129 2.12 10.79 -10.69
CA ARG C 129 2.88 11.34 -11.84
C ARG C 129 2.47 12.76 -12.13
N THR C 130 1.24 13.14 -11.75
CA THR C 130 0.85 14.56 -11.85
C THR C 130 1.83 15.47 -11.10
N LYS C 131 2.04 15.15 -9.84
CA LYS C 131 2.93 15.91 -9.00
C LYS C 131 4.38 15.79 -9.53
N PHE C 132 4.83 14.57 -9.84
CA PHE C 132 6.23 14.37 -10.23
C PHE C 132 6.51 14.96 -11.62
N LEU C 133 5.66 14.64 -12.59
CA LEU C 133 5.83 15.20 -13.96
C LEU C 133 5.65 16.75 -13.94
N GLY C 134 4.91 17.27 -12.99
CA GLY C 134 4.73 18.72 -12.87
C GLY C 134 6.04 19.35 -12.44
N PHE C 135 6.68 18.72 -11.44
CA PHE C 135 8.04 19.09 -11.01
C PHE C 135 9.05 18.99 -12.14
N ILE C 136 9.05 17.87 -12.87
CA ILE C 136 10.01 17.65 -13.97
C ILE C 136 9.87 18.73 -15.03
N THR C 137 8.63 19.11 -15.28
CA THR C 137 8.28 19.98 -16.38
C THR C 137 8.82 21.36 -16.08
N LYS C 138 8.80 21.71 -14.81
CA LYS C 138 9.32 22.98 -14.32
C LYS C 138 10.79 23.11 -14.62
N PHE C 139 11.51 22.03 -14.34
CA PHE C 139 12.93 21.94 -14.68
C PHE C 139 13.19 22.01 -16.18
N LEU C 140 12.42 21.26 -16.98
CA LEU C 140 12.56 21.29 -18.45
C LEU C 140 12.35 22.67 -19.04
N LYS C 141 11.30 23.32 -18.59
CA LYS C 141 10.96 24.61 -19.23
C LYS C 141 11.93 25.69 -18.84
N LYS C 142 12.54 25.57 -17.66
CA LYS C 142 13.57 26.49 -17.20
C LYS C 142 14.93 26.35 -17.97
N ASN C 143 15.09 25.24 -18.68
CA ASN C 143 16.34 24.91 -19.35
C ASN C 143 16.19 24.87 -20.86
N SER C 144 16.86 25.76 -21.57
CA SER C 144 16.69 25.84 -23.05
C SER C 144 17.37 24.73 -23.85
N SER C 145 18.20 23.90 -23.19
CA SER C 145 18.94 22.85 -23.87
C SER C 145 18.14 21.62 -24.24
N GLY C 146 17.03 21.40 -23.58
CA GLY C 146 16.29 20.15 -23.75
C GLY C 146 16.54 19.07 -22.73
N PHE C 147 17.55 19.29 -21.89
CA PHE C 147 17.93 18.34 -20.82
C PHE C 147 17.39 18.83 -19.50
N LEU C 148 17.36 17.96 -18.51
CA LEU C 148 16.86 18.38 -17.21
C LEU C 148 17.74 19.40 -16.54
N VAL C 149 19.06 19.19 -16.60
CA VAL C 149 20.03 20.07 -15.93
C VAL C 149 21.18 20.32 -16.89
N GLY C 150 21.49 21.60 -17.04
CA GLY C 150 22.64 21.97 -17.81
C GLY C 150 22.47 21.77 -19.28
N ASP C 151 23.58 21.82 -19.99
CA ASP C 151 23.49 21.77 -21.43
C ASP C 151 23.86 20.46 -22.10
N LYS C 152 23.95 19.40 -21.31
CA LYS C 152 24.38 18.11 -21.78
C LYS C 152 23.58 17.04 -21.09
N ILE C 153 23.42 15.90 -21.78
CA ILE C 153 22.74 14.74 -21.20
C ILE C 153 23.40 14.32 -19.91
N SER C 154 22.56 13.88 -18.98
CA SER C 154 23.04 13.38 -17.74
C SER C 154 22.30 12.10 -17.38
N TRP C 155 22.82 11.43 -16.35
CA TRP C 155 22.23 10.11 -15.95
C TRP C 155 20.76 10.21 -15.50
N VAL C 156 20.39 11.33 -14.93
CA VAL C 156 18.96 11.55 -14.56
C VAL C 156 18.08 11.74 -15.80
N ASP C 157 18.61 12.31 -16.88
CA ASP C 157 17.85 12.23 -18.14
C ASP C 157 17.56 10.79 -18.53
N LEU C 158 18.58 9.93 -18.52
CA LEU C 158 18.37 8.55 -18.81
C LEU C 158 17.32 7.88 -17.92
N LEU C 159 17.46 8.12 -16.62
CA LEU C 159 16.63 7.54 -15.63
C LEU C 159 15.16 7.93 -15.88
N VAL C 160 14.92 9.21 -15.99
CA VAL C 160 13.54 9.68 -16.20
C VAL C 160 12.94 9.21 -17.54
N ALA C 161 13.67 9.39 -18.61
CA ALA C 161 13.21 9.03 -19.93
C ALA C 161 12.85 7.55 -19.98
N GLU C 162 13.69 6.71 -19.38
CA GLU C 162 13.41 5.28 -19.40
C GLU C 162 12.10 4.93 -18.69
N HIS C 163 11.88 5.57 -17.55
CA HIS C 163 10.66 5.32 -16.79
C HIS C 163 9.44 5.82 -17.52
N VAL C 164 9.55 7.03 -18.04
CA VAL C 164 8.41 7.59 -18.83
C VAL C 164 8.08 6.71 -20.02
N ALA C 165 9.11 6.19 -20.70
CA ALA C 165 8.88 5.33 -21.83
C ALA C 165 8.16 4.05 -21.44
N ASP C 166 8.66 3.44 -20.37
CA ASP C 166 8.04 2.30 -19.73
C ASP C 166 6.60 2.53 -19.37
N MET C 167 6.31 3.62 -18.65
CA MET C 167 4.98 3.81 -18.10
C MET C 167 3.99 4.17 -19.20
N THR C 168 4.46 4.83 -20.23
CA THR C 168 3.57 5.18 -21.33
C THR C 168 3.29 4.01 -22.24
N ASN C 169 4.21 3.06 -22.35
CA ASN C 169 3.88 1.78 -22.97
C ASN C 169 2.82 1.00 -22.18
N ARG C 170 2.94 0.98 -20.86
CA ARG C 170 1.95 0.27 -20.03
C ARG C 170 0.60 1.00 -19.88
N VAL C 171 0.64 2.33 -19.85
CA VAL C 171 -0.52 3.24 -19.63
C VAL C 171 -0.36 4.46 -20.57
N PRO C 172 -0.95 4.37 -21.76
CA PRO C 172 -0.86 5.44 -22.77
C PRO C 172 -1.14 6.84 -22.26
N GLU C 173 -2.08 6.99 -21.35
CA GLU C 173 -2.45 8.27 -20.82
C GLU C 173 -1.42 8.79 -19.81
N TYR C 174 -0.40 8.01 -19.50
CA TYR C 174 0.58 8.47 -18.51
C TYR C 174 1.12 9.86 -18.88
N ILE C 175 1.41 10.04 -20.16
CA ILE C 175 2.05 11.25 -20.67
C ILE C 175 1.11 12.39 -20.98
N GLU C 176 -0.18 12.13 -20.87
CA GLU C 176 -1.13 13.16 -21.24
C GLU C 176 -1.04 14.34 -20.31
N GLY C 177 -0.96 15.54 -20.89
CA GLY C 177 -0.83 16.78 -20.12
C GLY C 177 0.60 17.25 -19.98
N PHE C 178 1.53 16.42 -20.42
CA PHE C 178 2.99 16.69 -20.21
C PHE C 178 3.79 16.58 -21.49
N PRO C 179 3.58 17.50 -22.42
CA PRO C 179 4.24 17.49 -23.73
C PRO C 179 5.78 17.70 -23.66
N GLU C 180 6.24 18.52 -22.72
CA GLU C 180 7.68 18.74 -22.58
C GLU C 180 8.37 17.47 -22.11
N VAL C 181 7.74 16.77 -21.17
CA VAL C 181 8.23 15.45 -20.73
C VAL C 181 8.26 14.44 -21.89
N LYS C 182 7.24 14.40 -22.71
CA LYS C 182 7.19 13.52 -23.87
C LYS C 182 8.34 13.79 -24.85
N ALA C 183 8.59 15.06 -25.11
CA ALA C 183 9.68 15.47 -26.02
C ALA C 183 11.04 15.11 -25.46
N HIS C 184 11.20 15.30 -24.16
CA HIS C 184 12.42 14.84 -23.43
C HIS C 184 12.61 13.35 -23.60
N MET C 185 11.57 12.58 -23.34
CA MET C 185 11.70 11.13 -23.46
C MET C 185 12.19 10.74 -24.83
N GLU C 186 11.57 11.32 -25.85
CA GLU C 186 11.97 11.09 -27.25
C GLU C 186 13.41 11.49 -27.55
N ARG C 187 13.78 12.67 -27.10
CA ARG C 187 15.14 13.18 -27.29
C ARG C 187 16.15 12.19 -26.71
N ILE C 188 15.87 11.74 -25.50
CA ILE C 188 16.87 10.95 -24.78
C ILE C 188 16.91 9.57 -25.41
N GLN C 189 15.75 9.01 -25.64
CA GLN C 189 15.69 7.63 -26.14
C GLN C 189 16.12 7.48 -27.59
N GLN C 190 16.18 8.60 -28.31
CA GLN C 190 16.60 8.59 -29.69
C GLN C 190 18.06 8.94 -29.81
N THR C 191 18.73 9.25 -28.70
CA THR C 191 20.17 9.46 -28.70
C THR C 191 20.85 8.21 -29.24
N PRO C 192 21.70 8.31 -30.26
CA PRO C 192 22.12 7.11 -31.02
C PRO C 192 22.57 5.88 -30.23
N ARG C 193 23.48 6.06 -29.28
CA ARG C 193 23.94 4.93 -28.45
C ARG C 193 22.83 4.36 -27.55
N ILE C 194 21.89 5.20 -27.13
CA ILE C 194 20.75 4.75 -26.29
C ILE C 194 19.73 4.02 -27.16
N LYS C 195 19.40 4.59 -28.33
CA LYS C 195 18.52 3.91 -29.29
C LYS C 195 19.08 2.55 -29.67
N LYS C 196 20.39 2.44 -29.91
CA LYS C 196 21.01 1.18 -30.27
C LYS C 196 20.92 0.17 -29.16
N TRP C 197 21.20 0.61 -27.94
CA TRP C 197 21.00 -0.26 -26.76
C TRP C 197 19.56 -0.75 -26.60
N ILE C 198 18.58 0.15 -26.71
CA ILE C 198 17.18 -0.23 -26.58
C ILE C 198 16.76 -1.25 -27.62
N GLU C 199 17.34 -1.15 -28.81
CA GLU C 199 17.07 -2.09 -29.89
C GLU C 199 17.68 -3.46 -29.66
N THR C 200 18.80 -3.52 -28.93
CA THR C 200 19.57 -4.75 -28.82
C THR C 200 19.54 -5.41 -27.46
N ARG C 201 19.07 -4.68 -26.46
CA ARG C 201 18.99 -5.23 -25.07
C ARG C 201 17.97 -6.39 -24.99
N PRO C 202 18.17 -7.30 -24.04
CA PRO C 202 17.23 -8.38 -23.84
C PRO C 202 15.81 -7.88 -23.59
N GLU C 203 14.83 -8.54 -24.19
CA GLU C 203 13.43 -8.19 -23.96
C GLU C 203 13.01 -8.86 -22.67
N THR C 204 12.61 -8.07 -21.68
CA THR C 204 12.18 -8.58 -20.40
C THR C 204 10.87 -7.92 -19.94
N PRO C 205 10.11 -8.60 -19.08
CA PRO C 205 8.85 -8.04 -18.57
C PRO C 205 9.00 -6.93 -17.54
N PHE C 206 10.20 -6.75 -17.01
CA PHE C 206 10.45 -5.59 -16.17
C PHE C 206 11.88 -5.09 -16.43
N MET D 1 31.07 37.33 0.56
CA MET D 1 31.45 35.92 0.74
C MET D 1 30.23 35.06 0.42
N VAL D 2 30.50 33.82 0.10
CA VAL D 2 29.40 32.89 -0.25
C VAL D 2 28.34 32.84 0.84
N HIS D 3 27.06 32.80 0.44
CA HIS D 3 25.95 32.89 1.39
C HIS D 3 25.15 31.61 1.29
N TYR D 4 25.09 30.88 2.40
CA TYR D 4 24.38 29.63 2.48
C TYR D 4 23.16 29.83 3.33
N LYS D 5 22.03 29.37 2.83
CA LYS D 5 20.80 29.42 3.63
C LYS D 5 20.18 28.00 3.64
N LEU D 6 19.88 27.47 4.82
CA LEU D 6 19.25 26.14 4.93
C LEU D 6 17.88 26.33 5.53
N THR D 7 16.85 25.91 4.81
CA THR D 7 15.50 26.03 5.24
C THR D 7 14.95 24.65 5.61
N TYR D 8 14.35 24.55 6.77
CA TYR D 8 13.76 23.30 7.26
C TYR D 8 12.85 23.60 8.43
N PHE D 9 12.20 22.57 8.94
CA PHE D 9 11.40 22.67 10.20
C PHE D 9 12.20 22.84 11.51
N ASN D 10 11.53 23.10 12.61
CA ASN D 10 12.26 23.35 13.84
C ASN D 10 12.58 22.02 14.51
N GLY D 11 13.57 21.33 13.95
CA GLY D 11 14.03 20.03 14.46
C GLY D 11 15.30 19.55 13.78
N ARG D 12 15.73 18.35 14.12
CA ARG D 12 16.95 17.80 13.51
C ARG D 12 16.51 17.13 12.22
N GLY D 13 15.76 16.04 12.34
CA GLY D 13 15.19 15.36 11.19
C GLY D 13 16.11 15.39 10.00
N ALA D 14 15.53 15.69 8.84
CA ALA D 14 16.19 15.63 7.55
C ALA D 14 17.13 16.80 7.21
N GLY D 15 17.14 17.87 8.00
CA GLY D 15 18.08 18.94 7.77
C GLY D 15 19.34 18.77 8.61
N GLU D 16 19.33 17.87 9.58
CA GLU D 16 20.41 17.82 10.56
C GLU D 16 21.76 17.45 9.98
N CYS D 17 21.80 16.52 9.04
CA CYS D 17 23.06 16.16 8.45
C CYS D 17 23.73 17.37 7.78
N ALA D 18 22.95 18.13 7.02
CA ALA D 18 23.48 19.35 6.43
C ALA D 18 24.04 20.32 7.48
N ARG D 19 23.31 20.50 8.58
CA ARG D 19 23.79 21.36 9.66
C ARG D 19 25.11 20.90 10.24
N GLN D 20 25.26 19.58 10.31
CA GLN D 20 26.50 19.01 10.81
C GLN D 20 27.68 19.09 9.85
N VAL D 21 27.41 19.03 8.54
CA VAL D 21 28.44 19.23 7.54
C VAL D 21 28.97 20.68 7.70
N PHE D 22 28.04 21.62 7.79
CA PHE D 22 28.42 23.04 8.05
C PHE D 22 29.27 23.23 9.32
N ALA D 23 28.94 22.51 10.39
CA ALA D 23 29.65 22.66 11.65
C ALA D 23 31.03 22.08 11.44
N LEU D 24 31.14 20.90 10.82
CA LEU D 24 32.45 20.34 10.56
C LEU D 24 33.33 21.28 9.77
N ALA D 25 32.72 22.03 8.86
CA ALA D 25 33.46 22.94 7.99
C ALA D 25 33.69 24.30 8.62
N ASP D 26 33.15 24.51 9.79
CA ASP D 26 33.10 25.84 10.42
C ASP D 26 32.58 26.90 9.40
N GLN D 27 31.52 26.52 8.69
CA GLN D 27 30.88 27.40 7.73
C GLN D 27 29.64 28.01 8.33
N LYS D 28 29.58 29.35 8.27
CA LYS D 28 28.42 30.13 8.66
C LYS D 28 27.29 29.97 7.69
N TYR D 29 26.07 29.88 8.21
CA TYR D 29 24.89 29.72 7.35
C TYR D 29 23.65 30.22 8.04
N GLU D 30 22.66 30.60 7.24
CA GLU D 30 21.43 31.07 7.82
C GLU D 30 20.65 29.78 8.04
N ASP D 31 20.41 29.47 9.33
CA ASP D 31 19.63 28.30 9.72
C ASP D 31 18.20 28.76 9.90
N VAL D 32 17.42 28.70 8.81
CA VAL D 32 16.02 29.10 8.84
C VAL D 32 15.20 27.89 9.26
N ARG D 33 14.51 28.05 10.36
CA ARG D 33 13.64 27.01 10.96
C ARG D 33 12.17 27.40 10.93
N LEU D 34 11.40 26.68 10.13
CA LEU D 34 9.97 26.89 9.98
C LEU D 34 9.15 26.00 10.93
N THR D 35 8.00 26.52 11.32
CA THR D 35 6.97 25.73 11.94
C THR D 35 5.99 25.40 10.82
N GLN D 36 5.09 24.44 11.04
CA GLN D 36 4.19 24.04 9.99
C GLN D 36 3.42 25.20 9.37
N GLU D 37 3.04 26.19 10.20
CA GLU D 37 2.24 27.32 9.75
C GLU D 37 2.98 28.24 8.80
N THR D 38 4.25 28.55 9.09
CA THR D 38 5.06 29.30 8.11
C THR D 38 5.44 28.47 6.89
N PHE D 39 5.44 27.14 7.00
CA PHE D 39 5.76 26.29 5.86
C PHE D 39 4.63 26.28 4.82
N VAL D 40 3.37 26.23 5.29
CA VAL D 40 2.24 26.05 4.37
C VAL D 40 2.30 27.02 3.20
N PRO D 41 2.36 28.31 3.48
CA PRO D 41 2.38 29.29 2.40
C PRO D 41 3.58 29.20 1.46
N LEU D 42 4.71 28.63 1.92
CA LEU D 42 5.94 28.61 1.16
C LEU D 42 6.09 27.38 0.27
N LYS D 43 5.23 26.37 0.46
CA LYS D 43 5.41 25.07 -0.20
C LYS D 43 5.72 25.20 -1.69
N ALA D 44 4.97 26.05 -2.39
CA ALA D 44 5.11 26.18 -3.84
C ALA D 44 6.40 26.91 -4.26
N THR D 45 7.06 27.55 -3.29
CA THR D 45 8.35 28.20 -3.57
C THR D 45 9.51 27.19 -3.57
N PHE D 46 9.28 25.93 -3.15
CA PHE D 46 10.43 24.94 -3.08
C PHE D 46 10.41 23.98 -4.25
N PRO D 47 11.56 23.46 -4.69
CA PRO D 47 11.60 22.70 -5.94
C PRO D 47 10.60 21.56 -6.07
N PHE D 48 10.42 20.80 -5.00
CA PHE D 48 9.54 19.64 -4.98
C PHE D 48 8.51 19.80 -3.85
N GLY D 49 8.21 21.04 -3.47
CA GLY D 49 7.19 21.36 -2.45
C GLY D 49 7.55 20.89 -1.06
N GLN D 50 8.84 20.65 -0.81
CA GLN D 50 9.31 20.13 0.47
C GLN D 50 10.56 20.76 0.98
N VAL D 51 10.85 20.43 2.23
CA VAL D 51 11.99 20.96 2.92
C VAL D 51 12.80 19.69 3.37
N PRO D 52 14.13 19.73 3.44
CA PRO D 52 14.97 20.92 3.45
C PRO D 52 15.30 21.41 2.05
N VAL D 53 15.73 22.65 2.00
CA VAL D 53 16.17 23.28 0.80
C VAL D 53 17.30 24.20 1.19
N LEU D 54 18.36 24.09 0.40
CA LEU D 54 19.57 24.85 0.58
C LEU D 54 19.51 25.93 -0.48
N GLU D 55 19.91 27.15 -0.14
CA GLU D 55 20.19 28.21 -1.13
C GLU D 55 21.66 28.55 -1.01
N VAL D 56 22.31 28.57 -2.16
CA VAL D 56 23.71 28.90 -2.28
C VAL D 56 23.77 30.15 -3.15
N ASP D 57 24.11 31.29 -2.56
CA ASP D 57 24.03 32.55 -3.28
C ASP D 57 22.70 32.70 -3.99
N GLY D 58 21.62 32.39 -3.28
CA GLY D 58 20.29 32.51 -3.80
C GLY D 58 19.71 31.43 -4.67
N GLN D 59 20.53 30.45 -5.04
CA GLN D 59 20.06 29.35 -5.87
C GLN D 59 19.61 28.17 -5.02
N GLN D 60 18.43 27.62 -5.34
CA GLN D 60 17.86 26.54 -4.57
C GLN D 60 18.33 25.15 -4.99
N LEU D 61 18.52 24.34 -3.99
CA LEU D 61 18.86 22.89 -4.14
C LEU D 61 18.05 22.13 -3.05
N ALA D 62 17.14 21.26 -3.49
CA ALA D 62 16.34 20.40 -2.61
C ALA D 62 16.93 19.00 -2.45
N GLN D 63 16.33 18.29 -1.49
CA GLN D 63 16.46 16.88 -1.18
C GLN D 63 17.66 16.65 -0.26
N SER D 64 17.40 16.09 0.91
CA SER D 64 18.43 16.06 1.97
C SER D 64 19.74 15.47 1.52
N GLN D 65 19.74 14.29 0.90
CA GLN D 65 21.01 13.64 0.55
C GLN D 65 21.75 14.42 -0.55
N ALA D 66 21.01 14.96 -1.50
CA ALA D 66 21.59 15.79 -2.56
C ALA D 66 22.31 17.01 -1.93
N ILE D 67 21.65 17.64 -0.93
CA ILE D 67 22.22 18.78 -0.18
C ILE D 67 23.44 18.40 0.62
N CYS D 68 23.36 17.30 1.38
CA CYS D 68 24.51 16.82 2.17
C CYS D 68 25.68 16.50 1.28
N ARG D 69 25.46 15.73 0.21
CA ARG D 69 26.55 15.39 -0.67
C ARG D 69 27.19 16.63 -1.24
N TYR D 70 26.37 17.57 -1.69
CA TYR D 70 26.85 18.80 -2.28
C TYR D 70 27.77 19.54 -1.30
N LEU D 71 27.26 19.72 -0.09
CA LEU D 71 28.02 20.41 0.95
C LEU D 71 29.28 19.70 1.35
N ALA D 72 29.16 18.39 1.46
CA ALA D 72 30.31 17.61 1.83
C ALA D 72 31.42 17.70 0.75
N LYS D 73 31.07 17.64 -0.51
CA LYS D 73 32.04 17.75 -1.63
C LYS D 73 32.69 19.11 -1.60
N THR D 74 31.89 20.10 -1.28
CA THR D 74 32.33 21.50 -1.22
C THR D 74 33.41 21.65 -0.16
N PHE D 75 33.18 21.04 1.01
CA PHE D 75 34.08 21.16 2.18
C PHE D 75 35.13 20.08 2.42
N GLY D 76 35.06 18.97 1.70
CA GLY D 76 36.09 17.98 1.78
C GLY D 76 35.71 16.79 2.66
N PHE D 77 34.40 16.52 2.76
CA PHE D 77 33.92 15.39 3.54
C PHE D 77 33.13 14.34 2.77
N ALA D 78 33.52 14.10 1.52
CA ALA D 78 32.83 13.10 0.70
C ALA D 78 33.84 12.16 0.08
N GLY D 79 34.85 11.83 0.84
CA GLY D 79 35.87 10.88 0.44
C GLY D 79 37.04 11.49 -0.31
N ALA D 80 38.07 10.68 -0.53
CA ALA D 80 39.32 11.13 -1.08
C ALA D 80 39.39 10.90 -2.59
N THR D 81 38.57 9.98 -3.09
CA THR D 81 38.62 9.54 -4.49
C THR D 81 37.17 9.38 -4.97
N PRO D 82 36.97 9.35 -6.27
CA PRO D 82 35.64 9.05 -6.79
C PRO D 82 34.99 7.77 -6.26
N PHE D 83 35.77 6.69 -6.14
CA PHE D 83 35.22 5.43 -5.65
C PHE D 83 34.84 5.55 -4.19
N GLU D 84 35.67 6.21 -3.40
CA GLU D 84 35.31 6.47 -1.97
C GLU D 84 34.01 7.28 -1.87
N SER D 85 33.85 8.30 -2.71
CA SER D 85 32.61 9.08 -2.70
C SER D 85 31.41 8.19 -3.02
N ALA D 86 31.58 7.27 -3.91
CA ALA D 86 30.51 6.36 -4.32
C ALA D 86 30.18 5.38 -3.20
N LEU D 87 31.19 4.85 -2.53
CA LEU D 87 30.93 3.95 -1.36
C LEU D 87 30.17 4.68 -0.30
N ILE D 88 30.55 5.92 -0.06
CA ILE D 88 29.86 6.75 0.92
C ILE D 88 28.38 6.86 0.51
N ASP D 89 28.17 7.21 -0.73
CA ASP D 89 26.82 7.28 -1.32
C ASP D 89 26.09 5.94 -1.06
N SER D 90 26.75 4.82 -1.31
CA SER D 90 26.02 3.57 -1.23
C SER D 90 25.57 3.33 0.21
N LEU D 91 26.35 3.75 1.22
CA LEU D 91 25.99 3.58 2.63
C LEU D 91 24.81 4.46 2.93
N ALA D 92 24.85 5.69 2.42
CA ALA D 92 23.75 6.61 2.65
C ALA D 92 22.47 6.09 2.03
N ASP D 93 22.55 5.42 0.88
CA ASP D 93 21.40 4.83 0.25
C ASP D 93 20.90 3.63 1.05
N ALA D 94 21.82 2.76 1.47
CA ALA D 94 21.46 1.66 2.38
C ALA D 94 20.75 2.19 3.64
N TYR D 95 21.27 3.29 4.18
CA TYR D 95 20.64 3.92 5.32
C TYR D 95 19.16 4.31 5.04
N THR D 96 18.88 4.90 3.86
CA THR D 96 17.51 5.24 3.48
C THR D 96 16.62 4.02 3.38
N ASP D 97 17.16 2.99 2.75
CA ASP D 97 16.46 1.71 2.63
C ASP D 97 16.03 1.19 4.02
N TYR D 98 16.98 1.25 4.96
CA TYR D 98 16.76 0.79 6.30
C TYR D 98 15.71 1.64 6.95
N ARG D 99 15.78 2.95 6.78
CA ARG D 99 14.82 3.87 7.42
C ARG D 99 13.37 3.64 7.00
N ALA D 100 13.14 3.30 5.75
CA ALA D 100 11.82 2.85 5.33
C ALA D 100 11.35 1.63 6.16
N GLU D 101 12.24 0.65 6.33
CA GLU D 101 11.92 -0.58 7.09
C GLU D 101 11.47 -0.37 8.55
N MET D 102 12.00 0.64 9.23
CA MET D 102 11.68 0.87 10.66
C MET D 102 10.87 2.17 10.88
N LYS D 103 10.24 2.66 9.80
CA LYS D 103 9.47 3.92 9.85
C LYS D 103 8.36 3.86 10.90
N THR D 104 7.71 2.71 11.02
CA THR D 104 6.77 2.49 12.11
C THR D 104 7.59 2.09 13.33
N TYR D 105 8.24 3.08 13.94
CA TYR D 105 8.73 2.90 15.28
C TYR D 105 8.68 4.24 16.02
N ASP D 118 8.13 0.14 21.09
CA ASP D 118 7.85 -0.92 22.07
C ASP D 118 7.49 -2.25 21.38
N LYS D 119 6.20 -2.46 21.09
CA LYS D 119 5.76 -3.44 20.10
C LYS D 119 6.45 -3.21 18.71
N PRO D 120 6.41 -1.99 18.16
CA PRO D 120 7.24 -1.66 16.98
C PRO D 120 8.74 -1.78 17.25
N LYS D 121 9.17 -1.49 18.48
CA LYS D 121 10.58 -1.65 18.88
C LYS D 121 10.98 -3.11 18.68
N THR D 122 10.23 -4.03 19.27
CA THR D 122 10.60 -5.43 19.18
C THR D 122 10.35 -6.05 17.79
N ASP D 123 9.31 -5.61 17.08
CA ASP D 123 8.92 -6.31 15.85
C ASP D 123 9.58 -5.77 14.56
N VAL D 124 9.73 -4.46 14.45
CA VAL D 124 10.31 -3.88 13.23
C VAL D 124 11.71 -3.27 13.46
N LEU D 125 11.88 -2.50 14.54
CA LEU D 125 13.14 -1.80 14.77
C LEU D 125 14.31 -2.76 14.93
N LEU D 126 14.21 -3.70 15.88
CA LEU D 126 15.36 -4.53 16.18
C LEU D 126 15.76 -5.46 15.03
N PRO D 127 14.80 -6.10 14.35
CA PRO D 127 15.15 -6.81 13.11
C PRO D 127 15.75 -5.91 12.01
N ALA D 128 15.12 -4.77 11.78
CA ALA D 128 15.68 -3.78 10.84
C ALA D 128 17.12 -3.45 11.18
N ARG D 129 17.41 -3.15 12.44
CA ARG D 129 18.75 -2.73 12.75
C ARG D 129 19.70 -3.93 12.73
N THR D 130 19.27 -5.15 13.06
CA THR D 130 20.34 -6.19 12.93
C THR D 130 20.81 -6.35 11.48
N LYS D 131 19.90 -6.22 10.51
CA LYS D 131 20.22 -6.30 9.09
C LYS D 131 21.15 -5.16 8.68
N PHE D 132 20.68 -3.94 8.90
CA PHE D 132 21.46 -2.76 8.55
C PHE D 132 22.78 -2.64 9.30
N LEU D 133 22.75 -2.79 10.62
CA LEU D 133 24.00 -2.60 11.38
C LEU D 133 24.96 -3.72 11.04
N GLY D 134 24.47 -4.89 10.69
CA GLY D 134 25.37 -5.93 10.21
C GLY D 134 26.11 -5.50 8.93
N PHE D 135 25.42 -4.86 8.02
CA PHE D 135 26.03 -4.43 6.78
C PHE D 135 27.12 -3.39 7.09
N ILE D 136 26.79 -2.43 7.95
CA ILE D 136 27.69 -1.32 8.28
C ILE D 136 28.88 -1.84 9.00
N THR D 137 28.67 -2.84 9.84
CA THR D 137 29.77 -3.36 10.62
C THR D 137 30.84 -3.92 9.72
N LYS D 138 30.47 -4.50 8.58
CA LYS D 138 31.42 -5.08 7.65
C LYS D 138 32.34 -3.96 7.13
N PHE D 139 31.76 -2.79 6.90
CA PHE D 139 32.54 -1.65 6.39
C PHE D 139 33.50 -1.12 7.48
N LEU D 140 32.96 -0.99 8.70
CA LEU D 140 33.82 -0.65 9.84
C LEU D 140 34.99 -1.59 10.08
N LYS D 141 34.73 -2.89 10.01
CA LYS D 141 35.74 -3.86 10.41
C LYS D 141 36.85 -3.92 9.39
N LYS D 142 36.53 -3.62 8.13
CA LYS D 142 37.57 -3.66 7.11
C LYS D 142 38.37 -2.37 6.99
N ASN D 143 38.00 -1.36 7.75
CA ASN D 143 38.65 -0.05 7.70
C ASN D 143 39.29 0.33 9.02
N SER D 144 40.60 0.45 9.07
CA SER D 144 41.26 0.64 10.35
C SER D 144 41.17 2.07 10.89
N SER D 145 40.61 2.99 10.11
CA SER D 145 40.56 4.38 10.55
C SER D 145 39.48 4.68 11.59
N GLY D 146 38.43 3.89 11.69
CA GLY D 146 37.35 4.22 12.63
C GLY D 146 36.16 4.79 11.89
N PHE D 147 36.39 5.16 10.62
CA PHE D 147 35.37 5.74 9.76
C PHE D 147 34.75 4.67 8.87
N LEU D 148 33.64 4.98 8.26
CA LEU D 148 32.92 4.00 7.44
C LEU D 148 33.67 3.81 6.14
N VAL D 149 34.20 4.89 5.58
CA VAL D 149 34.93 4.86 4.27
C VAL D 149 36.14 5.74 4.38
N GLY D 150 37.29 5.16 4.01
CA GLY D 150 38.52 5.92 3.91
C GLY D 150 39.00 6.30 5.28
N ASP D 151 39.89 7.26 5.26
CA ASP D 151 40.64 7.60 6.44
C ASP D 151 40.24 8.92 7.05
N LYS D 152 39.11 9.44 6.64
CA LYS D 152 38.66 10.74 7.10
C LYS D 152 37.16 10.73 7.26
N ILE D 153 36.66 11.54 8.21
CA ILE D 153 35.26 11.68 8.44
C ILE D 153 34.56 12.08 7.13
N SER D 154 33.35 11.54 6.94
CA SER D 154 32.50 11.87 5.78
C SER D 154 31.09 12.13 6.24
N TRP D 155 30.29 12.65 5.33
CA TRP D 155 28.91 13.00 5.65
C TRP D 155 28.08 11.76 6.05
N VAL D 156 28.42 10.61 5.53
CA VAL D 156 27.65 9.39 5.92
C VAL D 156 28.03 8.97 7.36
N ASP D 157 29.27 9.21 7.80
CA ASP D 157 29.60 9.02 9.27
C ASP D 157 28.67 9.87 10.13
N LEU D 158 28.41 11.10 9.70
CA LEU D 158 27.55 12.03 10.40
C LEU D 158 26.11 11.53 10.44
N LEU D 159 25.62 11.04 9.32
CA LEU D 159 24.26 10.59 9.18
C LEU D 159 24.00 9.35 10.05
N VAL D 160 24.87 8.37 9.94
CA VAL D 160 24.70 7.15 10.69
C VAL D 160 24.88 7.37 12.18
N ALA D 161 25.90 8.12 12.55
CA ALA D 161 26.18 8.33 14.02
C ALA D 161 25.02 9.07 14.67
N GLU D 162 24.48 10.07 13.99
CA GLU D 162 23.32 10.75 14.55
C GLU D 162 22.12 9.81 14.77
N HIS D 163 21.83 8.95 13.82
CA HIS D 163 20.73 8.03 13.97
C HIS D 163 20.99 7.05 15.06
N VAL D 164 22.20 6.48 15.06
CA VAL D 164 22.58 5.49 16.07
C VAL D 164 22.45 6.14 17.45
N ALA D 165 22.97 7.34 17.66
CA ALA D 165 22.79 8.11 18.95
C ALA D 165 21.32 8.29 19.38
N ASP D 166 20.49 8.70 18.43
CA ASP D 166 19.04 8.86 18.64
C ASP D 166 18.30 7.58 19.05
N MET D 167 18.48 6.55 18.26
CA MET D 167 17.88 5.26 18.51
C MET D 167 18.36 4.67 19.81
N THR D 168 19.62 4.81 20.14
CA THR D 168 20.14 4.21 21.38
C THR D 168 19.63 4.94 22.59
N ASN D 169 19.35 6.22 22.42
CA ASN D 169 18.71 6.99 23.48
C ASN D 169 17.34 6.48 23.77
N ARG D 170 16.64 6.08 22.74
CA ARG D 170 15.26 5.67 22.86
C ARG D 170 15.17 4.19 23.22
N VAL D 171 16.09 3.40 22.70
CA VAL D 171 16.10 1.95 22.85
C VAL D 171 17.53 1.51 23.18
N PRO D 172 17.89 1.53 24.46
CA PRO D 172 19.28 1.23 24.86
C PRO D 172 19.87 -0.06 24.30
N GLU D 173 19.06 -1.08 24.09
CA GLU D 173 19.55 -2.31 23.46
C GLU D 173 19.91 -2.17 21.98
N TYR D 174 19.62 -1.00 21.38
CA TYR D 174 19.88 -0.78 19.95
C TYR D 174 21.26 -1.24 19.53
N ILE D 175 22.23 -0.88 20.34
CA ILE D 175 23.61 -1.19 20.12
C ILE D 175 24.19 -2.53 20.58
N GLU D 176 23.37 -3.37 21.23
CA GLU D 176 23.86 -4.62 21.71
C GLU D 176 24.08 -5.49 20.52
N GLY D 177 25.23 -6.14 20.44
CA GLY D 177 25.59 -6.89 19.26
C GLY D 177 26.44 -6.12 18.28
N PHE D 178 26.63 -4.81 18.52
CA PHE D 178 27.26 -3.93 17.51
C PHE D 178 28.23 -2.96 18.16
N PRO D 179 29.26 -3.49 18.82
CA PRO D 179 30.18 -2.62 19.53
C PRO D 179 30.91 -1.64 18.59
N GLU D 180 31.25 -2.08 17.37
CA GLU D 180 31.97 -1.19 16.45
C GLU D 180 31.10 -0.01 16.05
N VAL D 181 29.83 -0.30 15.86
CA VAL D 181 28.84 0.76 15.58
C VAL D 181 28.73 1.75 16.71
N LYS D 182 28.60 1.28 17.94
CA LYS D 182 28.60 2.19 19.08
C LYS D 182 29.86 3.02 19.17
N ALA D 183 31.02 2.39 19.00
CA ALA D 183 32.31 3.10 19.04
C ALA D 183 32.38 4.20 17.97
N HIS D 184 31.81 3.92 16.83
CA HIS D 184 31.78 4.87 15.68
C HIS D 184 30.91 6.06 16.03
N MET D 185 29.77 5.77 16.62
CA MET D 185 28.87 6.79 17.04
C MET D 185 29.58 7.74 18.03
N GLU D 186 30.23 7.15 19.04
CA GLU D 186 30.96 7.95 20.04
C GLU D 186 32.07 8.71 19.35
N ARG D 187 32.80 8.08 18.43
CA ARG D 187 33.92 8.77 17.75
C ARG D 187 33.43 10.03 17.00
N ILE D 188 32.31 9.91 16.28
CA ILE D 188 31.82 10.98 15.44
C ILE D 188 31.20 12.06 16.33
N GLN D 189 30.41 11.64 17.30
CA GLN D 189 29.67 12.61 18.12
C GLN D 189 30.59 13.36 19.09
N GLN D 190 31.82 12.89 19.29
CA GLN D 190 32.89 13.62 20.08
C GLN D 190 33.87 14.43 19.22
N THR D 191 33.74 14.31 17.90
CA THR D 191 34.59 15.08 17.02
C THR D 191 34.35 16.51 17.41
N PRO D 192 35.41 17.27 17.75
CA PRO D 192 35.23 18.58 18.38
C PRO D 192 34.17 19.52 17.79
N ARG D 193 34.14 19.73 16.47
CA ARG D 193 33.14 20.62 15.91
C ARG D 193 31.74 20.04 15.94
N ILE D 194 31.66 18.70 15.86
CA ILE D 194 30.35 18.06 15.99
C ILE D 194 29.89 18.10 17.43
N LYS D 195 30.80 17.73 18.31
CA LYS D 195 30.54 17.91 19.76
C LYS D 195 30.06 19.32 20.11
N LYS D 196 30.78 20.35 19.64
CA LYS D 196 30.41 21.73 19.97
C LYS D 196 29.00 21.98 19.43
N TRP D 197 28.77 21.64 18.17
CA TRP D 197 27.45 21.75 17.57
C TRP D 197 26.36 21.04 18.37
N ILE D 198 26.63 19.81 18.81
CA ILE D 198 25.62 19.01 19.45
C ILE D 198 25.32 19.69 20.79
N GLU D 199 26.36 20.23 21.41
CA GLU D 199 26.22 20.95 22.71
C GLU D 199 25.38 22.25 22.55
N THR D 200 25.51 22.91 21.41
CA THR D 200 24.95 24.25 21.23
C THR D 200 23.68 24.32 20.38
N ARG D 201 23.38 23.27 19.60
CA ARG D 201 22.17 23.29 18.76
C ARG D 201 20.90 23.36 19.59
N PRO D 202 19.82 23.83 19.02
CA PRO D 202 18.54 23.81 19.73
C PRO D 202 18.12 22.42 20.18
N GLU D 203 17.57 22.33 21.39
CA GLU D 203 16.88 21.12 21.84
C GLU D 203 15.52 21.04 21.13
N THR D 204 15.28 19.92 20.48
CA THR D 204 14.04 19.70 19.74
C THR D 204 13.75 18.24 19.92
N PRO D 205 12.46 17.86 19.86
CA PRO D 205 12.06 16.48 20.05
C PRO D 205 12.42 15.56 18.89
N PHE D 206 12.65 16.13 17.70
CA PHE D 206 13.09 15.33 16.52
C PHE D 206 14.25 15.99 15.80
N MET E 1 -40.74 -7.33 -12.45
CA MET E 1 -40.71 -7.21 -10.98
C MET E 1 -41.53 -8.31 -10.37
N VAL E 2 -41.29 -8.61 -9.12
CA VAL E 2 -42.00 -9.72 -8.50
C VAL E 2 -43.47 -9.44 -8.64
N HIS E 3 -44.23 -10.46 -8.94
CA HIS E 3 -45.64 -10.34 -9.21
C HIS E 3 -46.39 -11.14 -8.13
N TYR E 4 -47.38 -10.50 -7.52
CA TYR E 4 -48.23 -11.11 -6.52
C TYR E 4 -49.66 -11.09 -6.95
N LYS E 5 -50.36 -12.21 -6.77
CA LYS E 5 -51.80 -12.27 -6.99
C LYS E 5 -52.42 -12.98 -5.79
N LEU E 6 -53.47 -12.37 -5.21
CA LEU E 6 -54.24 -12.90 -4.10
C LEU E 6 -55.64 -13.17 -4.62
N THR E 7 -56.05 -14.42 -4.52
CA THR E 7 -57.37 -14.86 -4.93
C THR E 7 -58.13 -15.27 -3.67
N TYR E 8 -59.25 -14.62 -3.44
CA TYR E 8 -60.16 -14.84 -2.31
C TYR E 8 -61.60 -14.45 -2.74
N PHE E 9 -62.54 -14.41 -1.79
CA PHE E 9 -63.90 -13.99 -2.05
C PHE E 9 -63.98 -12.46 -2.02
N ASN E 10 -65.14 -11.97 -2.39
CA ASN E 10 -65.40 -10.54 -2.39
C ASN E 10 -65.80 -10.09 -0.99
N GLY E 11 -64.80 -10.12 -0.12
CA GLY E 11 -65.02 -9.73 1.23
C GLY E 11 -63.72 -9.69 1.93
N ARG E 12 -63.80 -9.23 3.18
CA ARG E 12 -62.62 -9.06 4.02
C ARG E 12 -62.10 -10.44 4.42
N GLY E 13 -62.81 -11.06 5.35
CA GLY E 13 -62.64 -12.47 5.66
C GLY E 13 -61.23 -12.92 5.96
N ALA E 14 -60.95 -14.14 5.54
CA ALA E 14 -59.62 -14.75 5.64
C ALA E 14 -58.51 -14.17 4.75
N GLY E 15 -58.86 -13.35 3.76
CA GLY E 15 -57.87 -12.75 2.88
C GLY E 15 -57.43 -11.37 3.33
N GLU E 16 -58.15 -10.80 4.28
CA GLU E 16 -57.95 -9.40 4.63
C GLU E 16 -56.57 -9.12 5.21
N CYS E 17 -56.05 -10.06 5.99
CA CYS E 17 -54.79 -9.81 6.68
C CYS E 17 -53.67 -9.76 5.65
N ALA E 18 -53.67 -10.68 4.69
CA ALA E 18 -52.75 -10.58 3.55
C ALA E 18 -52.86 -9.24 2.84
N ARG E 19 -54.11 -8.79 2.59
CA ARG E 19 -54.27 -7.53 1.94
C ARG E 19 -53.68 -6.39 2.74
N GLN E 20 -53.86 -6.42 4.07
CA GLN E 20 -53.32 -5.36 4.89
C GLN E 20 -51.79 -5.43 5.04
N VAL E 21 -51.23 -6.61 4.95
CA VAL E 21 -49.79 -6.68 4.87
C VAL E 21 -49.24 -6.03 3.58
N PHE E 22 -49.85 -6.34 2.46
CA PHE E 22 -49.54 -5.68 1.21
C PHE E 22 -49.68 -4.16 1.33
N ALA E 23 -50.75 -3.68 1.99
CA ALA E 23 -50.95 -2.25 2.06
C ALA E 23 -49.87 -1.64 2.91
N LEU E 24 -49.54 -2.30 4.01
CA LEU E 24 -48.52 -1.80 4.94
C LEU E 24 -47.14 -1.76 4.26
N ALA E 25 -46.92 -2.69 3.35
CA ALA E 25 -45.67 -2.78 2.56
C ALA E 25 -45.71 -1.83 1.35
N ASP E 26 -46.85 -1.21 1.08
CA ASP E 26 -47.06 -0.44 -0.15
C ASP E 26 -46.68 -1.29 -1.37
N GLN E 27 -47.17 -2.53 -1.39
CA GLN E 27 -46.85 -3.49 -2.44
C GLN E 27 -48.06 -3.70 -3.34
N LYS E 28 -47.88 -3.44 -4.62
CA LYS E 28 -48.88 -3.77 -5.63
C LYS E 28 -49.11 -5.28 -5.74
N TYR E 29 -50.37 -5.67 -5.89
CA TYR E 29 -50.73 -7.06 -6.04
C TYR E 29 -52.07 -7.06 -6.78
N GLU E 30 -52.39 -8.17 -7.41
CA GLU E 30 -53.69 -8.35 -8.05
C GLU E 30 -54.63 -8.93 -6.98
N ASP E 31 -55.66 -8.17 -6.68
CA ASP E 31 -56.69 -8.53 -5.75
C ASP E 31 -57.89 -9.14 -6.47
N VAL E 32 -57.83 -10.45 -6.64
CA VAL E 32 -58.83 -11.20 -7.34
C VAL E 32 -59.94 -11.62 -6.36
N ARG E 33 -61.15 -11.21 -6.65
CA ARG E 33 -62.30 -11.41 -5.75
C ARG E 33 -63.35 -12.32 -6.39
N LEU E 34 -63.62 -13.47 -5.77
CA LEU E 34 -64.57 -14.43 -6.30
C LEU E 34 -65.92 -14.36 -5.57
N THR E 35 -66.96 -14.85 -6.23
CA THR E 35 -68.19 -15.20 -5.56
C THR E 35 -68.22 -16.74 -5.58
N GLN E 36 -69.15 -17.38 -4.85
CA GLN E 36 -69.28 -18.85 -4.92
C GLN E 36 -69.34 -19.36 -6.38
N GLU E 37 -70.20 -18.75 -7.19
CA GLU E 37 -70.34 -19.15 -8.60
C GLU E 37 -68.98 -19.25 -9.32
N THR E 38 -68.11 -18.26 -9.17
CA THR E 38 -66.88 -18.33 -9.95
C THR E 38 -65.81 -19.15 -9.20
N PHE E 39 -65.98 -19.29 -7.90
CA PHE E 39 -65.10 -20.15 -7.11
C PHE E 39 -65.15 -21.63 -7.61
N VAL E 40 -66.34 -22.11 -7.88
CA VAL E 40 -66.51 -23.54 -8.21
C VAL E 40 -65.70 -24.00 -9.42
N PRO E 41 -65.80 -23.29 -10.55
CA PRO E 41 -64.93 -23.53 -11.69
C PRO E 41 -63.44 -23.61 -11.40
N LEU E 42 -62.96 -22.88 -10.37
CA LEU E 42 -61.54 -22.84 -9.98
C LEU E 42 -61.19 -23.73 -8.79
N LYS E 43 -62.17 -24.06 -7.96
CA LYS E 43 -61.91 -24.78 -6.71
C LYS E 43 -60.85 -25.89 -6.86
N ALA E 44 -60.88 -26.61 -7.98
CA ALA E 44 -59.89 -27.66 -8.26
C ALA E 44 -58.43 -27.20 -8.59
N THR E 45 -58.23 -25.90 -8.85
CA THR E 45 -56.88 -25.45 -9.19
C THR E 45 -56.10 -25.07 -7.91
N PHE E 46 -56.82 -24.99 -6.80
CA PHE E 46 -56.26 -24.47 -5.56
C PHE E 46 -55.66 -25.60 -4.74
N PRO E 47 -54.52 -25.37 -4.09
CA PRO E 47 -53.81 -26.46 -3.43
C PRO E 47 -54.68 -27.24 -2.47
N PHE E 48 -55.60 -26.60 -1.76
CA PHE E 48 -56.50 -27.35 -0.86
C PHE E 48 -58.00 -27.08 -1.08
N GLY E 49 -58.36 -26.71 -2.31
CA GLY E 49 -59.77 -26.64 -2.71
C GLY E 49 -60.39 -25.43 -2.05
N GLN E 50 -59.52 -24.51 -1.61
CA GLN E 50 -59.99 -23.38 -0.81
C GLN E 50 -59.28 -22.11 -1.18
N VAL E 51 -59.82 -21.02 -0.68
CA VAL E 51 -59.27 -19.69 -0.90
C VAL E 51 -59.19 -19.01 0.52
N PRO E 52 -58.19 -18.19 0.79
CA PRO E 52 -57.31 -17.53 -0.18
C PRO E 52 -56.12 -18.36 -0.65
N VAL E 53 -55.64 -18.02 -1.84
CA VAL E 53 -54.47 -18.59 -2.42
C VAL E 53 -53.67 -17.38 -2.99
N LEU E 54 -52.37 -17.31 -2.66
CA LEU E 54 -51.42 -16.33 -3.22
C LEU E 54 -50.63 -16.98 -4.35
N GLU E 55 -50.33 -16.24 -5.40
CA GLU E 55 -49.36 -16.66 -6.34
C GLU E 55 -48.21 -15.65 -6.32
N VAL E 56 -46.99 -16.16 -6.23
CA VAL E 56 -45.78 -15.35 -6.28
C VAL E 56 -45.03 -15.72 -7.51
N ASP E 57 -44.97 -14.81 -8.49
CA ASP E 57 -44.36 -15.16 -9.79
C ASP E 57 -44.98 -16.49 -10.32
N GLY E 58 -46.29 -16.59 -10.24
CA GLY E 58 -46.99 -17.75 -10.74
C GLY E 58 -47.03 -18.98 -9.86
N GLN E 59 -46.37 -18.95 -8.72
CA GLN E 59 -46.31 -20.14 -7.83
C GLN E 59 -47.33 -20.00 -6.70
N GLN E 60 -48.12 -21.06 -6.48
CA GLN E 60 -49.23 -20.95 -5.53
C GLN E 60 -48.75 -21.27 -4.10
N LEU E 61 -49.37 -20.56 -3.20
CA LEU E 61 -49.23 -20.76 -1.77
C LEU E 61 -50.57 -20.58 -1.16
N ALA E 62 -51.13 -21.62 -0.52
CA ALA E 62 -52.45 -21.54 0.10
C ALA E 62 -52.33 -21.33 1.61
N GLN E 63 -53.49 -21.02 2.24
CA GLN E 63 -53.73 -20.97 3.72
C GLN E 63 -53.45 -19.60 4.28
N SER E 64 -54.46 -18.95 4.85
CA SER E 64 -54.34 -17.53 5.18
C SER E 64 -53.12 -17.23 6.04
N GLN E 65 -52.89 -18.02 7.09
CA GLN E 65 -51.76 -17.71 7.95
C GLN E 65 -50.41 -18.02 7.32
N ALA E 66 -50.32 -19.08 6.54
CA ALA E 66 -49.09 -19.35 5.81
C ALA E 66 -48.77 -18.21 4.82
N ILE E 67 -49.79 -17.73 4.11
CA ILE E 67 -49.65 -16.55 3.26
C ILE E 67 -49.25 -15.31 4.06
N CYS E 68 -49.95 -14.98 5.15
CA CYS E 68 -49.62 -13.76 5.87
C CYS E 68 -48.23 -13.82 6.42
N ARG E 69 -47.84 -14.97 6.94
CA ARG E 69 -46.51 -15.04 7.54
C ARG E 69 -45.45 -14.89 6.46
N TYR E 70 -45.67 -15.53 5.34
CA TYR E 70 -44.71 -15.43 4.22
C TYR E 70 -44.53 -13.98 3.79
N LEU E 71 -45.66 -13.29 3.61
CA LEU E 71 -45.65 -11.84 3.16
C LEU E 71 -45.08 -10.99 4.27
N ALA E 72 -45.49 -11.23 5.51
CA ALA E 72 -44.94 -10.45 6.57
C ALA E 72 -43.43 -10.63 6.70
N LYS E 73 -42.90 -11.82 6.55
CA LYS E 73 -41.45 -12.02 6.64
C LYS E 73 -40.74 -11.32 5.46
N THR E 74 -41.40 -11.31 4.31
CA THR E 74 -40.84 -10.70 3.11
C THR E 74 -40.67 -9.19 3.32
N PHE E 75 -41.65 -8.64 3.98
CA PHE E 75 -41.79 -7.19 4.08
C PHE E 75 -41.36 -6.58 5.43
N GLY E 76 -41.11 -7.41 6.43
CA GLY E 76 -40.61 -6.92 7.70
C GLY E 76 -41.56 -6.79 8.86
N PHE E 77 -42.66 -7.53 8.78
CA PHE E 77 -43.70 -7.45 9.77
C PHE E 77 -43.88 -8.79 10.51
N ALA E 78 -42.78 -9.53 10.73
CA ALA E 78 -42.91 -10.79 11.42
C ALA E 78 -41.89 -10.86 12.57
N GLY E 79 -41.69 -9.75 13.27
CA GLY E 79 -40.78 -9.76 14.38
C GLY E 79 -39.34 -9.50 13.95
N ALA E 80 -38.54 -9.18 14.96
CA ALA E 80 -37.11 -8.82 14.82
C ALA E 80 -36.16 -10.01 14.94
N THR E 81 -36.61 -11.11 15.56
CA THR E 81 -35.79 -12.26 15.84
C THR E 81 -36.60 -13.53 15.60
N PRO E 82 -35.96 -14.68 15.51
CA PRO E 82 -36.68 -15.92 15.45
C PRO E 82 -37.68 -16.19 16.58
N PHE E 83 -37.30 -15.87 17.79
CA PHE E 83 -38.19 -16.06 18.94
C PHE E 83 -39.39 -15.12 18.87
N GLU E 84 -39.20 -13.86 18.49
CA GLU E 84 -40.35 -12.94 18.31
C GLU E 84 -41.28 -13.46 17.19
N SER E 85 -40.72 -13.92 16.07
CA SER E 85 -41.57 -14.49 14.99
C SER E 85 -42.42 -15.63 15.56
N ALA E 86 -41.78 -16.47 16.40
CA ALA E 86 -42.47 -17.58 17.02
C ALA E 86 -43.57 -17.09 17.95
N LEU E 87 -43.32 -16.06 18.77
CA LEU E 87 -44.36 -15.52 19.69
C LEU E 87 -45.58 -14.99 18.91
N ILE E 88 -45.29 -14.27 17.84
CA ILE E 88 -46.32 -13.77 16.93
C ILE E 88 -47.14 -14.92 16.40
N ASP E 89 -46.46 -15.95 15.93
CA ASP E 89 -47.09 -17.19 15.47
C ASP E 89 -48.03 -17.76 16.52
N SER E 90 -47.57 -17.77 17.77
CA SER E 90 -48.38 -18.32 18.89
C SER E 90 -49.67 -17.54 19.14
N LEU E 91 -49.60 -16.22 19.01
CA LEU E 91 -50.78 -15.36 19.12
C LEU E 91 -51.73 -15.53 17.97
N ALA E 92 -51.22 -15.76 16.76
CA ALA E 92 -52.07 -16.07 15.61
C ALA E 92 -52.72 -17.44 15.75
N ASP E 93 -52.02 -18.44 16.31
CA ASP E 93 -52.61 -19.75 16.57
C ASP E 93 -53.66 -19.66 17.69
N ALA E 94 -53.42 -18.82 18.69
CA ALA E 94 -54.40 -18.62 19.76
C ALA E 94 -55.68 -17.97 19.21
N TYR E 95 -55.48 -17.03 18.29
CA TYR E 95 -56.58 -16.30 17.64
C TYR E 95 -57.46 -17.26 16.86
N THR E 96 -56.83 -18.15 16.09
CA THR E 96 -57.55 -19.25 15.46
C THR E 96 -58.42 -20.08 16.43
N ASP E 97 -57.86 -20.45 17.59
CA ASP E 97 -58.61 -21.27 18.60
C ASP E 97 -59.81 -20.49 19.06
N TYR E 98 -59.59 -19.22 19.34
CA TYR E 98 -60.64 -18.31 19.74
C TYR E 98 -61.69 -18.23 18.64
N ARG E 99 -61.28 -17.98 17.41
CA ARG E 99 -62.25 -17.84 16.33
C ARG E 99 -63.11 -19.09 16.11
N ALA E 100 -62.59 -20.28 16.34
CA ALA E 100 -63.45 -21.47 16.28
C ALA E 100 -64.45 -21.46 17.45
N GLU E 101 -64.00 -20.91 18.57
CA GLU E 101 -64.79 -20.81 19.81
C GLU E 101 -66.08 -20.00 19.62
N MET E 102 -65.99 -18.88 18.91
CA MET E 102 -67.16 -18.02 18.71
C MET E 102 -67.79 -18.06 17.29
N LYS E 103 -67.45 -19.07 16.49
CA LYS E 103 -67.94 -19.18 15.11
C LYS E 103 -69.48 -19.01 14.92
N THR E 104 -70.23 -19.44 15.94
CA THR E 104 -71.69 -19.33 15.95
C THR E 104 -72.17 -17.88 15.93
N TYR E 105 -71.37 -17.00 16.55
CA TYR E 105 -71.66 -15.57 16.61
C TYR E 105 -71.36 -14.92 15.27
N TYR E 106 -70.23 -15.30 14.68
CA TYR E 106 -69.81 -14.82 13.37
C TYR E 106 -70.92 -15.08 12.33
N TYR E 107 -71.38 -16.33 12.28
CA TYR E 107 -72.52 -16.70 11.44
C TYR E 107 -73.82 -16.55 12.23
N LYS E 121 -73.50 -14.66 20.90
CA LYS E 121 -73.90 -13.28 21.21
C LYS E 121 -73.54 -12.95 22.67
N THR E 122 -74.44 -13.28 23.59
CA THR E 122 -74.19 -13.11 25.01
C THR E 122 -73.72 -14.41 25.65
N ASP E 123 -73.93 -15.52 24.94
CA ASP E 123 -73.71 -16.87 25.49
C ASP E 123 -72.37 -17.43 25.03
N VAL E 124 -71.82 -16.87 23.96
CA VAL E 124 -70.68 -17.47 23.29
C VAL E 124 -69.59 -16.45 22.93
N LEU E 125 -70.02 -15.32 22.38
CA LEU E 125 -69.12 -14.23 22.02
C LEU E 125 -68.50 -13.55 23.26
N LEU E 126 -69.32 -13.20 24.25
CA LEU E 126 -68.75 -12.57 25.46
C LEU E 126 -67.76 -13.44 26.26
N PRO E 127 -68.12 -14.67 26.64
CA PRO E 127 -67.14 -15.58 27.28
C PRO E 127 -65.86 -15.83 26.44
N ALA E 128 -66.03 -15.97 25.13
CA ALA E 128 -64.88 -16.19 24.22
C ALA E 128 -63.98 -14.97 24.22
N ARG E 129 -64.57 -13.78 24.10
CA ARG E 129 -63.77 -12.56 24.13
C ARG E 129 -63.04 -12.33 25.46
N THR E 130 -63.63 -12.66 26.61
CA THR E 130 -62.89 -12.50 27.86
C THR E 130 -61.74 -13.47 27.98
N LYS E 131 -61.88 -14.71 27.50
CA LYS E 131 -60.76 -15.65 27.60
C LYS E 131 -59.62 -15.19 26.67
N PHE E 132 -59.95 -15.07 25.37
CA PHE E 132 -58.99 -14.66 24.36
C PHE E 132 -58.40 -13.29 24.65
N LEU E 133 -59.24 -12.30 24.88
CA LEU E 133 -58.74 -10.95 25.15
C LEU E 133 -58.01 -10.80 26.52
N GLY E 134 -58.21 -11.75 27.41
CA GLY E 134 -57.45 -11.79 28.67
C GLY E 134 -56.00 -12.14 28.40
N PHE E 135 -55.80 -13.23 27.64
CA PHE E 135 -54.46 -13.58 27.09
C PHE E 135 -53.82 -12.42 26.28
N ILE E 136 -54.60 -11.88 25.35
CA ILE E 136 -54.23 -10.72 24.57
C ILE E 136 -53.70 -9.60 25.46
N THR E 137 -54.43 -9.31 26.54
CA THR E 137 -54.08 -8.18 27.40
C THR E 137 -52.80 -8.46 28.14
N LYS E 138 -52.59 -9.72 28.50
CA LYS E 138 -51.40 -10.15 29.21
C LYS E 138 -50.17 -9.79 28.35
N PHE E 139 -50.27 -10.08 27.06
CA PHE E 139 -49.22 -9.76 26.11
C PHE E 139 -49.00 -8.28 25.92
N LEU E 140 -50.10 -7.55 25.75
CA LEU E 140 -50.07 -6.09 25.69
C LEU E 140 -49.48 -5.41 26.94
N LYS E 141 -49.91 -5.82 28.13
CA LYS E 141 -49.40 -5.23 29.38
C LYS E 141 -47.94 -5.57 29.64
N LYS E 142 -47.52 -6.76 29.20
CA LYS E 142 -46.09 -7.18 29.13
C LYS E 142 -45.19 -6.22 28.33
N ASN E 143 -45.73 -5.56 27.30
CA ASN E 143 -44.90 -4.84 26.33
C ASN E 143 -45.14 -3.36 26.20
N SER E 144 -44.07 -2.57 26.36
CA SER E 144 -44.20 -1.11 26.42
C SER E 144 -44.44 -0.41 25.07
N SER E 145 -44.21 -1.12 23.96
CA SER E 145 -44.25 -0.51 22.63
C SER E 145 -45.67 -0.20 22.14
N GLY E 146 -46.65 -0.91 22.68
CA GLY E 146 -48.01 -0.82 22.21
C GLY E 146 -48.45 -1.85 21.19
N PHE E 147 -47.52 -2.73 20.78
CA PHE E 147 -47.79 -3.83 19.90
C PHE E 147 -47.79 -5.08 20.73
N LEU E 148 -48.21 -6.20 20.13
CA LEU E 148 -48.34 -7.46 20.84
C LEU E 148 -47.00 -8.12 21.10
N VAL E 149 -46.12 -8.04 20.11
CA VAL E 149 -44.81 -8.68 20.23
C VAL E 149 -43.78 -7.73 19.73
N GLY E 150 -42.80 -7.46 20.56
CA GLY E 150 -41.68 -6.66 20.12
C GLY E 150 -42.03 -5.18 20.04
N ASP E 151 -41.21 -4.48 19.28
CA ASP E 151 -41.27 -3.01 19.24
C ASP E 151 -41.77 -2.41 17.92
N LYS E 152 -42.23 -3.27 17.02
CA LYS E 152 -42.69 -2.88 15.71
C LYS E 152 -43.94 -3.66 15.39
N ILE E 153 -44.75 -3.04 14.54
CA ILE E 153 -46.01 -3.65 14.13
C ILE E 153 -45.75 -4.99 13.47
N SER E 154 -46.63 -5.96 13.76
CA SER E 154 -46.57 -7.24 13.05
C SER E 154 -47.87 -7.70 12.44
N TRP E 155 -47.84 -8.79 11.67
CA TRP E 155 -49.09 -9.25 11.03
C TRP E 155 -50.12 -9.72 12.01
N VAL E 156 -49.71 -10.12 13.22
CA VAL E 156 -50.72 -10.43 14.26
C VAL E 156 -51.34 -9.18 14.87
N ASP E 157 -50.61 -8.06 14.92
CA ASP E 157 -51.26 -6.80 15.28
C ASP E 157 -52.39 -6.51 14.28
N LEU E 158 -52.12 -6.65 12.98
CA LEU E 158 -53.11 -6.33 11.95
C LEU E 158 -54.34 -7.22 12.06
N LEU E 159 -54.06 -8.51 12.19
CA LEU E 159 -55.06 -9.54 12.35
C LEU E 159 -55.97 -9.32 13.55
N VAL E 160 -55.39 -9.00 14.68
CA VAL E 160 -56.18 -8.74 15.87
C VAL E 160 -56.92 -7.40 15.78
N ALA E 161 -56.25 -6.32 15.39
CA ALA E 161 -56.94 -5.04 15.30
C ALA E 161 -58.18 -5.11 14.43
N GLU E 162 -58.05 -5.74 13.26
CA GLU E 162 -59.15 -5.86 12.29
C GLU E 162 -60.35 -6.56 12.94
N HIS E 163 -60.10 -7.69 13.59
CA HIS E 163 -61.15 -8.40 14.27
C HIS E 163 -61.82 -7.58 15.37
N VAL E 164 -61.00 -7.00 16.24
CA VAL E 164 -61.52 -6.15 17.31
C VAL E 164 -62.37 -5.05 16.72
N ALA E 165 -61.90 -4.35 15.69
CA ALA E 165 -62.72 -3.30 15.06
C ALA E 165 -64.01 -3.87 14.51
N ASP E 166 -63.93 -5.03 13.88
CA ASP E 166 -65.10 -5.68 13.28
C ASP E 166 -66.15 -5.98 14.36
N MET E 167 -65.71 -6.56 15.47
CA MET E 167 -66.65 -7.00 16.51
C MET E 167 -67.17 -5.85 17.36
N THR E 168 -66.40 -4.78 17.48
CA THR E 168 -66.83 -3.58 18.23
C THR E 168 -67.85 -2.80 17.39
N ASN E 169 -67.67 -2.80 16.07
CA ASN E 169 -68.62 -2.20 15.13
C ASN E 169 -69.97 -2.92 15.20
N ARG E 170 -69.94 -4.26 15.27
CA ARG E 170 -71.17 -5.06 15.41
C ARG E 170 -71.73 -5.17 16.82
N VAL E 171 -70.85 -5.14 17.82
CA VAL E 171 -71.22 -5.24 19.23
C VAL E 171 -70.38 -4.27 20.08
N PRO E 172 -70.95 -3.13 20.45
CA PRO E 172 -70.32 -2.20 21.40
C PRO E 172 -69.89 -2.83 22.75
N GLU E 173 -70.52 -3.93 23.14
CA GLU E 173 -70.20 -4.62 24.40
C GLU E 173 -68.96 -5.51 24.29
N TYR E 174 -68.41 -5.65 23.09
CA TYR E 174 -67.24 -6.51 22.84
C TYR E 174 -65.96 -5.99 23.52
N ILE E 175 -65.66 -4.73 23.24
CA ILE E 175 -64.49 -4.04 23.78
C ILE E 175 -64.57 -3.76 25.29
N GLU E 176 -65.78 -3.77 25.85
CA GLU E 176 -65.97 -3.38 27.25
C GLU E 176 -65.17 -4.27 28.22
N GLY E 177 -64.42 -3.62 29.12
CA GLY E 177 -63.54 -4.31 30.07
C GLY E 177 -62.12 -4.55 29.56
N PHE E 178 -61.79 -3.97 28.41
CA PHE E 178 -60.48 -4.18 27.77
C PHE E 178 -59.90 -2.91 27.13
N PRO E 179 -59.60 -1.91 27.95
CA PRO E 179 -58.99 -0.68 27.45
C PRO E 179 -57.64 -0.88 26.70
N GLU E 180 -56.84 -1.86 27.12
CA GLU E 180 -55.52 -2.13 26.47
C GLU E 180 -55.65 -2.51 24.98
N VAL E 181 -56.57 -3.43 24.70
CA VAL E 181 -56.97 -3.87 23.35
C VAL E 181 -57.56 -2.79 22.49
N LYS E 182 -58.52 -2.09 23.08
CA LYS E 182 -59.17 -1.02 22.41
C LYS E 182 -58.14 -0.03 21.97
N ALA E 183 -57.15 0.22 22.82
CA ALA E 183 -56.13 1.19 22.52
C ALA E 183 -55.25 0.64 21.39
N HIS E 184 -55.10 -0.67 21.38
CA HIS E 184 -54.25 -1.35 20.36
C HIS E 184 -54.90 -1.17 19.00
N MET E 185 -56.20 -1.41 18.98
CA MET E 185 -56.96 -1.29 17.74
C MET E 185 -56.78 0.07 17.11
N GLU E 186 -57.02 1.10 17.90
CA GLU E 186 -56.99 2.43 17.37
C GLU E 186 -55.64 2.77 16.80
N ARG E 187 -54.57 2.37 17.49
CA ARG E 187 -53.20 2.56 17.00
C ARG E 187 -52.91 1.80 15.68
N ILE E 188 -53.41 0.58 15.57
CA ILE E 188 -53.07 -0.22 14.39
C ILE E 188 -53.83 0.39 13.22
N GLN E 189 -55.13 0.58 13.39
CA GLN E 189 -55.98 1.03 12.32
C GLN E 189 -55.79 2.51 11.98
N GLN E 190 -55.07 3.22 12.81
CA GLN E 190 -54.65 4.57 12.48
C GLN E 190 -53.32 4.63 11.76
N THR E 191 -52.62 3.50 11.60
CA THR E 191 -51.38 3.54 10.87
C THR E 191 -51.65 3.98 9.43
N PRO E 192 -50.94 5.01 8.97
CA PRO E 192 -51.34 5.67 7.71
C PRO E 192 -51.75 4.72 6.58
N ARG E 193 -50.93 3.71 6.29
CA ARG E 193 -51.23 2.87 5.17
C ARG E 193 -52.42 1.97 5.44
N ILE E 194 -52.65 1.67 6.71
CA ILE E 194 -53.72 0.77 7.09
C ILE E 194 -54.95 1.62 7.05
N LYS E 195 -54.82 2.81 7.58
CA LYS E 195 -55.96 3.73 7.53
C LYS E 195 -56.40 4.06 6.09
N LYS E 196 -55.43 4.33 5.20
CA LYS E 196 -55.76 4.56 3.80
C LYS E 196 -56.46 3.37 3.17
N TRP E 197 -56.02 2.16 3.53
CA TRP E 197 -56.65 0.94 3.01
C TRP E 197 -58.11 0.76 3.48
N ILE E 198 -58.34 0.95 4.77
CA ILE E 198 -59.65 0.83 5.35
C ILE E 198 -60.60 1.80 4.65
N GLU E 199 -60.09 2.99 4.31
CA GLU E 199 -60.89 4.01 3.61
C GLU E 199 -61.19 3.69 2.14
N THR E 200 -60.24 3.11 1.42
CA THR E 200 -60.42 2.83 0.00
C THR E 200 -60.93 1.42 -0.35
N ARG E 201 -60.94 0.50 0.62
CA ARG E 201 -61.18 -0.92 0.32
C ARG E 201 -62.68 -1.08 -0.02
N PRO E 202 -63.05 -2.12 -0.77
CA PRO E 202 -64.46 -2.43 -1.00
C PRO E 202 -65.26 -2.59 0.28
N GLU E 203 -66.38 -1.88 0.34
CA GLU E 203 -67.27 -1.98 1.48
C GLU E 203 -68.02 -3.32 1.37
N THR E 204 -67.74 -4.28 2.27
CA THR E 204 -68.45 -5.60 2.29
C THR E 204 -69.11 -5.95 3.64
N PRO E 205 -70.07 -6.90 3.64
CA PRO E 205 -70.66 -7.37 4.91
C PRO E 205 -69.83 -8.41 5.72
N PHE E 206 -68.79 -8.99 5.13
CA PHE E 206 -67.86 -9.83 5.90
C PHE E 206 -66.43 -9.49 5.49
N MET F 1 -25.13 -23.63 28.55
CA MET F 1 -25.60 -24.19 27.28
C MET F 1 -27.05 -23.81 27.13
N VAL F 2 -27.51 -23.69 25.89
CA VAL F 2 -28.94 -23.38 25.66
C VAL F 2 -29.80 -24.44 26.34
N HIS F 3 -30.85 -24.00 26.97
CA HIS F 3 -31.67 -24.87 27.77
C HIS F 3 -33.08 -24.96 27.20
N TYR F 4 -33.46 -26.14 26.76
CA TYR F 4 -34.78 -26.38 26.22
C TYR F 4 -35.58 -27.28 27.15
N LYS F 5 -36.81 -26.89 27.42
CA LYS F 5 -37.75 -27.71 28.18
C LYS F 5 -39.06 -27.73 27.42
N LEU F 6 -39.57 -28.93 27.14
CA LEU F 6 -40.87 -29.08 26.54
C LEU F 6 -41.80 -29.64 27.60
N THR F 7 -42.94 -28.99 27.85
CA THR F 7 -43.92 -29.51 28.78
C THR F 7 -45.20 -29.85 28.03
N TYR F 8 -45.65 -31.07 28.26
CA TYR F 8 -46.84 -31.58 27.61
C TYR F 8 -47.35 -32.70 28.53
N PHE F 9 -48.35 -33.42 28.05
CA PHE F 9 -48.83 -34.57 28.72
C PHE F 9 -47.95 -35.77 28.46
N ASN F 10 -48.19 -36.85 29.19
CA ASN F 10 -47.53 -38.14 28.94
C ASN F 10 -48.25 -38.86 27.80
N GLY F 11 -48.01 -38.32 26.61
CA GLY F 11 -48.52 -38.89 25.39
C GLY F 11 -47.79 -38.22 24.28
N ARG F 12 -47.94 -38.78 23.09
CA ARG F 12 -47.46 -38.16 21.88
C ARG F 12 -48.22 -36.86 21.66
N GLY F 13 -49.49 -36.95 21.25
CA GLY F 13 -50.33 -35.77 21.17
C GLY F 13 -49.73 -34.64 20.36
N ALA F 14 -50.12 -33.44 20.76
CA ALA F 14 -49.63 -32.21 20.23
C ALA F 14 -48.17 -31.86 20.60
N GLY F 15 -47.52 -32.60 21.49
CA GLY F 15 -46.13 -32.32 21.83
C GLY F 15 -45.16 -33.13 21.00
N GLU F 16 -45.64 -34.17 20.34
CA GLU F 16 -44.74 -35.11 19.63
C GLU F 16 -43.94 -34.56 18.47
N CYS F 17 -44.52 -33.70 17.65
CA CYS F 17 -43.75 -33.14 16.53
C CYS F 17 -42.51 -32.37 17.04
N ALA F 18 -42.69 -31.56 18.07
CA ALA F 18 -41.53 -30.86 18.71
C ALA F 18 -40.48 -31.85 19.22
N ARG F 19 -40.91 -32.91 19.91
CA ARG F 19 -39.93 -33.99 20.25
C ARG F 19 -39.13 -34.59 19.13
N GLN F 20 -39.80 -34.77 18.01
CA GLN F 20 -39.17 -35.40 16.88
C GLN F 20 -38.17 -34.44 16.23
N VAL F 21 -38.49 -33.16 16.24
CA VAL F 21 -37.58 -32.14 15.75
C VAL F 21 -36.30 -32.15 16.60
N PHE F 22 -36.44 -32.12 17.92
CA PHE F 22 -35.25 -32.31 18.78
C PHE F 22 -34.47 -33.55 18.49
N ALA F 23 -35.17 -34.68 18.29
CA ALA F 23 -34.47 -35.89 17.94
C ALA F 23 -33.68 -35.78 16.66
N LEU F 24 -34.32 -35.24 15.64
CA LEU F 24 -33.70 -35.11 14.30
C LEU F 24 -32.45 -34.24 14.39
N ALA F 25 -32.54 -33.25 15.26
CA ALA F 25 -31.44 -32.32 15.50
C ALA F 25 -30.34 -32.87 16.44
N ASP F 26 -30.60 -34.01 17.05
CA ASP F 26 -29.77 -34.53 18.16
C ASP F 26 -29.60 -33.47 19.24
N GLN F 27 -30.69 -32.83 19.62
CA GLN F 27 -30.58 -31.75 20.61
C GLN F 27 -31.17 -32.23 21.91
N LYS F 28 -30.42 -32.06 22.98
CA LYS F 28 -30.82 -32.46 24.35
C LYS F 28 -31.86 -31.47 24.82
N TYR F 29 -32.92 -31.99 25.45
CA TYR F 29 -33.97 -31.11 26.04
C TYR F 29 -34.57 -31.83 27.22
N GLU F 30 -35.29 -31.11 28.06
CA GLU F 30 -36.03 -31.74 29.13
C GLU F 30 -37.45 -32.03 28.68
N ASP F 31 -37.76 -33.32 28.58
CA ASP F 31 -39.09 -33.80 28.16
C ASP F 31 -40.01 -33.94 29.37
N VAL F 32 -40.72 -32.87 29.73
CA VAL F 32 -41.54 -32.86 30.94
C VAL F 32 -42.92 -33.37 30.61
N ARG F 33 -43.33 -34.46 31.25
CA ARG F 33 -44.60 -35.12 31.00
C ARG F 33 -45.58 -35.06 32.15
N LEU F 34 -46.65 -34.28 31.99
CA LEU F 34 -47.64 -34.07 33.04
C LEU F 34 -48.74 -35.13 32.96
N THR F 35 -49.35 -35.42 34.12
CA THR F 35 -50.64 -36.10 34.15
C THR F 35 -51.70 -35.02 34.16
N GLN F 36 -52.96 -35.42 33.93
CA GLN F 36 -54.05 -34.43 34.00
C GLN F 36 -54.09 -33.78 35.37
N GLU F 37 -53.67 -34.55 36.37
CA GLU F 37 -53.72 -34.15 37.77
C GLU F 37 -52.68 -33.08 38.05
N THR F 38 -51.45 -33.28 37.56
CA THR F 38 -50.39 -32.28 37.76
C THR F 38 -50.59 -31.06 36.86
N PHE F 39 -51.29 -31.24 35.73
CA PHE F 39 -51.57 -30.14 34.80
C PHE F 39 -52.54 -29.09 35.33
N VAL F 40 -53.61 -29.52 36.00
CA VAL F 40 -54.67 -28.62 36.45
C VAL F 40 -54.18 -27.41 37.27
N PRO F 41 -53.41 -27.63 38.34
CA PRO F 41 -52.81 -26.51 39.09
C PRO F 41 -51.79 -25.62 38.39
N LEU F 42 -51.28 -26.04 37.22
CA LEU F 42 -50.25 -25.32 36.48
C LEU F 42 -50.87 -24.57 35.30
N LYS F 43 -52.13 -24.88 35.02
CA LYS F 43 -52.79 -24.37 33.84
C LYS F 43 -52.63 -22.86 33.67
N ALA F 44 -52.83 -22.11 34.74
CA ALA F 44 -52.67 -20.64 34.68
C ALA F 44 -51.19 -20.18 34.43
N THR F 45 -50.22 -21.10 34.48
CA THR F 45 -48.81 -20.76 34.24
C THR F 45 -48.48 -20.70 32.75
N PHE F 46 -49.39 -21.20 31.91
CA PHE F 46 -49.09 -21.38 30.50
C PHE F 46 -49.72 -20.25 29.69
N PRO F 47 -49.06 -19.79 28.63
CA PRO F 47 -49.43 -18.55 27.94
C PRO F 47 -50.90 -18.42 27.55
N PHE F 48 -51.45 -19.51 27.08
CA PHE F 48 -52.86 -19.59 26.69
C PHE F 48 -53.62 -20.67 27.50
N GLY F 49 -53.07 -20.98 28.67
CA GLY F 49 -53.61 -21.98 29.60
C GLY F 49 -53.58 -23.40 29.04
N GLN F 50 -52.70 -23.66 28.08
CA GLN F 50 -52.63 -24.99 27.44
C GLN F 50 -51.22 -25.50 27.33
N VAL F 51 -51.11 -26.77 27.02
CA VAL F 51 -49.83 -27.41 26.78
C VAL F 51 -49.93 -27.91 25.28
N PRO F 52 -48.85 -27.93 24.49
CA PRO F 52 -47.46 -27.86 24.93
C PRO F 52 -46.98 -26.48 25.08
N VAL F 53 -45.91 -26.38 25.85
CA VAL F 53 -45.19 -25.17 26.02
C VAL F 53 -43.70 -25.50 26.01
N LEU F 54 -42.99 -24.76 25.22
CA LEU F 54 -41.54 -24.85 25.14
C LEU F 54 -41.00 -23.71 25.96
N GLU F 55 -39.95 -23.98 26.71
CA GLU F 55 -39.21 -22.92 27.39
C GLU F 55 -37.80 -22.95 26.87
N VAL F 56 -37.37 -21.80 26.37
CA VAL F 56 -36.00 -21.64 25.85
C VAL F 56 -35.31 -20.67 26.82
N ASP F 57 -34.35 -21.19 27.58
CA ASP F 57 -33.63 -20.37 28.59
C ASP F 57 -34.68 -19.66 29.45
N GLY F 58 -35.69 -20.41 29.80
CA GLY F 58 -36.78 -19.98 30.68
C GLY F 58 -37.90 -19.15 30.07
N GLN F 59 -37.82 -18.91 28.76
CA GLN F 59 -38.77 -18.05 28.09
C GLN F 59 -39.79 -18.97 27.43
N GLN F 60 -41.07 -18.68 27.66
CA GLN F 60 -42.16 -19.52 27.17
C GLN F 60 -42.64 -19.16 25.77
N LEU F 61 -42.91 -20.24 25.06
CA LEU F 61 -43.48 -20.28 23.71
C LEU F 61 -44.50 -21.39 23.66
N ALA F 62 -45.77 -21.03 23.45
CA ALA F 62 -46.89 -21.97 23.41
C ALA F 62 -47.26 -22.28 21.96
N GLN F 63 -48.10 -23.32 21.79
CA GLN F 63 -48.90 -23.63 20.54
C GLN F 63 -48.02 -24.54 19.72
N SER F 64 -48.51 -25.76 19.48
CA SER F 64 -47.66 -26.80 18.91
C SER F 64 -46.96 -26.37 17.64
N GLN F 65 -47.71 -25.74 16.74
CA GLN F 65 -47.09 -25.43 15.41
C GLN F 65 -46.11 -24.27 15.50
N ALA F 66 -46.38 -23.33 16.39
CA ALA F 66 -45.41 -22.27 16.65
C ALA F 66 -44.09 -22.85 17.20
N ILE F 67 -44.18 -23.80 18.13
CA ILE F 67 -43.02 -24.47 18.70
C ILE F 67 -42.25 -25.26 17.65
N CYS F 68 -43.00 -26.02 16.86
CA CYS F 68 -42.37 -26.89 15.88
C CYS F 68 -41.61 -26.08 14.82
N ARG F 69 -42.25 -25.00 14.36
CA ARG F 69 -41.64 -24.17 13.32
C ARG F 69 -40.38 -23.51 13.87
N TYR F 70 -40.49 -22.99 15.09
CA TYR F 70 -39.35 -22.34 15.74
C TYR F 70 -38.15 -23.26 15.85
N LEU F 71 -38.41 -24.48 16.30
CA LEU F 71 -37.38 -25.44 16.49
C LEU F 71 -36.82 -25.84 15.15
N ALA F 72 -37.71 -26.04 14.21
CA ALA F 72 -37.30 -26.46 12.85
C ALA F 72 -36.40 -25.40 12.23
N LYS F 73 -36.81 -24.16 12.35
CA LYS F 73 -35.97 -23.04 11.82
C LYS F 73 -34.57 -23.02 12.48
N THR F 74 -34.53 -23.29 13.78
CA THR F 74 -33.29 -23.25 14.55
C THR F 74 -32.33 -24.31 14.05
N PHE F 75 -32.87 -25.50 13.76
CA PHE F 75 -32.03 -26.69 13.44
C PHE F 75 -31.94 -27.06 11.97
N GLY F 76 -32.63 -26.31 11.13
CA GLY F 76 -32.56 -26.45 9.69
C GLY F 76 -33.60 -27.38 9.03
N PHE F 77 -34.79 -27.51 9.61
CA PHE F 77 -35.83 -28.45 9.08
C PHE F 77 -37.12 -27.75 8.66
N ALA F 78 -36.95 -26.54 8.19
CA ALA F 78 -38.05 -25.69 7.79
C ALA F 78 -37.85 -25.19 6.36
N GLY F 79 -37.20 -26.00 5.54
CA GLY F 79 -37.02 -25.68 4.14
C GLY F 79 -35.77 -24.87 3.87
N ALA F 80 -35.45 -24.76 2.58
CA ALA F 80 -34.22 -24.14 2.10
C ALA F 80 -34.34 -22.66 1.83
N THR F 81 -35.56 -22.24 1.54
CA THR F 81 -35.84 -20.90 1.18
C THR F 81 -37.07 -20.38 1.88
N PRO F 82 -37.27 -19.06 1.83
CA PRO F 82 -38.52 -18.52 2.39
C PRO F 82 -39.82 -19.11 1.83
N PHE F 83 -39.84 -19.35 0.54
CA PHE F 83 -41.03 -19.91 -0.11
C PHE F 83 -41.23 -21.34 0.32
N GLU F 84 -40.14 -22.08 0.42
CA GLU F 84 -40.26 -23.47 0.84
C GLU F 84 -40.83 -23.52 2.26
N SER F 85 -40.33 -22.64 3.15
CA SER F 85 -40.85 -22.60 4.52
C SER F 85 -42.37 -22.36 4.51
N ALA F 86 -42.86 -21.52 3.62
CA ALA F 86 -44.26 -21.18 3.53
C ALA F 86 -45.06 -22.38 3.01
N LEU F 87 -44.53 -23.09 2.04
CA LEU F 87 -45.25 -24.27 1.52
C LEU F 87 -45.41 -25.28 2.65
N ILE F 88 -44.33 -25.51 3.41
CA ILE F 88 -44.39 -26.34 4.64
C ILE F 88 -45.48 -25.86 5.60
N ASP F 89 -45.50 -24.58 5.94
CA ASP F 89 -46.55 -23.99 6.72
C ASP F 89 -47.97 -24.23 6.19
N SER F 90 -48.09 -24.16 4.89
CA SER F 90 -49.43 -24.28 4.27
C SER F 90 -50.01 -25.67 4.49
N LEU F 91 -49.15 -26.66 4.32
CA LEU F 91 -49.57 -28.02 4.55
C LEU F 91 -49.93 -28.27 6.01
N ALA F 92 -49.19 -27.69 6.93
CA ALA F 92 -49.48 -27.90 8.30
C ALA F 92 -50.77 -27.19 8.68
N ASP F 93 -51.16 -26.15 7.96
CA ASP F 93 -52.40 -25.43 8.29
C ASP F 93 -53.52 -26.27 7.74
N ALA F 94 -53.25 -26.90 6.59
CA ALA F 94 -54.22 -27.81 5.98
C ALA F 94 -54.53 -28.93 6.97
N TYR F 95 -53.49 -29.32 7.69
CA TYR F 95 -53.59 -30.41 8.71
C TYR F 95 -54.50 -30.00 9.82
N THR F 96 -54.23 -28.83 10.39
CA THR F 96 -55.13 -28.31 11.44
C THR F 96 -56.58 -28.25 10.97
N ASP F 97 -56.79 -27.78 9.75
CA ASP F 97 -58.11 -27.78 9.13
C ASP F 97 -58.77 -29.15 9.16
N TYR F 98 -58.01 -30.12 8.69
CA TYR F 98 -58.50 -31.48 8.60
C TYR F 98 -58.83 -32.07 10.00
N ARG F 99 -57.95 -31.80 10.95
CA ARG F 99 -58.12 -32.27 12.32
C ARG F 99 -59.36 -31.67 12.94
N ALA F 100 -59.72 -30.46 12.53
CA ALA F 100 -60.94 -29.86 13.02
C ALA F 100 -62.10 -30.67 12.46
N GLU F 101 -61.92 -31.19 11.22
CA GLU F 101 -63.02 -31.87 10.53
C GLU F 101 -63.23 -33.26 11.17
N MET F 102 -62.14 -33.97 11.50
CA MET F 102 -62.30 -35.32 12.09
C MET F 102 -62.19 -35.39 13.64
N LYS F 103 -62.29 -34.23 14.31
CA LYS F 103 -62.09 -34.19 15.78
C LYS F 103 -63.10 -35.06 16.54
N THR F 104 -64.35 -35.11 16.06
CA THR F 104 -65.37 -35.96 16.69
C THR F 104 -64.94 -37.41 16.69
N TYR F 105 -64.24 -37.87 15.66
CA TYR F 105 -63.69 -39.20 15.72
C TYR F 105 -62.64 -39.28 16.83
N TYR F 106 -61.63 -38.40 16.73
CA TYR F 106 -60.45 -38.42 17.62
C TYR F 106 -60.90 -38.45 19.09
N TYR F 107 -61.75 -37.48 19.45
CA TYR F 107 -62.36 -37.34 20.80
C TYR F 107 -63.05 -38.64 21.25
N THR F 108 -63.77 -39.28 20.34
CA THR F 108 -64.56 -40.47 20.69
C THR F 108 -63.65 -41.68 20.85
N ALA F 109 -62.65 -41.81 19.98
CA ALA F 109 -61.63 -42.86 20.12
C ALA F 109 -60.86 -42.76 21.46
N LEU F 110 -60.50 -41.54 21.86
CA LEU F 110 -59.83 -41.36 23.15
C LEU F 110 -60.90 -41.17 24.26
N GLY F 111 -61.95 -41.98 24.17
CA GLY F 111 -63.05 -42.00 25.13
C GLY F 111 -63.47 -40.66 25.69
N PHE F 112 -63.25 -39.59 24.92
CA PHE F 112 -63.40 -38.24 25.46
C PHE F 112 -64.83 -37.73 25.28
N MET F 113 -65.57 -38.35 24.35
CA MET F 113 -66.99 -38.03 24.16
C MET F 113 -67.80 -39.28 23.81
N GLY F 115 -69.98 -42.12 22.56
CA GLY F 115 -70.67 -42.84 21.48
C GLY F 115 -69.83 -44.01 20.98
N ASP F 116 -70.31 -44.73 19.97
CA ASP F 116 -69.50 -45.77 19.36
C ASP F 116 -68.57 -45.08 18.43
N VAL F 117 -67.30 -45.47 18.46
CA VAL F 117 -66.29 -44.88 17.58
C VAL F 117 -66.55 -45.19 16.09
N ASP F 118 -67.33 -46.24 15.79
CA ASP F 118 -67.65 -46.58 14.40
C ASP F 118 -68.40 -45.49 13.62
N LYS F 119 -69.31 -44.79 14.29
CA LYS F 119 -70.12 -43.78 13.60
C LYS F 119 -69.22 -42.65 13.10
N PRO F 120 -68.49 -41.99 13.99
CA PRO F 120 -67.57 -40.97 13.51
C PRO F 120 -66.40 -41.53 12.68
N LYS F 121 -65.99 -42.79 12.87
CA LYS F 121 -65.04 -43.39 11.92
C LYS F 121 -65.55 -43.28 10.48
N THR F 122 -66.75 -43.80 10.20
CA THR F 122 -67.24 -43.79 8.81
C THR F 122 -67.77 -42.44 8.37
N ASP F 123 -68.38 -41.68 9.28
CA ASP F 123 -69.05 -40.41 8.93
C ASP F 123 -68.16 -39.19 8.93
N VAL F 124 -67.18 -39.17 9.82
CA VAL F 124 -66.32 -38.00 9.94
C VAL F 124 -64.86 -38.34 9.61
N LEU F 125 -64.33 -39.45 10.08
CA LEU F 125 -62.90 -39.73 9.84
C LEU F 125 -62.59 -40.06 8.36
N LEU F 126 -63.29 -41.01 7.80
CA LEU F 126 -62.92 -41.49 6.49
C LEU F 126 -63.21 -40.47 5.33
N PRO F 127 -64.35 -39.78 5.36
CA PRO F 127 -64.54 -38.60 4.47
C PRO F 127 -63.45 -37.54 4.61
N ALA F 128 -63.17 -37.16 5.86
CA ALA F 128 -62.14 -36.21 6.18
C ALA F 128 -60.79 -36.60 5.59
N ARG F 129 -60.41 -37.85 5.80
CA ARG F 129 -59.12 -38.33 5.29
C ARG F 129 -59.08 -38.44 3.81
N THR F 130 -60.19 -38.81 3.17
CA THR F 130 -60.18 -38.80 1.72
C THR F 130 -59.71 -37.46 1.15
N LYS F 131 -60.30 -36.38 1.68
CA LYS F 131 -60.02 -35.03 1.19
C LYS F 131 -58.59 -34.63 1.48
N PHE F 132 -58.21 -34.72 2.76
CA PHE F 132 -56.88 -34.26 3.20
C PHE F 132 -55.78 -35.09 2.51
N LEU F 133 -55.95 -36.40 2.47
CA LEU F 133 -54.86 -37.25 1.96
C LEU F 133 -54.73 -37.17 0.44
N GLY F 134 -55.84 -36.75 -0.18
CA GLY F 134 -55.82 -36.47 -1.60
C GLY F 134 -54.95 -35.27 -1.85
N PHE F 135 -55.14 -34.23 -1.04
CA PHE F 135 -54.33 -32.98 -1.13
C PHE F 135 -52.87 -33.34 -0.87
N ILE F 136 -52.60 -34.07 0.21
CA ILE F 136 -51.21 -34.48 0.54
C ILE F 136 -50.55 -35.23 -0.59
N THR F 137 -51.28 -36.16 -1.21
CA THR F 137 -50.69 -37.02 -2.24
C THR F 137 -50.29 -36.21 -3.47
N LYS F 138 -51.16 -35.25 -3.77
CA LYS F 138 -50.87 -34.31 -4.82
C LYS F 138 -49.50 -33.66 -4.64
N PHE F 139 -49.22 -33.19 -3.43
CA PHE F 139 -47.92 -32.60 -3.14
C PHE F 139 -46.78 -33.62 -3.28
N LEU F 140 -46.96 -34.82 -2.74
CA LEU F 140 -45.93 -35.87 -2.87
C LEU F 140 -45.60 -36.25 -4.30
N LYS F 141 -46.69 -36.52 -5.02
CA LYS F 141 -46.62 -36.82 -6.43
C LYS F 141 -45.74 -35.86 -7.23
N LYS F 142 -45.88 -34.56 -7.01
CA LYS F 142 -45.13 -33.58 -7.78
C LYS F 142 -43.74 -33.27 -7.22
N ASN F 143 -43.29 -34.03 -6.22
CA ASN F 143 -41.97 -33.86 -5.61
C ASN F 143 -41.20 -35.16 -5.64
N SER F 144 -39.99 -35.09 -6.20
CA SER F 144 -39.17 -36.27 -6.44
C SER F 144 -38.30 -36.74 -5.28
N SER F 145 -38.11 -35.91 -4.28
CA SER F 145 -37.26 -36.31 -3.16
C SER F 145 -38.03 -37.27 -2.25
N GLY F 146 -39.38 -37.30 -2.29
CA GLY F 146 -40.11 -38.15 -1.32
C GLY F 146 -40.59 -37.41 -0.08
N PHE F 147 -40.23 -36.10 0.03
CA PHE F 147 -40.67 -35.15 1.08
C PHE F 147 -41.82 -34.31 0.57
N LEU F 148 -42.53 -33.68 1.50
CA LEU F 148 -43.67 -32.91 1.12
C LEU F 148 -43.28 -31.64 0.40
N VAL F 149 -42.22 -31.00 0.91
CA VAL F 149 -41.68 -29.80 0.30
C VAL F 149 -40.17 -29.93 0.16
N GLY F 150 -39.66 -29.63 -1.02
CA GLY F 150 -38.22 -29.46 -1.18
C GLY F 150 -37.50 -30.77 -1.12
N ASP F 151 -36.18 -30.72 -0.99
CA ASP F 151 -35.39 -31.92 -0.93
C ASP F 151 -34.86 -32.41 0.42
N LYS F 152 -35.44 -31.92 1.50
CA LYS F 152 -34.97 -32.24 2.87
C LYS F 152 -36.14 -32.43 3.72
N ILE F 153 -35.94 -33.31 4.72
CA ILE F 153 -36.95 -33.56 5.69
C ILE F 153 -37.25 -32.22 6.33
N SER F 154 -38.55 -32.01 6.52
CA SER F 154 -39.04 -30.87 7.25
C SER F 154 -39.99 -31.29 8.39
N TRP F 155 -40.24 -30.37 9.29
CA TRP F 155 -41.16 -30.66 10.34
C TRP F 155 -42.57 -31.09 9.94
N VAL F 156 -43.06 -30.66 8.78
CA VAL F 156 -44.42 -31.11 8.39
C VAL F 156 -44.42 -32.53 7.92
N ASP F 157 -43.26 -33.03 7.49
CA ASP F 157 -43.19 -34.41 7.19
C ASP F 157 -43.48 -35.18 8.47
N LEU F 158 -42.84 -34.74 9.55
CA LEU F 158 -42.94 -35.38 10.81
C LEU F 158 -44.36 -35.37 11.26
N LEU F 159 -45.01 -34.23 11.07
CA LEU F 159 -46.34 -34.00 11.56
C LEU F 159 -47.34 -34.97 10.90
N VAL F 160 -47.24 -35.05 9.58
CA VAL F 160 -48.17 -35.87 8.82
C VAL F 160 -47.93 -37.34 9.04
N ALA F 161 -46.68 -37.76 8.86
CA ALA F 161 -46.35 -39.15 9.02
C ALA F 161 -46.76 -39.71 10.42
N GLU F 162 -46.66 -38.92 11.46
CA GLU F 162 -47.01 -39.35 12.80
C GLU F 162 -48.54 -39.56 12.91
N HIS F 163 -49.30 -38.60 12.43
CA HIS F 163 -50.77 -38.70 12.46
C HIS F 163 -51.23 -39.89 11.67
N VAL F 164 -50.67 -40.05 10.48
CA VAL F 164 -51.05 -41.19 9.65
C VAL F 164 -50.70 -42.50 10.35
N ALA F 165 -49.60 -42.55 11.07
CA ALA F 165 -49.25 -43.85 11.80
C ALA F 165 -50.22 -44.15 12.96
N ASP F 166 -50.45 -43.13 13.76
CA ASP F 166 -51.44 -43.14 14.82
C ASP F 166 -52.79 -43.56 14.26
N MET F 167 -53.26 -42.85 13.24
CA MET F 167 -54.57 -43.19 12.69
C MET F 167 -54.61 -44.58 12.04
N THR F 168 -53.54 -45.07 11.41
CA THR F 168 -53.66 -46.45 10.83
C THR F 168 -53.62 -47.57 11.89
N ASN F 169 -52.81 -47.36 12.92
CA ASN F 169 -52.91 -48.24 14.06
C ASN F 169 -54.34 -48.30 14.63
N ARG F 170 -55.05 -47.17 14.70
CA ARG F 170 -56.41 -47.18 15.31
C ARG F 170 -57.44 -47.72 14.35
N VAL F 171 -57.31 -47.28 13.11
CA VAL F 171 -58.21 -47.61 12.01
C VAL F 171 -57.39 -48.08 10.78
N PRO F 172 -57.07 -49.36 10.66
CA PRO F 172 -56.22 -49.82 9.55
C PRO F 172 -56.67 -49.46 8.13
N GLU F 173 -57.95 -49.22 7.86
CA GLU F 173 -58.33 -48.79 6.50
C GLU F 173 -58.19 -47.28 6.31
N TYR F 174 -57.76 -46.57 7.36
CA TYR F 174 -57.40 -45.18 7.20
C TYR F 174 -56.47 -44.97 5.99
N ILE F 175 -55.49 -45.83 5.79
CA ILE F 175 -54.45 -45.67 4.73
C ILE F 175 -54.83 -46.27 3.40
N GLU F 176 -55.94 -47.03 3.40
CA GLU F 176 -56.42 -47.66 2.19
C GLU F 176 -56.85 -46.57 1.19
N GLY F 177 -56.28 -46.70 -0.02
CA GLY F 177 -56.44 -45.75 -1.13
C GLY F 177 -55.24 -44.79 -1.30
N PHE F 178 -54.25 -44.83 -0.39
CA PHE F 178 -53.22 -43.78 -0.29
C PHE F 178 -51.80 -44.38 -0.16
N PRO F 179 -51.39 -45.15 -1.18
CA PRO F 179 -50.10 -45.85 -1.13
C PRO F 179 -48.90 -44.89 -0.98
N GLU F 180 -49.01 -43.70 -1.55
CA GLU F 180 -47.91 -42.71 -1.53
C GLU F 180 -47.71 -42.12 -0.11
N VAL F 181 -48.83 -41.77 0.49
CA VAL F 181 -48.90 -41.35 1.87
C VAL F 181 -48.35 -42.44 2.80
N LYS F 182 -48.81 -43.70 2.62
CA LYS F 182 -48.22 -44.85 3.35
C LYS F 182 -46.69 -44.92 3.21
N ALA F 183 -46.17 -44.81 1.99
CA ALA F 183 -44.73 -44.90 1.78
C ALA F 183 -44.04 -43.74 2.45
N HIS F 184 -44.71 -42.59 2.43
CA HIS F 184 -44.11 -41.38 3.03
C HIS F 184 -43.96 -41.62 4.52
N MET F 185 -45.06 -42.01 5.18
CA MET F 185 -45.09 -42.45 6.57
C MET F 185 -43.89 -43.36 6.89
N GLU F 186 -43.74 -44.42 6.13
CA GLU F 186 -42.65 -45.40 6.38
C GLU F 186 -41.28 -44.70 6.21
N ARG F 187 -41.16 -43.94 5.15
CA ARG F 187 -39.91 -43.13 4.91
C ARG F 187 -39.48 -42.23 6.09
N ILE F 188 -40.43 -41.48 6.65
CA ILE F 188 -40.13 -40.56 7.71
C ILE F 188 -39.82 -41.30 9.02
N GLN F 189 -40.60 -42.34 9.31
CA GLN F 189 -40.54 -43.00 10.61
C GLN F 189 -39.35 -43.95 10.69
N GLN F 190 -38.71 -44.20 9.55
CA GLN F 190 -37.47 -44.99 9.48
C GLN F 190 -36.23 -44.13 9.35
N THR F 191 -36.38 -42.81 9.24
CA THR F 191 -35.24 -41.96 9.34
C THR F 191 -34.59 -42.22 10.68
N PRO F 192 -33.27 -42.45 10.73
CA PRO F 192 -32.67 -43.08 11.87
C PRO F 192 -32.97 -42.41 13.19
N ARG F 193 -32.92 -41.09 13.22
CA ARG F 193 -33.03 -40.43 14.52
C ARG F 193 -34.49 -40.48 14.93
N ILE F 194 -35.35 -40.55 13.94
CA ILE F 194 -36.80 -40.65 14.22
C ILE F 194 -37.00 -42.11 14.61
N LYS F 195 -36.37 -43.01 13.89
CA LYS F 195 -36.52 -44.47 14.19
C LYS F 195 -36.06 -44.78 15.58
N LYS F 196 -34.87 -44.28 15.95
CA LYS F 196 -34.38 -44.29 17.34
C LYS F 196 -35.35 -43.74 18.40
N TRP F 197 -35.92 -42.56 18.17
CA TRP F 197 -36.87 -41.93 19.08
C TRP F 197 -38.14 -42.76 19.29
N ILE F 198 -38.69 -43.26 18.19
CA ILE F 198 -39.87 -44.09 18.21
C ILE F 198 -39.64 -45.34 19.06
N GLU F 199 -38.48 -45.96 18.91
CA GLU F 199 -38.12 -47.12 19.73
C GLU F 199 -37.94 -46.84 21.21
N THR F 200 -37.45 -45.63 21.57
CA THR F 200 -37.13 -45.28 22.98
C THR F 200 -38.21 -44.45 23.68
N ARG F 201 -39.08 -43.77 22.95
CA ARG F 201 -40.12 -42.92 23.55
C ARG F 201 -41.04 -43.70 24.51
N PRO F 202 -41.58 -43.03 25.53
CA PRO F 202 -42.59 -43.67 26.37
C PRO F 202 -43.75 -44.27 25.57
N GLU F 203 -44.24 -45.44 25.95
CA GLU F 203 -45.41 -45.98 25.26
C GLU F 203 -46.65 -45.41 25.92
N THR F 204 -47.50 -44.73 25.15
CA THR F 204 -48.69 -44.03 25.69
C THR F 204 -49.93 -44.28 24.83
N PRO F 205 -51.13 -44.14 25.40
CA PRO F 205 -52.39 -44.31 24.65
C PRO F 205 -52.69 -43.24 23.60
N PHE F 206 -52.11 -42.04 23.73
CA PHE F 206 -52.37 -40.98 22.78
C PHE F 206 -51.07 -40.23 22.45
N MET G 1 -28.11 -21.83 30.18
CA MET G 1 -28.63 -20.89 29.21
C MET G 1 -27.55 -20.67 28.17
N VAL G 2 -27.89 -20.09 27.04
CA VAL G 2 -26.86 -19.93 25.99
C VAL G 2 -25.71 -19.10 26.57
N HIS G 3 -24.51 -19.57 26.28
CA HIS G 3 -23.29 -19.03 26.82
C HIS G 3 -22.48 -18.42 25.67
N TYR G 4 -22.13 -17.15 25.84
CA TYR G 4 -21.35 -16.42 24.84
C TYR G 4 -20.01 -16.00 25.47
N LYS G 5 -18.91 -16.29 24.79
CA LYS G 5 -17.55 -15.85 25.18
C LYS G 5 -16.91 -15.14 23.97
N LEU G 6 -16.40 -13.92 24.18
CA LEU G 6 -15.79 -13.15 23.12
C LEU G 6 -14.35 -12.97 23.57
N THR G 7 -13.45 -13.47 22.75
CA THR G 7 -12.08 -13.31 23.04
C THR G 7 -11.49 -12.30 22.07
N TYR G 8 -10.80 -11.30 22.61
CA TYR G 8 -10.19 -10.23 21.79
C TYR G 8 -9.10 -9.58 22.67
N PHE G 9 -8.48 -8.50 22.20
CA PHE G 9 -7.48 -7.82 22.94
C PHE G 9 -8.12 -6.88 23.95
N ASN G 10 -7.29 -6.29 24.79
CA ASN G 10 -7.80 -5.37 25.79
C ASN G 10 -7.90 -4.00 25.15
N GLY G 11 -8.91 -3.87 24.31
CA GLY G 11 -9.13 -2.63 23.63
C GLY G 11 -10.41 -2.72 22.89
N ARG G 12 -10.83 -1.58 22.35
CA ARG G 12 -12.05 -1.53 21.56
C ARG G 12 -11.80 -2.32 20.25
N GLY G 13 -11.06 -1.71 19.34
CA GLY G 13 -10.60 -2.40 18.15
C GLY G 13 -11.72 -3.14 17.42
N ALA G 14 -11.35 -4.27 16.84
CA ALA G 14 -12.22 -5.13 16.11
C ALA G 14 -13.21 -5.96 16.92
N GLY G 15 -13.12 -5.98 18.25
CA GLY G 15 -14.10 -6.72 19.09
C GLY G 15 -15.25 -5.81 19.51
N GLU G 16 -15.08 -4.51 19.33
CA GLU G 16 -15.96 -3.54 19.97
C GLU G 16 -17.37 -3.58 19.44
N CYS G 17 -17.52 -3.76 18.13
CA CYS G 17 -18.86 -3.83 17.56
C CYS G 17 -19.62 -5.01 18.18
N ALA G 18 -19.03 -6.19 18.23
CA ALA G 18 -19.65 -7.31 18.96
C ALA G 18 -20.06 -6.98 20.42
N ARG G 19 -19.17 -6.33 21.16
CA ARG G 19 -19.48 -5.90 22.54
C ARG G 19 -20.67 -4.98 22.54
N GLN G 20 -20.74 -4.09 21.53
CA GLN G 20 -21.87 -3.14 21.54
C GLN G 20 -23.19 -3.79 21.14
N VAL G 21 -23.12 -4.80 20.31
CA VAL G 21 -24.35 -5.57 20.04
C VAL G 21 -24.84 -6.32 21.31
N PHE G 22 -23.94 -6.97 22.02
CA PHE G 22 -24.31 -7.58 23.30
C PHE G 22 -24.91 -6.52 24.22
N ALA G 23 -24.27 -5.34 24.31
CA ALA G 23 -24.84 -4.26 25.16
C ALA G 23 -26.25 -3.89 24.74
N LEU G 24 -26.45 -3.76 23.46
CA LEU G 24 -27.70 -3.30 22.95
C LEU G 24 -28.77 -4.32 23.25
N ALA G 25 -28.37 -5.59 23.17
CA ALA G 25 -29.25 -6.69 23.50
C ALA G 25 -29.44 -6.98 25.00
N ASP G 26 -28.73 -6.28 25.86
CA ASP G 26 -28.63 -6.59 27.31
C ASP G 26 -28.31 -8.10 27.50
N GLN G 27 -27.33 -8.57 26.74
CA GLN G 27 -26.96 -9.96 26.77
C GLN G 27 -25.67 -10.11 27.52
N LYS G 28 -25.71 -10.93 28.58
CA LYS G 28 -24.50 -11.29 29.30
C LYS G 28 -23.55 -12.17 28.48
N TYR G 29 -22.27 -11.85 28.59
CA TYR G 29 -21.24 -12.57 27.88
C TYR G 29 -19.92 -12.44 28.67
N GLU G 30 -18.99 -13.35 28.36
CA GLU G 30 -17.65 -13.32 28.94
C GLU G 30 -16.72 -12.55 28.00
N ASP G 31 -16.23 -11.43 28.49
CA ASP G 31 -15.40 -10.49 27.74
C ASP G 31 -13.98 -10.81 28.12
N VAL G 32 -13.36 -11.70 27.35
CA VAL G 32 -12.03 -12.13 27.58
C VAL G 32 -11.09 -11.24 26.79
N ARG G 33 -10.18 -10.61 27.51
CA ARG G 33 -9.26 -9.60 26.97
C ARG G 33 -7.81 -10.06 27.09
N LEU G 34 -7.16 -10.28 25.95
CA LEU G 34 -5.77 -10.77 25.88
C LEU G 34 -4.81 -9.60 25.69
N THR G 35 -3.55 -9.76 26.12
CA THR G 35 -2.47 -8.92 25.62
C THR G 35 -1.70 -9.68 24.56
N GLN G 36 -0.69 -9.06 23.99
CA GLN G 36 0.14 -9.74 23.01
C GLN G 36 0.79 -10.99 23.62
N GLU G 37 1.15 -10.92 24.89
CA GLU G 37 1.78 -12.06 25.56
C GLU G 37 0.85 -13.26 25.74
N THR G 38 -0.39 -13.02 26.11
CA THR G 38 -1.29 -14.17 26.34
C THR G 38 -1.96 -14.62 25.05
N PHE G 39 -2.00 -13.75 24.04
CA PHE G 39 -2.50 -14.16 22.73
C PHE G 39 -1.59 -15.22 22.09
N VAL G 40 -0.29 -15.09 22.25
CA VAL G 40 0.66 -15.98 21.59
C VAL G 40 0.43 -17.51 21.80
N PRO G 41 0.34 -18.01 23.05
CA PRO G 41 -0.07 -19.41 23.30
C PRO G 41 -1.41 -19.90 22.76
N LEU G 42 -2.39 -19.00 22.56
CA LEU G 42 -3.70 -19.40 22.05
C LEU G 42 -3.80 -19.36 20.55
N LYS G 43 -2.83 -18.73 19.88
CA LYS G 43 -2.98 -18.41 18.44
C LYS G 43 -3.44 -19.65 17.64
N ALA G 44 -2.92 -20.84 17.95
CA ALA G 44 -3.31 -22.03 17.17
C ALA G 44 -4.71 -22.59 17.49
N THR G 45 -5.36 -22.11 18.54
CA THR G 45 -6.67 -22.65 18.86
C THR G 45 -7.75 -21.90 18.09
N PHE G 46 -7.35 -20.78 17.46
CA PHE G 46 -8.32 -19.90 16.77
C PHE G 46 -8.42 -20.30 15.31
N PRO G 47 -9.66 -20.27 14.78
CA PRO G 47 -9.94 -20.78 13.44
C PRO G 47 -9.00 -20.22 12.36
N PHE G 48 -8.66 -18.94 12.41
CA PHE G 48 -7.76 -18.34 11.44
C PHE G 48 -6.53 -17.66 12.10
N GLY G 49 -6.24 -18.06 13.35
CA GLY G 49 -5.06 -17.62 14.05
C GLY G 49 -5.18 -16.20 14.49
N GLN G 50 -6.42 -15.68 14.59
CA GLN G 50 -6.62 -14.27 14.93
C GLN G 50 -7.76 -14.15 15.88
N VAL G 51 -7.89 -12.93 16.43
CA VAL G 51 -8.98 -12.57 17.38
C VAL G 51 -9.65 -11.30 16.73
N PRO G 52 -10.99 -11.15 16.79
CA PRO G 52 -11.85 -11.80 17.77
C PRO G 52 -12.32 -13.20 17.35
N VAL G 53 -12.67 -13.96 18.38
CA VAL G 53 -13.29 -15.25 18.24
C VAL G 53 -14.45 -15.24 19.26
N LEU G 54 -15.61 -15.56 18.74
CA LEU G 54 -16.80 -15.86 19.53
C LEU G 54 -16.97 -17.32 19.78
N GLU G 55 -17.35 -17.68 21.01
CA GLU G 55 -17.78 -19.05 21.27
C GLU G 55 -19.21 -18.97 21.72
N VAL G 56 -20.06 -19.80 21.12
CA VAL G 56 -21.47 -19.88 21.42
C VAL G 56 -21.65 -21.32 21.86
N ASP G 57 -22.00 -21.55 23.12
CA ASP G 57 -22.05 -22.90 23.64
C ASP G 57 -20.82 -23.73 23.28
N GLY G 58 -19.66 -23.09 23.40
CA GLY G 58 -18.35 -23.70 23.17
C GLY G 58 -17.94 -23.87 21.72
N GLN G 59 -18.79 -23.42 20.79
CA GLN G 59 -18.48 -23.54 19.35
C GLN G 59 -17.90 -22.24 18.86
N GLN G 60 -16.77 -22.34 18.16
CA GLN G 60 -16.04 -21.12 17.71
C GLN G 60 -16.54 -20.51 16.38
N LEU G 61 -16.60 -19.18 16.40
CA LEU G 61 -16.88 -18.39 15.24
C LEU G 61 -15.92 -17.25 15.22
N ALA G 62 -15.09 -17.20 14.18
CA ALA G 62 -14.14 -16.16 14.02
C ALA G 62 -14.63 -15.05 13.08
N GLN G 63 -13.87 -13.97 13.03
CA GLN G 63 -14.06 -12.80 12.11
C GLN G 63 -15.05 -11.77 12.62
N SER G 64 -14.58 -10.54 12.82
CA SER G 64 -15.40 -9.52 13.47
C SER G 64 -16.74 -9.34 12.78
N GLN G 65 -16.78 -9.23 11.44
CA GLN G 65 -18.08 -8.96 10.83
C GLN G 65 -18.98 -10.21 10.81
N ALA G 66 -18.41 -11.41 10.66
CA ALA G 66 -19.23 -12.61 10.74
C ALA G 66 -19.87 -12.71 12.14
N ILE G 67 -19.10 -12.37 13.14
CA ILE G 67 -19.55 -12.47 14.53
C ILE G 67 -20.60 -11.41 14.75
N CYS G 68 -20.34 -10.21 14.30
CA CYS G 68 -21.36 -9.10 14.48
C CYS G 68 -22.66 -9.42 13.77
N ARG G 69 -22.59 -9.89 12.54
CA ARG G 69 -23.77 -10.21 11.81
C ARG G 69 -24.56 -11.29 12.50
N TYR G 70 -23.85 -12.32 12.94
CA TYR G 70 -24.46 -13.45 13.63
C TYR G 70 -25.21 -12.98 14.88
N LEU G 71 -24.53 -12.15 15.68
CA LEU G 71 -25.12 -11.69 16.91
C LEU G 71 -26.27 -10.74 16.59
N ALA G 72 -26.06 -9.88 15.61
CA ALA G 72 -27.13 -8.90 15.24
C ALA G 72 -28.42 -9.65 14.79
N LYS G 73 -28.25 -10.68 13.98
CA LYS G 73 -29.39 -11.46 13.52
C LYS G 73 -30.09 -12.16 14.67
N THR G 74 -29.31 -12.61 15.61
CA THR G 74 -29.83 -13.23 16.85
C THR G 74 -30.70 -12.32 17.66
N PHE G 75 -30.22 -11.09 17.77
CA PHE G 75 -30.80 -10.10 18.64
C PHE G 75 -31.67 -9.05 17.97
N GLY G 76 -31.78 -9.05 16.64
CA GLY G 76 -32.72 -8.19 15.96
C GLY G 76 -32.14 -6.84 15.50
N PHE G 77 -30.85 -6.83 15.27
CA PHE G 77 -30.18 -5.59 14.81
C PHE G 77 -29.51 -5.77 13.45
N ALA G 78 -30.11 -6.60 12.61
CA ALA G 78 -29.63 -6.85 11.28
C ALA G 78 -30.66 -6.57 10.15
N GLY G 79 -31.50 -5.57 10.36
CA GLY G 79 -32.52 -5.22 9.41
C GLY G 79 -33.80 -6.02 9.55
N ALA G 80 -34.83 -5.54 8.85
CA ALA G 80 -36.17 -6.12 8.96
C ALA G 80 -36.49 -7.11 7.86
N THR G 81 -35.76 -7.04 6.76
CA THR G 81 -35.96 -7.94 5.64
C THR G 81 -34.63 -8.45 5.14
N PRO G 82 -34.67 -9.45 4.28
CA PRO G 82 -33.45 -9.91 3.64
C PRO G 82 -32.67 -8.81 2.90
N PHE G 83 -33.40 -7.95 2.21
CA PHE G 83 -32.69 -6.93 1.39
C PHE G 83 -32.09 -5.90 2.31
N GLU G 84 -32.81 -5.53 3.38
CA GLU G 84 -32.20 -4.65 4.36
C GLU G 84 -30.95 -5.21 4.98
N SER G 85 -30.96 -6.50 5.31
CA SER G 85 -29.76 -7.12 5.92
C SER G 85 -28.56 -7.01 4.93
N ALA G 86 -28.85 -7.25 3.66
CA ALA G 86 -27.87 -7.11 2.61
C ALA G 86 -27.34 -5.71 2.44
N LEU G 87 -28.20 -4.71 2.56
CA LEU G 87 -27.77 -3.30 2.46
C LEU G 87 -26.82 -2.95 3.63
N ILE G 88 -27.19 -3.41 4.79
CA ILE G 88 -26.34 -3.29 5.96
C ILE G 88 -25.01 -3.93 5.76
N ASP G 89 -25.02 -5.14 5.23
CA ASP G 89 -23.80 -5.83 4.91
C ASP G 89 -22.91 -4.97 3.96
N SER G 90 -23.54 -4.44 2.91
CA SER G 90 -22.83 -3.67 1.89
C SER G 90 -22.15 -2.44 2.53
N LEU G 91 -22.80 -1.80 3.50
CA LEU G 91 -22.23 -0.65 4.17
C LEU G 91 -21.01 -1.11 5.00
N ALA G 92 -21.15 -2.25 5.70
CA ALA G 92 -20.07 -2.76 6.51
C ALA G 92 -18.88 -3.17 5.67
N ASP G 93 -19.15 -3.72 4.49
CA ASP G 93 -18.14 -4.07 3.54
C ASP G 93 -17.46 -2.78 3.02
N ALA G 94 -18.24 -1.74 2.72
CA ALA G 94 -17.68 -0.44 2.29
C ALA G 94 -16.77 0.18 3.38
N TYR G 95 -17.15 -0.04 4.64
CA TYR G 95 -16.38 0.35 5.80
C TYR G 95 -15.01 -0.33 5.78
N THR G 96 -15.02 -1.62 5.53
CA THR G 96 -13.80 -2.36 5.45
C THR G 96 -12.86 -1.78 4.41
N ASP G 97 -13.36 -1.57 3.20
CA ASP G 97 -12.55 -0.98 2.11
C ASP G 97 -11.95 0.35 2.52
N TYR G 98 -12.80 1.17 3.11
CA TYR G 98 -12.38 2.47 3.58
C TYR G 98 -11.33 2.33 4.65
N ARG G 99 -11.45 1.36 5.55
CA ARG G 99 -10.41 1.18 6.57
C ARG G 99 -9.07 0.75 5.99
N ALA G 100 -9.08 -0.08 4.95
CA ALA G 100 -7.83 -0.39 4.24
C ALA G 100 -7.22 0.92 3.71
N GLU G 101 -8.02 1.76 3.09
CA GLU G 101 -7.53 3.00 2.51
C GLU G 101 -6.83 3.94 3.52
N MET G 102 -7.28 4.01 4.77
CA MET G 102 -6.67 4.94 5.73
C MET G 102 -5.84 4.30 6.86
N LYS G 103 -5.40 3.07 6.61
CA LYS G 103 -4.62 2.30 7.59
C LYS G 103 -3.32 3.01 8.00
N LYS G 121 -2.59 12.00 7.85
CA LYS G 121 -3.85 12.66 8.17
C LYS G 121 -4.39 13.49 7.00
N THR G 122 -3.54 14.32 6.43
CA THR G 122 -4.01 15.37 5.54
C THR G 122 -4.22 14.87 4.10
N ASP G 123 -3.38 13.92 3.69
CA ASP G 123 -3.43 13.38 2.33
C ASP G 123 -4.20 12.06 2.25
N VAL G 124 -4.24 11.30 3.34
CA VAL G 124 -4.86 9.97 3.31
C VAL G 124 -6.10 9.84 4.19
N LEU G 125 -6.03 10.30 5.43
CA LEU G 125 -7.17 10.14 6.35
C LEU G 125 -8.35 11.01 5.89
N LEU G 126 -8.05 12.19 5.37
CA LEU G 126 -9.12 13.12 5.05
C LEU G 126 -9.76 12.85 3.68
N PRO G 127 -8.97 12.61 2.63
CA PRO G 127 -9.57 12.11 1.38
C PRO G 127 -10.32 10.77 1.51
N ALA G 128 -9.75 9.81 2.24
CA ALA G 128 -10.48 8.54 2.45
C ALA G 128 -11.84 8.82 3.05
N ARG G 129 -11.90 9.62 4.10
CA ARG G 129 -13.17 9.84 4.73
C ARG G 129 -14.07 10.70 3.86
N THR G 130 -13.52 11.65 3.11
CA THR G 130 -14.35 12.36 2.15
C THR G 130 -15.18 11.44 1.29
N LYS G 131 -14.52 10.47 0.69
CA LYS G 131 -15.14 9.47 -0.15
C LYS G 131 -16.14 8.63 0.64
N PHE G 132 -15.69 8.05 1.75
CA PHE G 132 -16.50 7.09 2.53
C PHE G 132 -17.67 7.77 3.14
N LEU G 133 -17.44 8.93 3.74
CA LEU G 133 -18.51 9.66 4.40
C LEU G 133 -19.47 10.22 3.36
N GLY G 134 -19.00 10.48 2.14
CA GLY G 134 -19.88 10.93 1.06
C GLY G 134 -20.93 9.87 0.73
N PHE G 135 -20.43 8.64 0.55
CA PHE G 135 -21.27 7.45 0.33
C PHE G 135 -22.27 7.21 1.42
N ILE G 136 -21.80 7.26 2.66
CA ILE G 136 -22.56 7.12 3.91
C ILE G 136 -23.68 8.14 3.98
N THR G 137 -23.34 9.40 3.75
CA THR G 137 -24.31 10.46 3.77
C THR G 137 -25.47 10.26 2.81
N LYS G 138 -25.23 9.68 1.63
CA LYS G 138 -26.32 9.41 0.69
C LYS G 138 -27.33 8.46 1.30
N PHE G 139 -26.83 7.41 1.97
CA PHE G 139 -27.70 6.47 2.68
C PHE G 139 -28.48 7.18 3.78
N LEU G 140 -27.82 7.97 4.58
CA LEU G 140 -28.51 8.72 5.63
C LEU G 140 -29.58 9.66 5.08
N LYS G 141 -29.27 10.36 4.00
CA LYS G 141 -30.18 11.41 3.48
C LYS G 141 -31.42 10.81 2.83
N LYS G 142 -31.29 9.58 2.33
CA LYS G 142 -32.39 8.78 1.77
C LYS G 142 -33.36 8.29 2.84
N ASN G 143 -32.89 8.17 4.07
CA ASN G 143 -33.58 7.45 5.13
C ASN G 143 -34.02 8.43 6.17
N SER G 144 -35.33 8.60 6.28
CA SER G 144 -35.90 9.55 7.24
C SER G 144 -35.77 9.13 8.70
N SER G 145 -35.39 7.89 8.96
CA SER G 145 -35.39 7.32 10.32
C SER G 145 -34.19 7.80 11.15
N GLY G 146 -33.11 8.22 10.50
CA GLY G 146 -31.92 8.63 11.23
C GLY G 146 -30.90 7.54 11.27
N PHE G 147 -31.30 6.35 10.84
CA PHE G 147 -30.41 5.20 10.77
C PHE G 147 -29.88 5.02 9.36
N LEU G 148 -28.91 4.13 9.19
CA LEU G 148 -28.26 3.95 7.88
C LEU G 148 -29.19 3.15 6.95
N VAL G 149 -29.80 2.11 7.51
CA VAL G 149 -30.72 1.21 6.76
C VAL G 149 -31.95 0.95 7.55
N GLY G 150 -33.12 1.17 6.95
CA GLY G 150 -34.38 0.79 7.60
C GLY G 150 -34.71 1.75 8.74
N ASP G 151 -35.65 1.36 9.57
CA ASP G 151 -36.18 2.27 10.57
C ASP G 151 -35.75 1.97 11.98
N LYS G 152 -34.76 1.11 12.12
CA LYS G 152 -34.33 0.64 13.41
C LYS G 152 -32.80 0.57 13.42
N ILE G 153 -32.25 0.72 14.60
CA ILE G 153 -30.78 0.52 14.73
C ILE G 153 -30.28 -0.84 14.25
N SER G 154 -29.14 -0.81 13.55
CA SER G 154 -28.46 -2.04 13.14
C SER G 154 -26.99 -2.04 13.57
N TRP G 155 -26.37 -3.18 13.41
CA TRP G 155 -24.95 -3.33 13.80
C TRP G 155 -24.03 -2.42 13.02
N VAL G 156 -24.40 -2.08 11.78
CA VAL G 156 -23.59 -1.11 11.02
C VAL G 156 -23.71 0.28 11.51
N ASP G 157 -24.84 0.63 12.11
CA ASP G 157 -24.93 1.93 12.83
C ASP G 157 -23.91 2.02 13.97
N LEU G 158 -23.81 0.93 14.73
CA LEU G 158 -22.88 0.84 15.84
C LEU G 158 -21.47 0.98 15.31
N LEU G 159 -21.21 0.26 14.25
CA LEU G 159 -19.86 0.14 13.74
C LEU G 159 -19.38 1.53 13.26
N VAL G 160 -20.19 2.14 12.42
CA VAL G 160 -19.86 3.49 11.91
C VAL G 160 -19.81 4.53 13.03
N ALA G 161 -20.81 4.57 13.91
CA ALA G 161 -20.88 5.62 14.95
C ALA G 161 -19.68 5.55 15.86
N GLU G 162 -19.26 4.33 16.22
CA GLU G 162 -18.03 4.12 17.04
C GLU G 162 -16.75 4.63 16.35
N HIS G 163 -16.58 4.26 15.09
CA HIS G 163 -15.45 4.74 14.36
C HIS G 163 -15.45 6.27 14.22
N VAL G 164 -16.60 6.84 13.88
CA VAL G 164 -16.67 8.31 13.73
C VAL G 164 -16.37 9.02 15.07
N ALA G 165 -16.91 8.51 16.18
CA ALA G 165 -16.61 9.10 17.49
C ALA G 165 -15.13 9.01 17.85
N ASP G 166 -14.54 7.85 17.57
CA ASP G 166 -13.10 7.62 17.79
C ASP G 166 -12.28 8.62 16.98
N MET G 167 -12.52 8.68 15.67
CA MET G 167 -11.72 9.54 14.77
C MET G 167 -11.95 11.01 15.05
N THR G 168 -13.18 11.38 15.37
CA THR G 168 -13.41 12.80 15.73
C THR G 168 -12.71 13.20 17.03
N ASN G 169 -12.60 12.25 17.92
CA ASN G 169 -11.85 12.40 19.15
C ASN G 169 -10.37 12.66 18.86
N ARG G 170 -9.81 11.87 17.96
CA ARG G 170 -8.39 12.03 17.64
C ARG G 170 -8.14 13.26 16.77
N VAL G 171 -9.13 13.61 15.96
CA VAL G 171 -8.98 14.61 14.88
C VAL G 171 -10.32 15.32 14.78
N PRO G 172 -10.49 16.40 15.54
CA PRO G 172 -11.74 17.14 15.55
C PRO G 172 -12.29 17.50 14.17
N GLU G 173 -11.43 17.70 13.16
CA GLU G 173 -11.93 18.06 11.81
C GLU G 173 -12.45 16.88 10.98
N TYR G 174 -12.15 15.66 11.40
CA TYR G 174 -12.64 14.46 10.72
C TYR G 174 -14.09 14.56 10.23
N ILE G 175 -14.95 15.17 11.05
CA ILE G 175 -16.37 15.27 10.82
C ILE G 175 -16.84 16.57 10.10
N GLU G 176 -15.92 17.51 9.90
CA GLU G 176 -16.28 18.72 9.18
C GLU G 176 -16.66 18.36 7.74
N GLY G 177 -17.82 18.88 7.30
CA GLY G 177 -18.30 18.63 5.94
C GLY G 177 -19.39 17.59 5.93
N PHE G 178 -19.67 17.00 7.11
CA PHE G 178 -20.58 15.86 7.21
C PHE G 178 -21.55 15.92 8.41
N PRO G 179 -22.45 16.88 8.38
CA PRO G 179 -23.36 17.10 9.49
C PRO G 179 -24.32 15.90 9.74
N GLU G 180 -24.75 15.19 8.68
CA GLU G 180 -25.64 14.04 8.85
C GLU G 180 -24.95 12.93 9.62
N VAL G 181 -23.70 12.68 9.23
CA VAL G 181 -22.87 11.65 9.89
C VAL G 181 -22.59 12.02 11.34
N LYS G 182 -22.33 13.30 11.60
CA LYS G 182 -22.20 13.78 12.97
C LYS G 182 -23.44 13.55 13.81
N ALA G 183 -24.62 13.79 13.22
CA ALA G 183 -25.88 13.62 13.98
C ALA G 183 -26.15 12.15 14.20
N HIS G 184 -25.72 11.33 13.24
CA HIS G 184 -25.86 9.87 13.34
C HIS G 184 -25.01 9.37 14.50
N MET G 185 -23.76 9.85 14.59
CA MET G 185 -22.87 9.44 15.69
C MET G 185 -23.51 9.74 17.04
N GLU G 186 -24.06 10.95 17.19
CA GLU G 186 -24.72 11.41 18.43
C GLU G 186 -25.93 10.52 18.80
N ARG G 187 -26.79 10.24 17.83
CA ARG G 187 -27.99 9.46 18.02
C ARG G 187 -27.62 8.09 18.49
N ILE G 188 -26.67 7.51 17.79
CA ILE G 188 -26.26 6.14 18.10
C ILE G 188 -25.61 6.04 19.49
N GLN G 189 -24.63 6.91 19.75
CA GLN G 189 -23.86 6.81 20.97
C GLN G 189 -24.61 7.35 22.19
N GLN G 190 -25.74 8.00 21.97
CA GLN G 190 -26.65 8.33 23.07
C GLN G 190 -27.76 7.33 23.27
N THR G 191 -27.83 6.28 22.44
CA THR G 191 -28.82 5.24 22.68
C THR G 191 -28.60 4.69 24.08
N PRO G 192 -29.60 4.69 24.96
CA PRO G 192 -29.28 4.48 26.39
C PRO G 192 -28.31 3.37 26.70
N ARG G 193 -28.54 2.19 26.10
CA ARG G 193 -27.68 1.02 26.38
C ARG G 193 -26.25 1.14 25.87
N ILE G 194 -26.10 1.83 24.74
CA ILE G 194 -24.76 2.13 24.21
C ILE G 194 -24.10 3.20 25.07
N LYS G 195 -24.84 4.25 25.45
CA LYS G 195 -24.27 5.29 26.35
C LYS G 195 -23.72 4.70 27.66
N LYS G 196 -24.49 3.75 28.23
CA LYS G 196 -24.09 3.14 29.47
C LYS G 196 -22.83 2.34 29.27
N TRP G 197 -22.81 1.60 28.17
CA TRP G 197 -21.63 0.83 27.84
C TRP G 197 -20.38 1.71 27.71
N ILE G 198 -20.48 2.78 26.93
CA ILE G 198 -19.35 3.71 26.71
C ILE G 198 -18.86 4.27 28.04
N GLU G 199 -19.81 4.59 28.91
CA GLU G 199 -19.50 5.03 30.26
C GLU G 199 -18.75 4.01 31.10
N THR G 200 -19.13 2.73 30.97
CA THR G 200 -18.60 1.72 31.87
C THR G 200 -17.48 0.87 31.34
N ARG G 201 -17.28 0.85 30.03
CA ARG G 201 -16.27 0.01 29.40
C ARG G 201 -14.85 0.38 29.82
N PRO G 202 -13.88 -0.54 29.74
CA PRO G 202 -12.49 -0.16 30.04
C PRO G 202 -11.94 0.93 29.10
N GLU G 203 -11.22 1.89 29.66
CA GLU G 203 -10.55 2.90 28.86
C GLU G 203 -9.27 2.30 28.31
N THR G 204 -9.14 2.29 26.99
CA THR G 204 -7.97 1.72 26.33
C THR G 204 -7.60 2.69 25.24
N PRO G 205 -6.34 2.66 24.78
CA PRO G 205 -5.91 3.58 23.74
C PRO G 205 -6.30 3.15 22.32
N PHE G 206 -6.87 1.95 22.17
CA PHE G 206 -7.42 1.54 20.89
C PHE G 206 -8.66 0.71 21.18
N MET H 1 -42.23 -10.96 -13.14
CA MET H 1 -41.34 -11.89 -12.44
C MET H 1 -40.27 -11.05 -11.82
N VAL H 2 -39.72 -11.56 -10.74
CA VAL H 2 -38.57 -10.93 -10.10
C VAL H 2 -37.49 -10.68 -11.14
N HIS H 3 -36.91 -9.51 -11.11
CA HIS H 3 -35.94 -9.11 -12.12
C HIS H 3 -34.60 -8.85 -11.47
N TYR H 4 -33.60 -9.63 -11.86
CA TYR H 4 -32.23 -9.53 -11.35
C TYR H 4 -31.34 -8.97 -12.47
N LYS H 5 -30.56 -7.94 -12.18
CA LYS H 5 -29.55 -7.43 -13.12
C LYS H 5 -28.19 -7.36 -12.40
N LEU H 6 -27.16 -8.03 -12.92
CA LEU H 6 -25.82 -7.91 -12.31
C LEU H 6 -24.98 -7.09 -13.23
N THR H 7 -24.34 -6.06 -12.71
CA THR H 7 -23.48 -5.22 -13.47
C THR H 7 -22.06 -5.39 -12.96
N TYR H 8 -21.17 -5.71 -13.90
CA TYR H 8 -19.77 -5.80 -13.55
C TYR H 8 -18.96 -5.59 -14.83
N PHE H 9 -17.66 -5.88 -14.77
CA PHE H 9 -16.79 -5.87 -15.95
C PHE H 9 -16.93 -7.11 -16.81
N ASN H 10 -16.27 -7.14 -17.97
CA ASN H 10 -16.17 -8.35 -18.76
C ASN H 10 -15.01 -9.18 -18.22
N GLY H 11 -15.27 -9.84 -17.10
CA GLY H 11 -14.35 -10.78 -16.48
C GLY H 11 -15.08 -11.46 -15.35
N ARG H 12 -14.48 -12.52 -14.83
CA ARG H 12 -15.02 -13.24 -13.70
C ARG H 12 -14.87 -12.33 -12.50
N GLY H 13 -13.64 -12.16 -12.03
CA GLY H 13 -13.37 -11.13 -11.02
C GLY H 13 -14.23 -11.26 -9.79
N ALA H 14 -14.65 -10.10 -9.29
CA ALA H 14 -15.54 -9.98 -8.13
C ALA H 14 -17.04 -10.22 -8.41
N GLY H 15 -17.42 -10.36 -9.69
CA GLY H 15 -18.81 -10.63 -10.12
C GLY H 15 -19.14 -12.14 -10.22
N GLU H 16 -18.13 -12.94 -10.32
CA GLU H 16 -18.31 -14.36 -10.64
C GLU H 16 -19.00 -15.19 -9.59
N CYS H 17 -18.75 -14.93 -8.32
CA CYS H 17 -19.38 -15.75 -7.29
C CYS H 17 -20.89 -15.55 -7.43
N ALA H 18 -21.31 -14.31 -7.55
CA ALA H 18 -22.75 -14.08 -7.78
C ALA H 18 -23.32 -14.77 -9.00
N ARG H 19 -22.56 -14.77 -10.11
CA ARG H 19 -23.02 -15.41 -11.31
C ARG H 19 -23.19 -16.92 -11.09
N GLN H 20 -22.26 -17.50 -10.33
CA GLN H 20 -22.32 -18.92 -9.97
C GLN H 20 -23.50 -19.30 -9.06
N VAL H 21 -23.85 -18.41 -8.15
CA VAL H 21 -25.06 -18.59 -7.33
C VAL H 21 -26.32 -18.58 -8.19
N PHE H 22 -26.42 -17.65 -9.14
CA PHE H 22 -27.57 -17.72 -10.09
C PHE H 22 -27.59 -19.00 -10.89
N ALA H 23 -26.41 -19.43 -11.33
CA ALA H 23 -26.31 -20.67 -12.06
C ALA H 23 -26.86 -21.81 -11.20
N LEU H 24 -26.41 -21.90 -9.93
CA LEU H 24 -26.78 -23.03 -9.07
C LEU H 24 -28.27 -23.09 -8.87
N ALA H 25 -28.87 -21.91 -8.74
CA ALA H 25 -30.29 -21.77 -8.53
C ALA H 25 -31.09 -21.90 -9.81
N ASP H 26 -30.41 -21.98 -10.97
CA ASP H 26 -31.04 -21.86 -12.30
C ASP H 26 -32.00 -20.65 -12.35
N GLN H 27 -31.49 -19.52 -11.91
CA GLN H 27 -32.23 -18.30 -11.91
C GLN H 27 -31.73 -17.43 -13.06
N LYS H 28 -32.67 -16.98 -13.87
CA LYS H 28 -32.42 -15.99 -14.92
C LYS H 28 -32.08 -14.60 -14.39
N TYR H 29 -31.10 -13.99 -15.02
CA TYR H 29 -30.69 -12.65 -14.65
C TYR H 29 -30.06 -11.98 -15.89
N GLU H 30 -29.95 -10.67 -15.79
CA GLU H 30 -29.24 -9.89 -16.82
C GLU H 30 -27.77 -9.77 -16.39
N ASP H 31 -26.89 -10.36 -17.19
CA ASP H 31 -25.45 -10.34 -16.91
C ASP H 31 -24.83 -9.20 -17.72
N VAL H 32 -24.81 -8.02 -17.11
CA VAL H 32 -24.29 -6.83 -17.76
C VAL H 32 -22.80 -6.66 -17.58
N ARG H 33 -22.08 -6.56 -18.68
CA ARG H 33 -20.62 -6.51 -18.63
C ARG H 33 -20.08 -5.21 -19.23
N LEU H 34 -19.55 -4.32 -18.38
CA LEU H 34 -19.04 -3.03 -18.84
C LEU H 34 -17.56 -3.06 -19.21
N THR H 35 -17.17 -2.23 -20.19
CA THR H 35 -15.78 -2.00 -20.47
C THR H 35 -15.39 -0.94 -19.47
N GLN H 36 -14.09 -0.73 -19.30
CA GLN H 36 -13.63 0.31 -18.40
C GLN H 36 -14.06 1.69 -18.86
N GLU H 37 -14.11 1.90 -20.19
CA GLU H 37 -14.55 3.19 -20.74
C GLU H 37 -16.01 3.48 -20.47
N THR H 38 -16.87 2.48 -20.56
CA THR H 38 -18.25 2.81 -20.31
C THR H 38 -18.50 2.85 -18.81
N PHE H 39 -17.70 2.14 -18.00
CA PHE H 39 -17.81 2.23 -16.53
C PHE H 39 -17.46 3.61 -15.93
N VAL H 40 -16.32 4.19 -16.33
CA VAL H 40 -15.84 5.44 -15.68
C VAL H 40 -16.93 6.55 -15.59
N PRO H 41 -17.60 6.88 -16.69
CA PRO H 41 -18.66 7.91 -16.66
C PRO H 41 -19.84 7.58 -15.78
N LEU H 42 -20.01 6.28 -15.51
CA LEU H 42 -21.08 5.73 -14.70
C LEU H 42 -20.78 5.58 -13.22
N LYS H 43 -19.54 5.86 -12.77
CA LYS H 43 -19.16 5.51 -11.40
C LYS H 43 -20.07 6.11 -10.38
N ALA H 44 -20.47 7.35 -10.62
CA ALA H 44 -21.34 8.04 -9.68
C ALA H 44 -22.71 7.40 -9.52
N THR H 45 -23.07 6.46 -10.41
CA THR H 45 -24.39 5.84 -10.31
C THR H 45 -24.40 4.61 -9.41
N PHE H 46 -23.23 4.17 -8.97
CA PHE H 46 -23.11 2.98 -8.08
C PHE H 46 -22.95 3.43 -6.64
N PRO H 47 -23.51 2.66 -5.72
CA PRO H 47 -23.54 3.08 -4.32
C PRO H 47 -22.22 3.51 -3.69
N PHE H 48 -21.14 2.82 -4.05
CA PHE H 48 -19.84 3.08 -3.51
C PHE H 48 -18.86 3.33 -4.65
N GLY H 49 -19.41 3.74 -5.79
CA GLY H 49 -18.60 4.18 -6.91
C GLY H 49 -17.98 2.99 -7.61
N GLN H 50 -18.45 1.78 -7.31
CA GLN H 50 -17.78 0.57 -7.79
C GLN H 50 -18.75 -0.46 -8.30
N VAL H 51 -18.18 -1.47 -8.94
CA VAL H 51 -18.88 -2.63 -9.47
C VAL H 51 -18.24 -3.90 -8.82
N PRO H 52 -19.00 -4.97 -8.47
CA PRO H 52 -20.33 -5.27 -9.01
C PRO H 52 -21.46 -4.63 -8.23
N VAL H 53 -22.60 -4.46 -8.91
CA VAL H 53 -23.79 -4.04 -8.31
C VAL H 53 -24.92 -4.92 -8.86
N LEU H 54 -25.71 -5.40 -7.93
CA LEU H 54 -26.92 -6.18 -8.24
C LEU H 54 -28.08 -5.21 -8.21
N GLU H 55 -29.01 -5.33 -9.14
CA GLU H 55 -30.29 -4.64 -9.01
C GLU H 55 -31.39 -5.69 -8.92
N VAL H 56 -32.17 -5.60 -7.84
CA VAL H 56 -33.29 -6.46 -7.60
C VAL H 56 -34.57 -5.61 -7.75
N ASP H 57 -35.31 -5.88 -8.82
CA ASP H 57 -36.45 -5.04 -9.14
C ASP H 57 -36.07 -3.53 -9.09
N GLY H 58 -34.92 -3.23 -9.66
CA GLY H 58 -34.45 -1.87 -9.79
C GLY H 58 -33.66 -1.31 -8.61
N GLN H 59 -33.57 -2.06 -7.53
CA GLN H 59 -33.01 -1.57 -6.28
C GLN H 59 -31.60 -2.05 -6.22
N GLN H 60 -30.71 -1.10 -5.97
CA GLN H 60 -29.30 -1.47 -5.95
C GLN H 60 -28.76 -2.05 -4.63
N LEU H 61 -27.86 -3.02 -4.84
CA LEU H 61 -27.07 -3.64 -3.78
C LEU H 61 -25.67 -3.83 -4.33
N ALA H 62 -24.73 -3.15 -3.64
CA ALA H 62 -23.33 -3.23 -3.96
C ALA H 62 -22.54 -4.19 -3.05
N GLN H 63 -21.32 -4.50 -3.51
CA GLN H 63 -20.28 -5.19 -2.71
C GLN H 63 -20.41 -6.70 -2.93
N SER H 64 -19.33 -7.30 -3.43
CA SER H 64 -19.37 -8.66 -3.89
C SER H 64 -19.97 -9.63 -2.86
N GLN H 65 -19.44 -9.62 -1.65
CA GLN H 65 -19.93 -10.58 -0.67
C GLN H 65 -21.34 -10.33 -0.18
N ALA H 66 -21.72 -9.07 -0.09
CA ALA H 66 -23.07 -8.70 0.31
C ALA H 66 -24.04 -9.24 -0.72
N ILE H 67 -23.68 -9.13 -2.01
CA ILE H 67 -24.49 -9.61 -3.11
C ILE H 67 -24.57 -11.12 -3.07
N CYS H 68 -23.43 -11.76 -2.90
CA CYS H 68 -23.42 -13.22 -2.87
C CYS H 68 -24.21 -13.79 -1.75
N ARG H 69 -24.09 -13.20 -0.56
CA ARG H 69 -24.78 -13.75 0.60
C ARG H 69 -26.30 -13.55 0.44
N TYR H 70 -26.66 -12.38 -0.03
CA TYR H 70 -28.06 -12.09 -0.29
C TYR H 70 -28.66 -13.16 -1.30
N LEU H 71 -28.01 -13.37 -2.42
CA LEU H 71 -28.51 -14.36 -3.39
C LEU H 71 -28.54 -15.74 -2.82
N ALA H 72 -27.47 -16.12 -2.12
CA ALA H 72 -27.37 -17.44 -1.57
C ALA H 72 -28.46 -17.69 -0.55
N LYS H 73 -28.78 -16.70 0.28
CA LYS H 73 -29.89 -16.85 1.22
C LYS H 73 -31.25 -16.99 0.52
N THR H 74 -31.45 -16.23 -0.54
CA THR H 74 -32.65 -16.29 -1.35
C THR H 74 -32.87 -17.68 -1.92
N PHE H 75 -31.80 -18.34 -2.34
CA PHE H 75 -31.89 -19.59 -3.10
C PHE H 75 -31.52 -20.86 -2.36
N GLY H 76 -30.99 -20.70 -1.15
CA GLY H 76 -30.72 -21.84 -0.28
C GLY H 76 -29.32 -22.34 -0.26
N PHE H 77 -28.35 -21.45 -0.47
CA PHE H 77 -26.94 -21.82 -0.51
C PHE H 77 -26.11 -21.08 0.52
N ALA H 78 -26.74 -20.88 1.67
CA ALA H 78 -26.14 -20.09 2.75
C ALA H 78 -26.22 -20.82 4.07
N GLY H 79 -26.19 -22.16 4.03
CA GLY H 79 -26.19 -22.99 5.22
C GLY H 79 -27.61 -23.27 5.68
N ALA H 80 -27.70 -24.25 6.57
CA ALA H 80 -28.97 -24.77 7.08
C ALA H 80 -29.44 -24.02 8.32
N THR H 81 -28.52 -23.36 9.02
CA THR H 81 -28.92 -22.71 10.24
C THR H 81 -28.20 -21.38 10.33
N PRO H 82 -28.60 -20.54 11.25
CA PRO H 82 -27.86 -19.28 11.42
C PRO H 82 -26.36 -19.41 11.78
N PHE H 83 -25.99 -20.42 12.56
CA PHE H 83 -24.59 -20.59 12.89
C PHE H 83 -23.86 -21.09 11.68
N GLU H 84 -24.48 -21.99 10.91
CA GLU H 84 -23.80 -22.40 9.65
C GLU H 84 -23.57 -21.19 8.73
N SER H 85 -24.57 -20.37 8.57
CA SER H 85 -24.41 -19.15 7.75
C SER H 85 -23.24 -18.31 8.25
N ALA H 86 -23.09 -18.20 9.56
CA ALA H 86 -22.05 -17.36 10.16
C ALA H 86 -20.68 -18.04 9.88
N LEU H 87 -20.65 -19.35 9.93
CA LEU H 87 -19.40 -20.04 9.67
C LEU H 87 -18.97 -19.80 8.19
N ILE H 88 -19.92 -19.95 7.28
CA ILE H 88 -19.75 -19.63 5.81
C ILE H 88 -19.22 -18.21 5.67
N ASP H 89 -19.85 -17.29 6.36
CA ASP H 89 -19.37 -15.88 6.41
C ASP H 89 -17.89 -15.72 6.84
N SER H 90 -17.53 -16.44 7.90
CA SER H 90 -16.19 -16.34 8.52
C SER H 90 -15.12 -16.76 7.54
N LEU H 91 -15.43 -17.78 6.77
CA LEU H 91 -14.52 -18.30 5.80
C LEU H 91 -14.30 -17.30 4.68
N ALA H 92 -15.35 -16.68 4.24
CA ALA H 92 -15.26 -15.73 3.17
C ALA H 92 -14.54 -14.48 3.68
N ASP H 93 -14.61 -14.21 4.98
CA ASP H 93 -13.93 -13.04 5.55
C ASP H 93 -12.46 -13.39 5.60
N ALA H 94 -12.18 -14.65 5.92
CA ALA H 94 -10.80 -15.12 5.96
C ALA H 94 -10.17 -15.02 4.57
N TYR H 95 -10.95 -15.34 3.54
CA TYR H 95 -10.51 -15.11 2.13
C TYR H 95 -10.15 -13.65 1.90
N THR H 96 -11.03 -12.76 2.27
CA THR H 96 -10.73 -11.35 2.13
C THR H 96 -9.43 -10.89 2.78
N ASP H 97 -9.20 -11.33 4.03
CA ASP H 97 -7.97 -11.02 4.76
C ASP H 97 -6.75 -11.53 4.03
N TYR H 98 -6.91 -12.73 3.48
CA TYR H 98 -5.84 -13.42 2.75
C TYR H 98 -5.42 -12.61 1.52
N ARG H 99 -6.43 -12.28 0.72
CA ARG H 99 -6.24 -11.46 -0.44
C ARG H 99 -5.55 -10.14 -0.08
N ALA H 100 -5.92 -9.54 1.06
CA ALA H 100 -5.52 -8.16 1.42
C ALA H 100 -4.01 -7.86 1.32
N GLU H 101 -3.22 -8.89 1.07
CA GLU H 101 -1.78 -8.75 0.83
C GLU H 101 -1.28 -10.05 0.20
N MET H 102 -1.53 -10.16 -1.10
CA MET H 102 -0.97 -11.21 -1.92
C MET H 102 -1.40 -11.01 -3.39
N ASP H 118 6.42 -12.80 -9.82
CA ASP H 118 7.41 -13.86 -9.60
C ASP H 118 8.09 -13.72 -8.23
N LYS H 119 8.70 -12.56 -7.94
CA LYS H 119 9.06 -12.19 -6.54
C LYS H 119 7.78 -11.93 -5.72
N PRO H 120 6.77 -11.27 -6.31
CA PRO H 120 5.39 -11.42 -5.83
C PRO H 120 4.90 -12.88 -5.80
N LYS H 121 5.44 -13.77 -6.64
CA LYS H 121 5.06 -15.19 -6.54
C LYS H 121 5.70 -15.79 -5.28
N THR H 122 7.02 -15.82 -5.23
CA THR H 122 7.69 -16.52 -4.12
C THR H 122 7.66 -15.81 -2.77
N ASP H 123 7.66 -14.48 -2.73
CA ASP H 123 7.76 -13.77 -1.45
C ASP H 123 6.39 -13.37 -0.86
N VAL H 124 5.42 -13.05 -1.72
CA VAL H 124 4.09 -12.62 -1.23
C VAL H 124 3.00 -13.69 -1.40
N LEU H 125 2.89 -14.28 -2.60
CA LEU H 125 1.75 -15.16 -2.90
C LEU H 125 1.85 -16.50 -2.18
N LEU H 126 2.94 -17.20 -2.37
CA LEU H 126 3.01 -18.57 -1.88
C LEU H 126 3.00 -18.70 -0.32
N PRO H 127 3.71 -17.84 0.42
CA PRO H 127 3.55 -17.81 1.89
C PRO H 127 2.18 -17.32 2.39
N ALA H 128 1.52 -16.50 1.59
CA ALA H 128 0.17 -16.10 1.92
C ALA H 128 -0.79 -17.32 1.77
N ARG H 129 -0.59 -18.13 0.74
CA ARG H 129 -1.43 -19.29 0.55
C ARG H 129 -1.15 -20.46 1.47
N THR H 130 0.09 -20.67 1.91
CA THR H 130 0.35 -21.72 2.88
C THR H 130 -0.62 -21.60 4.08
N LYS H 131 -0.67 -20.39 4.64
CA LYS H 131 -1.46 -20.08 5.80
C LYS H 131 -2.94 -20.17 5.49
N PHE H 132 -3.35 -19.51 4.43
CA PHE H 132 -4.78 -19.50 4.07
C PHE H 132 -5.27 -20.92 3.76
N LEU H 133 -4.57 -21.70 2.93
CA LEU H 133 -5.12 -23.03 2.60
C LEU H 133 -4.92 -24.01 3.75
N GLY H 134 -4.03 -23.66 4.68
CA GLY H 134 -3.90 -24.34 5.95
C GLY H 134 -5.22 -24.31 6.68
N PHE H 135 -5.73 -23.09 6.84
CA PHE H 135 -6.99 -22.88 7.51
C PHE H 135 -8.14 -23.58 6.79
N ILE H 136 -8.21 -23.39 5.47
CA ILE H 136 -9.21 -24.05 4.64
C ILE H 136 -9.18 -25.53 4.84
N THR H 137 -8.00 -26.16 4.87
CA THR H 137 -7.96 -27.60 5.02
C THR H 137 -8.50 -28.12 6.38
N LYS H 138 -8.24 -27.36 7.46
CA LYS H 138 -8.76 -27.70 8.78
C LYS H 138 -10.26 -27.85 8.66
N PHE H 139 -10.94 -26.89 7.99
CA PHE H 139 -12.41 -26.93 7.90
C PHE H 139 -12.93 -28.12 7.09
N LEU H 140 -12.25 -28.47 6.00
CA LEU H 140 -12.70 -29.60 5.16
C LEU H 140 -12.50 -30.99 5.82
N LYS H 141 -11.42 -31.14 6.58
CA LYS H 141 -11.14 -32.42 7.21
C LYS H 141 -12.14 -32.71 8.34
N LYS H 142 -12.74 -31.67 8.92
CA LYS H 142 -13.68 -31.91 10.03
C LYS H 142 -15.12 -32.12 9.55
N ASN H 143 -15.34 -31.91 8.25
CA ASN H 143 -16.66 -32.04 7.64
C ASN H 143 -16.70 -33.23 6.67
N SER H 144 -17.56 -34.20 6.95
CA SER H 144 -17.59 -35.42 6.12
C SER H 144 -18.29 -35.24 4.75
N SER H 145 -19.03 -34.15 4.55
CA SER H 145 -19.79 -33.91 3.32
C SER H 145 -18.86 -33.59 2.15
N GLY H 146 -17.68 -33.06 2.45
CA GLY H 146 -16.79 -32.54 1.39
C GLY H 146 -17.02 -31.05 1.05
N PHE H 147 -17.94 -30.38 1.77
CA PHE H 147 -18.18 -28.91 1.68
C PHE H 147 -17.47 -28.24 2.83
N LEU H 148 -17.36 -26.92 2.77
CA LEU H 148 -16.61 -26.22 3.74
C LEU H 148 -17.39 -26.19 5.05
N VAL H 149 -18.72 -25.96 4.94
CA VAL H 149 -19.63 -25.89 6.09
C VAL H 149 -20.92 -26.71 5.78
N GLY H 150 -21.31 -27.60 6.68
CA GLY H 150 -22.64 -28.18 6.64
C GLY H 150 -22.71 -29.29 5.65
N ASP H 151 -23.90 -29.73 5.31
CA ASP H 151 -24.10 -30.85 4.39
C ASP H 151 -24.44 -30.52 2.94
N LYS H 152 -24.41 -29.23 2.59
CA LYS H 152 -24.83 -28.79 1.29
C LYS H 152 -23.89 -27.73 0.79
N ILE H 153 -23.76 -27.66 -0.54
CA ILE H 153 -23.00 -26.68 -1.19
C ILE H 153 -23.45 -25.26 -0.76
N SER H 154 -22.48 -24.41 -0.49
CA SER H 154 -22.78 -22.98 -0.17
C SER H 154 -22.01 -22.01 -1.03
N TRP H 155 -22.32 -20.72 -0.90
CA TRP H 155 -21.61 -19.72 -1.71
C TRP H 155 -20.09 -19.61 -1.45
N VAL H 156 -19.62 -19.97 -0.26
CA VAL H 156 -18.18 -19.90 0.01
C VAL H 156 -17.47 -21.04 -0.65
N ASP H 157 -18.15 -22.14 -0.86
CA ASP H 157 -17.57 -23.23 -1.65
C ASP H 157 -17.25 -22.72 -3.06
N LEU H 158 -18.21 -22.04 -3.65
CA LEU H 158 -17.98 -21.41 -4.94
C LEU H 158 -16.85 -20.44 -4.95
N LEU H 159 -16.82 -19.55 -3.98
CA LEU H 159 -15.82 -18.51 -3.83
C LEU H 159 -14.40 -19.09 -3.81
N VAL H 160 -14.21 -20.03 -2.90
CA VAL H 160 -12.89 -20.67 -2.73
C VAL H 160 -12.44 -21.46 -3.99
N ALA H 161 -13.30 -22.37 -4.47
CA ALA H 161 -12.98 -23.21 -5.60
C ALA H 161 -12.58 -22.45 -6.86
N GLU H 162 -13.25 -21.34 -7.13
CA GLU H 162 -12.88 -20.45 -8.21
C GLU H 162 -11.50 -19.80 -8.03
N HIS H 163 -11.16 -19.36 -6.83
CA HIS H 163 -9.90 -18.66 -6.62
C HIS H 163 -8.77 -19.63 -6.76
N VAL H 164 -9.00 -20.82 -6.23
CA VAL H 164 -7.98 -21.83 -6.28
C VAL H 164 -7.75 -22.25 -7.75
N ALA H 165 -8.83 -22.45 -8.50
CA ALA H 165 -8.71 -22.84 -9.93
C ALA H 165 -7.99 -21.75 -10.70
N ASP H 166 -8.49 -20.54 -10.53
CA ASP H 166 -7.84 -19.37 -11.08
C ASP H 166 -6.33 -19.31 -10.72
N MET H 167 -5.99 -19.44 -9.44
CA MET H 167 -4.59 -19.29 -9.02
C MET H 167 -3.70 -20.44 -9.47
N THR H 168 -4.27 -21.64 -9.54
CA THR H 168 -3.51 -22.80 -10.02
C THR H 168 -3.30 -22.73 -11.53
N ASN H 169 -4.24 -22.13 -12.25
CA ASN H 169 -4.01 -21.89 -13.68
C ASN H 169 -2.90 -20.85 -13.93
N ARG H 170 -2.79 -19.82 -13.08
CA ARG H 170 -1.69 -18.86 -13.16
C ARG H 170 -0.37 -19.43 -12.62
N VAL H 171 -0.48 -20.22 -11.54
CA VAL H 171 0.67 -20.75 -10.80
C VAL H 171 0.39 -22.21 -10.43
N PRO H 172 0.63 -23.14 -11.34
CA PRO H 172 0.55 -24.57 -11.04
C PRO H 172 0.89 -24.95 -9.61
N GLU H 173 1.99 -24.44 -9.07
CA GLU H 173 2.43 -24.86 -7.72
C GLU H 173 1.58 -24.34 -6.58
N TYR H 174 0.75 -23.34 -6.87
CA TYR H 174 -0.22 -22.82 -5.90
C TYR H 174 -0.91 -23.91 -5.07
N ILE H 175 -1.27 -25.02 -5.72
CA ILE H 175 -2.01 -26.10 -5.07
C ILE H 175 -1.21 -27.21 -4.44
N GLU H 176 0.10 -27.18 -4.66
CA GLU H 176 0.92 -28.32 -4.33
C GLU H 176 0.96 -28.43 -2.81
N GLY H 177 0.63 -29.63 -2.34
CA GLY H 177 0.68 -29.96 -0.94
C GLY H 177 -0.64 -29.69 -0.27
N PHE H 178 -1.68 -29.41 -1.04
CA PHE H 178 -3.02 -29.13 -0.46
C PHE H 178 -4.03 -29.99 -1.18
N PRO H 179 -3.93 -31.30 -0.95
CA PRO H 179 -4.73 -32.27 -1.69
C PRO H 179 -6.21 -32.09 -1.45
N GLU H 180 -6.60 -31.93 -0.18
CA GLU H 180 -8.01 -31.71 0.18
C GLU H 180 -8.60 -30.45 -0.52
N VAL H 181 -7.87 -29.34 -0.50
CA VAL H 181 -8.26 -28.14 -1.23
C VAL H 181 -8.39 -28.45 -2.71
N LYS H 182 -7.48 -29.26 -3.21
CA LYS H 182 -7.50 -29.63 -4.63
C LYS H 182 -8.68 -30.56 -5.01
N ALA H 183 -8.97 -31.59 -4.19
CA ALA H 183 -10.20 -32.39 -4.36
C ALA H 183 -11.49 -31.51 -4.22
N HIS H 184 -11.47 -30.52 -3.32
CA HIS H 184 -12.65 -29.63 -3.10
C HIS H 184 -12.94 -28.82 -4.36
N MET H 185 -11.92 -28.13 -4.86
CA MET H 185 -11.99 -27.38 -6.13
C MET H 185 -12.71 -28.22 -7.17
N GLU H 186 -12.15 -29.39 -7.37
CA GLU H 186 -12.71 -30.33 -8.33
C GLU H 186 -14.18 -30.68 -8.03
N ARG H 187 -14.57 -30.83 -6.77
CA ARG H 187 -15.92 -31.26 -6.40
C ARG H 187 -16.92 -30.19 -6.77
N ILE H 188 -16.54 -28.95 -6.46
CA ILE H 188 -17.41 -27.80 -6.70
C ILE H 188 -17.50 -27.46 -8.19
N GLN H 189 -16.35 -27.44 -8.89
CA GLN H 189 -16.34 -26.95 -10.27
C GLN H 189 -16.89 -28.03 -11.22
N GLN H 190 -17.06 -29.23 -10.68
CA GLN H 190 -17.72 -30.38 -11.33
C GLN H 190 -19.23 -30.46 -11.05
N THR H 191 -19.74 -29.65 -10.13
CA THR H 191 -21.16 -29.65 -9.86
C THR H 191 -21.88 -29.24 -11.14
N PRO H 192 -22.95 -29.94 -11.53
CA PRO H 192 -23.46 -29.83 -12.89
C PRO H 192 -23.79 -28.41 -13.39
N ARG H 193 -24.55 -27.62 -12.63
CA ARG H 193 -24.88 -26.25 -13.07
C ARG H 193 -23.62 -25.39 -13.05
N ILE H 194 -22.64 -25.70 -12.20
CA ILE H 194 -21.39 -24.91 -12.18
C ILE H 194 -20.54 -25.29 -13.38
N LYS H 195 -20.36 -26.59 -13.62
CA LYS H 195 -19.65 -27.05 -14.80
C LYS H 195 -20.24 -26.45 -16.09
N LYS H 196 -21.56 -26.53 -16.27
CA LYS H 196 -22.23 -25.97 -17.46
C LYS H 196 -22.01 -24.47 -17.63
N TRP H 197 -22.15 -23.70 -16.55
CA TRP H 197 -21.75 -22.31 -16.56
C TRP H 197 -20.27 -22.08 -16.89
N ILE H 198 -19.36 -22.90 -16.36
CA ILE H 198 -17.94 -22.73 -16.63
C ILE H 198 -17.69 -22.98 -18.12
N GLU H 199 -18.39 -23.98 -18.67
CA GLU H 199 -18.32 -24.34 -20.08
C GLU H 199 -18.84 -23.20 -20.95
N THR H 200 -19.90 -22.52 -20.49
CA THR H 200 -20.55 -21.49 -21.33
C THR H 200 -20.08 -20.04 -21.10
N ARG H 201 -19.57 -19.71 -19.92
CA ARG H 201 -19.16 -18.34 -19.60
C ARG H 201 -18.12 -17.70 -20.54
N PRO H 202 -18.17 -16.38 -20.73
CA PRO H 202 -17.13 -15.69 -21.53
C PRO H 202 -15.70 -15.95 -21.03
N GLU H 203 -14.81 -16.32 -21.95
CA GLU H 203 -13.40 -16.50 -21.61
C GLU H 203 -12.72 -15.15 -21.42
N THR H 204 -12.12 -14.89 -20.25
CA THR H 204 -11.54 -13.56 -19.97
C THR H 204 -10.18 -13.66 -19.25
N PRO H 205 -9.38 -12.60 -19.25
CA PRO H 205 -8.06 -12.61 -18.56
C PRO H 205 -8.14 -12.36 -17.03
N PHE H 206 -9.32 -12.02 -16.52
CA PHE H 206 -9.54 -11.98 -15.08
C PHE H 206 -10.94 -12.49 -14.77
#